data_1GD4
# 
_entry.id   1GD4 
# 
_audit_conform.dict_name       mmcif_pdbx.dic 
_audit_conform.dict_version    5.383 
_audit_conform.dict_location   http://mmcif.pdb.org/dictionaries/ascii/mmcif_pdbx.dic 
# 
loop_
_database_2.database_id 
_database_2.database_code 
_database_2.pdbx_database_accession 
_database_2.pdbx_DOI 
PDB   1GD4         pdb_00001gd4 10.2210/pdb1gd4/pdb 
RCSB  RCSB005046   ?            ?                   
WWPDB D_1000005046 ?            ?                   
# 
loop_
_pdbx_audit_revision_history.ordinal 
_pdbx_audit_revision_history.data_content_type 
_pdbx_audit_revision_history.major_revision 
_pdbx_audit_revision_history.minor_revision 
_pdbx_audit_revision_history.revision_date 
1 'Structure model' 1 0 2001-09-08 
2 'Structure model' 1 1 2008-04-27 
3 'Structure model' 1 2 2011-07-13 
4 'Structure model' 1 3 2021-11-10 
5 'Structure model' 1 4 2023-12-27 
# 
_pdbx_audit_revision_details.ordinal             1 
_pdbx_audit_revision_details.revision_ordinal    1 
_pdbx_audit_revision_details.data_content_type   'Structure model' 
_pdbx_audit_revision_details.provider            repository 
_pdbx_audit_revision_details.type                'Initial release' 
_pdbx_audit_revision_details.description         ? 
_pdbx_audit_revision_details.details             ? 
# 
loop_
_pdbx_audit_revision_group.ordinal 
_pdbx_audit_revision_group.revision_ordinal 
_pdbx_audit_revision_group.data_content_type 
_pdbx_audit_revision_group.group 
1 2 'Structure model' 'Version format compliance' 
2 3 'Structure model' 'Version format compliance' 
3 4 'Structure model' 'Database references'       
4 4 'Structure model' 'Derived calculations'      
5 5 'Structure model' 'Data collection'           
# 
loop_
_pdbx_audit_revision_category.ordinal 
_pdbx_audit_revision_category.revision_ordinal 
_pdbx_audit_revision_category.data_content_type 
_pdbx_audit_revision_category.category 
1 4 'Structure model' database_2            
2 4 'Structure model' pdbx_struct_assembly  
3 4 'Structure model' pdbx_struct_oper_list 
4 4 'Structure model' struct_ref_seq_dif    
5 5 'Structure model' chem_comp_atom        
6 5 'Structure model' chem_comp_bond        
# 
loop_
_pdbx_audit_revision_item.ordinal 
_pdbx_audit_revision_item.revision_ordinal 
_pdbx_audit_revision_item.data_content_type 
_pdbx_audit_revision_item.item 
1 4 'Structure model' '_database_2.pdbx_DOI'                
2 4 'Structure model' '_database_2.pdbx_database_accession' 
3 4 'Structure model' '_struct_ref_seq_dif.details'         
# 
_pdbx_database_status.status_code                     REL 
_pdbx_database_status.entry_id                        1GD4 
_pdbx_database_status.recvd_initial_deposition_date   2000-09-08 
_pdbx_database_status.deposit_site                    RCSB 
_pdbx_database_status.process_site                    PDBJ 
_pdbx_database_status.status_code_mr                  REL 
_pdbx_database_status.SG_entry                        . 
_pdbx_database_status.pdb_format_compatible           Y 
_pdbx_database_status.status_code_sf                  ? 
_pdbx_database_status.status_code_cs                  ? 
_pdbx_database_status.status_code_nmr_data            ? 
_pdbx_database_status.methods_development_category    ? 
# 
loop_
_pdbx_database_related.db_name 
_pdbx_database_related.db_id 
_pdbx_database_related.details 
_pdbx_database_related.content_type 
PDB 1CYU '1CYU contains cystatin A (M65L) and 15 Structures.'               unspecified 
PDB 1CYV '1CYV contains cystatin A (M65L) and Minimized Average Structure.' unspecified 
PDB 1GD3 '1GD3 contains cystatin A (M65L).'                                 unspecified 
# 
loop_
_audit_author.name 
_audit_author.pdbx_ordinal 
'Shimba, N.'   1 
'Kariya, E.'   2 
'Tate, S.'     3 
'Kaji, H.'     4 
'Kainosho, M.' 5 
# 
_citation.id                        primary 
_citation.title                     
;Structural comparison between wild-type and P25S human cystatin A by NMR spectroscopy. Does this mutation affect the a-helix conformation ?
;
_citation.journal_abbrev            J.STRUCT.FUNCT.GENOM. 
_citation.journal_volume            1 
_citation.page_first                26 
_citation.page_last                 42 
_citation.year                      2000 
_citation.journal_id_ASTM           ? 
_citation.country                   NE 
_citation.journal_id_ISSN           1345-711X 
_citation.journal_id_CSD            ? 
_citation.book_publisher            ? 
_citation.pdbx_database_id_PubMed   12836678 
_citation.pdbx_database_id_DOI      10.1023/A:1011380315619 
# 
loop_
_citation_author.citation_id 
_citation_author.name 
_citation_author.ordinal 
_citation_author.identifier_ORCID 
primary 'Shimba, N.'   1 ? 
primary 'Kariya, E.'   2 ? 
primary 'Tate, S.'     3 ? 
primary 'Kaji, H.'     4 ? 
primary 'Kainosho, M.' 5 ? 
# 
_entity.id                         1 
_entity.type                       polymer 
_entity.src_method                 man 
_entity.pdbx_description           'CYSTATIN A' 
_entity.formula_weight             10992.390 
_entity.pdbx_number_of_molecules   1 
_entity.pdbx_ec                    ? 
_entity.pdbx_mutation              M65L,P25S 
_entity.pdbx_fragment              ? 
_entity.details                    ? 
# 
_entity_poly.entity_id                      1 
_entity_poly.type                           'polypeptide(L)' 
_entity_poly.nstd_linkage                   no 
_entity_poly.nstd_monomer                   no 
_entity_poly.pdbx_seq_one_letter_code       
;MIPGGLSEAKPATPEIQEIVDKVKSQLEEKTNETYGKLEAVQYKTQVVAGTNYYIKVRAGDNKYLHLKVFKSLPGQNEDL
VLTGYQVDKNKDDELTGF
;
_entity_poly.pdbx_seq_one_letter_code_can   
;MIPGGLSEAKPATPEIQEIVDKVKSQLEEKTNETYGKLEAVQYKTQVVAGTNYYIKVRAGDNKYLHLKVFKSLPGQNEDL
VLTGYQVDKNKDDELTGF
;
_entity_poly.pdbx_strand_id                 A 
_entity_poly.pdbx_target_identifier         ? 
# 
loop_
_entity_poly_seq.entity_id 
_entity_poly_seq.num 
_entity_poly_seq.mon_id 
_entity_poly_seq.hetero 
1 1  MET n 
1 2  ILE n 
1 3  PRO n 
1 4  GLY n 
1 5  GLY n 
1 6  LEU n 
1 7  SER n 
1 8  GLU n 
1 9  ALA n 
1 10 LYS n 
1 11 PRO n 
1 12 ALA n 
1 13 THR n 
1 14 PRO n 
1 15 GLU n 
1 16 ILE n 
1 17 GLN n 
1 18 GLU n 
1 19 ILE n 
1 20 VAL n 
1 21 ASP n 
1 22 LYS n 
1 23 VAL n 
1 24 LYS n 
1 25 SER n 
1 26 GLN n 
1 27 LEU n 
1 28 GLU n 
1 29 GLU n 
1 30 LYS n 
1 31 THR n 
1 32 ASN n 
1 33 GLU n 
1 34 THR n 
1 35 TYR n 
1 36 GLY n 
1 37 LYS n 
1 38 LEU n 
1 39 GLU n 
1 40 ALA n 
1 41 VAL n 
1 42 GLN n 
1 43 TYR n 
1 44 LYS n 
1 45 THR n 
1 46 GLN n 
1 47 VAL n 
1 48 VAL n 
1 49 ALA n 
1 50 GLY n 
1 51 THR n 
1 52 ASN n 
1 53 TYR n 
1 54 TYR n 
1 55 ILE n 
1 56 LYS n 
1 57 VAL n 
1 58 ARG n 
1 59 ALA n 
1 60 GLY n 
1 61 ASP n 
1 62 ASN n 
1 63 LYS n 
1 64 TYR n 
1 65 LEU n 
1 66 HIS n 
1 67 LEU n 
1 68 LYS n 
1 69 VAL n 
1 70 PHE n 
1 71 LYS n 
1 72 SER n 
1 73 LEU n 
1 74 PRO n 
1 75 GLY n 
1 76 GLN n 
1 77 ASN n 
1 78 GLU n 
1 79 ASP n 
1 80 LEU n 
1 81 VAL n 
1 82 LEU n 
1 83 THR n 
1 84 GLY n 
1 85 TYR n 
1 86 GLN n 
1 87 VAL n 
1 88 ASP n 
1 89 LYS n 
1 90 ASN n 
1 91 LYS n 
1 92 ASP n 
1 93 ASP n 
1 94 GLU n 
1 95 LEU n 
1 96 THR n 
1 97 GLY n 
1 98 PHE n 
# 
_entity_src_gen.entity_id                          1 
_entity_src_gen.pdbx_src_id                        1 
_entity_src_gen.pdbx_alt_source_flag               sample 
_entity_src_gen.pdbx_seq_type                      ? 
_entity_src_gen.pdbx_beg_seq_num                   ? 
_entity_src_gen.pdbx_end_seq_num                   ? 
_entity_src_gen.gene_src_common_name               human 
_entity_src_gen.gene_src_genus                     Homo 
_entity_src_gen.pdbx_gene_src_gene                 ? 
_entity_src_gen.gene_src_species                   ? 
_entity_src_gen.gene_src_strain                    ? 
_entity_src_gen.gene_src_tissue                    ? 
_entity_src_gen.gene_src_tissue_fraction           ? 
_entity_src_gen.gene_src_details                   ? 
_entity_src_gen.pdbx_gene_src_fragment             ? 
_entity_src_gen.pdbx_gene_src_scientific_name      'Homo sapiens' 
_entity_src_gen.pdbx_gene_src_ncbi_taxonomy_id     9606 
_entity_src_gen.pdbx_gene_src_variant              ? 
_entity_src_gen.pdbx_gene_src_cell_line            ? 
_entity_src_gen.pdbx_gene_src_atcc                 ? 
_entity_src_gen.pdbx_gene_src_organ                ? 
_entity_src_gen.pdbx_gene_src_organelle            ? 
_entity_src_gen.pdbx_gene_src_cell                 ? 
_entity_src_gen.pdbx_gene_src_cellular_location    ? 
_entity_src_gen.host_org_common_name               ? 
_entity_src_gen.pdbx_host_org_scientific_name      'Escherichia coli' 
_entity_src_gen.pdbx_host_org_ncbi_taxonomy_id     562 
_entity_src_gen.host_org_genus                     Escherichia 
_entity_src_gen.pdbx_host_org_gene                 ? 
_entity_src_gen.pdbx_host_org_organ                ? 
_entity_src_gen.host_org_species                   ? 
_entity_src_gen.pdbx_host_org_tissue               ? 
_entity_src_gen.pdbx_host_org_tissue_fraction      ? 
_entity_src_gen.pdbx_host_org_strain               ? 
_entity_src_gen.pdbx_host_org_variant              ? 
_entity_src_gen.pdbx_host_org_cell_line            ? 
_entity_src_gen.pdbx_host_org_atcc                 ? 
_entity_src_gen.pdbx_host_org_culture_collection   ? 
_entity_src_gen.pdbx_host_org_cell                 ? 
_entity_src_gen.pdbx_host_org_organelle            ? 
_entity_src_gen.pdbx_host_org_cellular_location    ? 
_entity_src_gen.pdbx_host_org_vector_type          ? 
_entity_src_gen.pdbx_host_org_vector               ? 
_entity_src_gen.host_org_details                   ? 
_entity_src_gen.expression_system_id               ? 
_entity_src_gen.plasmid_name                       ? 
_entity_src_gen.plasmid_details                    ? 
_entity_src_gen.pdbx_description                   ? 
# 
loop_
_chem_comp.id 
_chem_comp.type 
_chem_comp.mon_nstd_flag 
_chem_comp.name 
_chem_comp.pdbx_synonyms 
_chem_comp.formula 
_chem_comp.formula_weight 
ALA 'L-peptide linking' y ALANINE         ? 'C3 H7 N O2'     89.093  
ARG 'L-peptide linking' y ARGININE        ? 'C6 H15 N4 O2 1' 175.209 
ASN 'L-peptide linking' y ASPARAGINE      ? 'C4 H8 N2 O3'    132.118 
ASP 'L-peptide linking' y 'ASPARTIC ACID' ? 'C4 H7 N O4'     133.103 
GLN 'L-peptide linking' y GLUTAMINE       ? 'C5 H10 N2 O3'   146.144 
GLU 'L-peptide linking' y 'GLUTAMIC ACID' ? 'C5 H9 N O4'     147.129 
GLY 'peptide linking'   y GLYCINE         ? 'C2 H5 N O2'     75.067  
HIS 'L-peptide linking' y HISTIDINE       ? 'C6 H10 N3 O2 1' 156.162 
ILE 'L-peptide linking' y ISOLEUCINE      ? 'C6 H13 N O2'    131.173 
LEU 'L-peptide linking' y LEUCINE         ? 'C6 H13 N O2'    131.173 
LYS 'L-peptide linking' y LYSINE          ? 'C6 H15 N2 O2 1' 147.195 
MET 'L-peptide linking' y METHIONINE      ? 'C5 H11 N O2 S'  149.211 
PHE 'L-peptide linking' y PHENYLALANINE   ? 'C9 H11 N O2'    165.189 
PRO 'L-peptide linking' y PROLINE         ? 'C5 H9 N O2'     115.130 
SER 'L-peptide linking' y SERINE          ? 'C3 H7 N O3'     105.093 
THR 'L-peptide linking' y THREONINE       ? 'C4 H9 N O3'     119.119 
TYR 'L-peptide linking' y TYROSINE        ? 'C9 H11 N O3'    181.189 
VAL 'L-peptide linking' y VALINE          ? 'C5 H11 N O2'    117.146 
# 
loop_
_pdbx_poly_seq_scheme.asym_id 
_pdbx_poly_seq_scheme.entity_id 
_pdbx_poly_seq_scheme.seq_id 
_pdbx_poly_seq_scheme.mon_id 
_pdbx_poly_seq_scheme.ndb_seq_num 
_pdbx_poly_seq_scheme.pdb_seq_num 
_pdbx_poly_seq_scheme.auth_seq_num 
_pdbx_poly_seq_scheme.pdb_mon_id 
_pdbx_poly_seq_scheme.auth_mon_id 
_pdbx_poly_seq_scheme.pdb_strand_id 
_pdbx_poly_seq_scheme.pdb_ins_code 
_pdbx_poly_seq_scheme.hetero 
A 1 1  MET 1  1  1  MET MET A . n 
A 1 2  ILE 2  2  2  ILE ILE A . n 
A 1 3  PRO 3  3  3  PRO PRO A . n 
A 1 4  GLY 4  4  4  GLY GLY A . n 
A 1 5  GLY 5  5  5  GLY GLY A . n 
A 1 6  LEU 6  6  6  LEU LEU A . n 
A 1 7  SER 7  7  7  SER SER A . n 
A 1 8  GLU 8  8  8  GLU GLU A . n 
A 1 9  ALA 9  9  9  ALA ALA A . n 
A 1 10 LYS 10 10 10 LYS LYS A . n 
A 1 11 PRO 11 11 11 PRO PRO A . n 
A 1 12 ALA 12 12 12 ALA ALA A . n 
A 1 13 THR 13 13 13 THR THR A . n 
A 1 14 PRO 14 14 14 PRO PRO A . n 
A 1 15 GLU 15 15 15 GLU GLU A . n 
A 1 16 ILE 16 16 16 ILE ILE A . n 
A 1 17 GLN 17 17 17 GLN GLN A . n 
A 1 18 GLU 18 18 18 GLU GLU A . n 
A 1 19 ILE 19 19 19 ILE ILE A . n 
A 1 20 VAL 20 20 20 VAL VAL A . n 
A 1 21 ASP 21 21 21 ASP ASP A . n 
A 1 22 LYS 22 22 22 LYS LYS A . n 
A 1 23 VAL 23 23 23 VAL VAL A . n 
A 1 24 LYS 24 24 24 LYS LYS A . n 
A 1 25 SER 25 25 25 SER SER A . n 
A 1 26 GLN 26 26 26 GLN GLN A . n 
A 1 27 LEU 27 27 27 LEU LEU A . n 
A 1 28 GLU 28 28 28 GLU GLU A . n 
A 1 29 GLU 29 29 29 GLU GLU A . n 
A 1 30 LYS 30 30 30 LYS LYS A . n 
A 1 31 THR 31 31 31 THR THR A . n 
A 1 32 ASN 32 32 32 ASN ASN A . n 
A 1 33 GLU 33 33 33 GLU GLU A . n 
A 1 34 THR 34 34 34 THR THR A . n 
A 1 35 TYR 35 35 35 TYR TYR A . n 
A 1 36 GLY 36 36 36 GLY GLY A . n 
A 1 37 LYS 37 37 37 LYS LYS A . n 
A 1 38 LEU 38 38 38 LEU LEU A . n 
A 1 39 GLU 39 39 39 GLU GLU A . n 
A 1 40 ALA 40 40 40 ALA ALA A . n 
A 1 41 VAL 41 41 41 VAL VAL A . n 
A 1 42 GLN 42 42 42 GLN GLN A . n 
A 1 43 TYR 43 43 43 TYR TYR A . n 
A 1 44 LYS 44 44 44 LYS LYS A . n 
A 1 45 THR 45 45 45 THR THR A . n 
A 1 46 GLN 46 46 46 GLN GLN A . n 
A 1 47 VAL 47 47 47 VAL VAL A . n 
A 1 48 VAL 48 48 48 VAL VAL A . n 
A 1 49 ALA 49 49 49 ALA ALA A . n 
A 1 50 GLY 50 50 50 GLY GLY A . n 
A 1 51 THR 51 51 51 THR THR A . n 
A 1 52 ASN 52 52 52 ASN ASN A . n 
A 1 53 TYR 53 53 53 TYR TYR A . n 
A 1 54 TYR 54 54 54 TYR TYR A . n 
A 1 55 ILE 55 55 55 ILE ILE A . n 
A 1 56 LYS 56 56 56 LYS LYS A . n 
A 1 57 VAL 57 57 57 VAL VAL A . n 
A 1 58 ARG 58 58 58 ARG ARG A . n 
A 1 59 ALA 59 59 59 ALA ALA A . n 
A 1 60 GLY 60 60 60 GLY GLY A . n 
A 1 61 ASP 61 61 61 ASP ASP A . n 
A 1 62 ASN 62 62 62 ASN ASN A . n 
A 1 63 LYS 63 63 63 LYS LYS A . n 
A 1 64 TYR 64 64 64 TYR TYR A . n 
A 1 65 LEU 65 65 65 LEU LEU A . n 
A 1 66 HIS 66 66 66 HIS HIS A . n 
A 1 67 LEU 67 67 67 LEU LEU A . n 
A 1 68 LYS 68 68 68 LYS LYS A . n 
A 1 69 VAL 69 69 69 VAL VAL A . n 
A 1 70 PHE 70 70 70 PHE PHE A . n 
A 1 71 LYS 71 71 71 LYS LYS A . n 
A 1 72 SER 72 72 72 SER SER A . n 
A 1 73 LEU 73 73 73 LEU LEU A . n 
A 1 74 PRO 74 74 74 PRO PRO A . n 
A 1 75 GLY 75 75 75 GLY GLY A . n 
A 1 76 GLN 76 76 76 GLN GLN A . n 
A 1 77 ASN 77 77 77 ASN ASN A . n 
A 1 78 GLU 78 78 78 GLU GLU A . n 
A 1 79 ASP 79 79 79 ASP ASP A . n 
A 1 80 LEU 80 80 80 LEU LEU A . n 
A 1 81 VAL 81 81 81 VAL VAL A . n 
A 1 82 LEU 82 82 82 LEU LEU A . n 
A 1 83 THR 83 83 83 THR THR A . n 
A 1 84 GLY 84 84 84 GLY GLY A . n 
A 1 85 TYR 85 85 85 TYR TYR A . n 
A 1 86 GLN 86 86 86 GLN GLN A . n 
A 1 87 VAL 87 87 87 VAL VAL A . n 
A 1 88 ASP 88 88 88 ASP ASP A . n 
A 1 89 LYS 89 89 89 LYS LYS A . n 
A 1 90 ASN 90 90 90 ASN ASN A . n 
A 1 91 LYS 91 91 91 LYS LYS A . n 
A 1 92 ASP 92 92 92 ASP ASP A . n 
A 1 93 ASP 93 93 93 ASP ASP A . n 
A 1 94 GLU 94 94 94 GLU GLU A . n 
A 1 95 LEU 95 95 95 LEU LEU A . n 
A 1 96 THR 96 96 96 THR THR A . n 
A 1 97 GLY 97 97 97 GLY GLY A . n 
A 1 98 PHE 98 98 98 PHE PHE A . n 
# 
_cell.entry_id           1GD4 
_cell.length_a           ? 
_cell.length_b           ? 
_cell.length_c           ? 
_cell.angle_alpha        ? 
_cell.angle_beta         ? 
_cell.angle_gamma        ? 
_cell.Z_PDB              1 
_cell.pdbx_unique_axis   ? 
# 
_exptl.entry_id          1GD4 
_exptl.method            'SOLUTION NMR' 
_exptl.crystals_number   ? 
# 
_struct.entry_id                  1GD4 
_struct.title                     'SOLUTION STRUCTURE OF P25S CYSTATIN A' 
_struct.pdbx_model_details        ? 
_struct.pdbx_CASP_flag            ? 
_struct.pdbx_model_type_details   ? 
# 
_struct_keywords.entry_id        1GD4 
_struct_keywords.pdbx_keywords   'PROTEIN BINDING' 
_struct_keywords.text            'cystatin A, Thiol protease inhibitor, PROTEIN BINDING' 
# 
_struct_asym.id                            A 
_struct_asym.pdbx_blank_PDB_chainid_flag   N 
_struct_asym.pdbx_modified                 N 
_struct_asym.entity_id                     1 
_struct_asym.details                       ? 
# 
_struct_ref.id                         1 
_struct_ref.db_name                    UNP 
_struct_ref.db_code                    CYTA_HUMAN 
_struct_ref.entity_id                  1 
_struct_ref.pdbx_seq_one_letter_code   
;MIPGGLSEAKPATPEIQEIVDKVKPQLEEKTNETYGKLEAVQYKTQVVAGTNYYIKVRAGDNKYMHLKVFKSLPGQNEDL
VLTGYQVDKNKDDELTGF
;
_struct_ref.pdbx_align_begin           1 
_struct_ref.pdbx_db_accession          P01040 
_struct_ref.pdbx_db_isoform            ? 
# 
_struct_ref_seq.align_id                      1 
_struct_ref_seq.ref_id                        1 
_struct_ref_seq.pdbx_PDB_id_code              1GD4 
_struct_ref_seq.pdbx_strand_id                A 
_struct_ref_seq.seq_align_beg                 1 
_struct_ref_seq.pdbx_seq_align_beg_ins_code   ? 
_struct_ref_seq.seq_align_end                 98 
_struct_ref_seq.pdbx_seq_align_end_ins_code   ? 
_struct_ref_seq.pdbx_db_accession             P01040 
_struct_ref_seq.db_align_beg                  1 
_struct_ref_seq.pdbx_db_align_beg_ins_code    ? 
_struct_ref_seq.db_align_end                  98 
_struct_ref_seq.pdbx_db_align_end_ins_code    ? 
_struct_ref_seq.pdbx_auth_seq_align_beg       1 
_struct_ref_seq.pdbx_auth_seq_align_end       98 
# 
loop_
_struct_ref_seq_dif.align_id 
_struct_ref_seq_dif.pdbx_pdb_id_code 
_struct_ref_seq_dif.mon_id 
_struct_ref_seq_dif.pdbx_pdb_strand_id 
_struct_ref_seq_dif.seq_num 
_struct_ref_seq_dif.pdbx_pdb_ins_code 
_struct_ref_seq_dif.pdbx_seq_db_name 
_struct_ref_seq_dif.pdbx_seq_db_accession_code 
_struct_ref_seq_dif.db_mon_id 
_struct_ref_seq_dif.pdbx_seq_db_seq_num 
_struct_ref_seq_dif.details 
_struct_ref_seq_dif.pdbx_auth_seq_num 
_struct_ref_seq_dif.pdbx_ordinal 
1 1GD4 SER A 25 ? UNP P01040 PRO 25 'engineered mutation' 25 1 
1 1GD4 LEU A 65 ? UNP P01040 MET 65 'engineered mutation' 65 2 
# 
_pdbx_struct_assembly.id                   1 
_pdbx_struct_assembly.details              author_defined_assembly 
_pdbx_struct_assembly.method_details       ? 
_pdbx_struct_assembly.oligomeric_details   monomeric 
_pdbx_struct_assembly.oligomeric_count     1 
# 
_pdbx_struct_assembly_gen.assembly_id       1 
_pdbx_struct_assembly_gen.oper_expression   1 
_pdbx_struct_assembly_gen.asym_id_list      A 
# 
_pdbx_struct_oper_list.id                   1 
_pdbx_struct_oper_list.type                 'identity operation' 
_pdbx_struct_oper_list.name                 1_555 
_pdbx_struct_oper_list.symmetry_operation   ? 
_pdbx_struct_oper_list.matrix[1][1]         1.0000000000 
_pdbx_struct_oper_list.matrix[1][2]         0.0000000000 
_pdbx_struct_oper_list.matrix[1][3]         0.0000000000 
_pdbx_struct_oper_list.vector[1]            0.0000000000 
_pdbx_struct_oper_list.matrix[2][1]         0.0000000000 
_pdbx_struct_oper_list.matrix[2][2]         1.0000000000 
_pdbx_struct_oper_list.matrix[2][3]         0.0000000000 
_pdbx_struct_oper_list.vector[2]            0.0000000000 
_pdbx_struct_oper_list.matrix[3][1]         0.0000000000 
_pdbx_struct_oper_list.matrix[3][2]         0.0000000000 
_pdbx_struct_oper_list.matrix[3][3]         1.0000000000 
_pdbx_struct_oper_list.vector[3]            0.0000000000 
# 
_struct_biol.id   1 
# 
_struct_conf.conf_type_id            HELX_P 
_struct_conf.id                      HELX_P1 
_struct_conf.pdbx_PDB_helix_id       1 
_struct_conf.beg_label_comp_id       THR 
_struct_conf.beg_label_asym_id       A 
_struct_conf.beg_label_seq_id        13 
_struct_conf.pdbx_beg_PDB_ins_code   ? 
_struct_conf.end_label_comp_id       GLU 
_struct_conf.end_label_asym_id       A 
_struct_conf.end_label_seq_id        29 
_struct_conf.pdbx_end_PDB_ins_code   ? 
_struct_conf.beg_auth_comp_id        THR 
_struct_conf.beg_auth_asym_id        A 
_struct_conf.beg_auth_seq_id         13 
_struct_conf.end_auth_comp_id        GLU 
_struct_conf.end_auth_asym_id        A 
_struct_conf.end_auth_seq_id         29 
_struct_conf.pdbx_PDB_helix_class    1 
_struct_conf.details                 ? 
_struct_conf.pdbx_PDB_helix_length   17 
# 
_struct_conf_type.id          HELX_P 
_struct_conf_type.criteria    ? 
_struct_conf_type.reference   ? 
# 
loop_
_struct_sheet.id 
_struct_sheet.type 
_struct_sheet.number_strands 
_struct_sheet.details 
A ? 3 ? 
B ? 3 ? 
# 
loop_
_struct_sheet_order.sheet_id 
_struct_sheet_order.range_id_1 
_struct_sheet_order.range_id_2 
_struct_sheet_order.offset 
_struct_sheet_order.sense 
A 1 2 ? anti-parallel 
A 2 3 ? anti-parallel 
B 1 2 ? anti-parallel 
B 2 3 ? anti-parallel 
# 
loop_
_struct_sheet_range.sheet_id 
_struct_sheet_range.id 
_struct_sheet_range.beg_label_comp_id 
_struct_sheet_range.beg_label_asym_id 
_struct_sheet_range.beg_label_seq_id 
_struct_sheet_range.pdbx_beg_PDB_ins_code 
_struct_sheet_range.end_label_comp_id 
_struct_sheet_range.end_label_asym_id 
_struct_sheet_range.end_label_seq_id 
_struct_sheet_range.pdbx_end_PDB_ins_code 
_struct_sheet_range.beg_auth_comp_id 
_struct_sheet_range.beg_auth_asym_id 
_struct_sheet_range.beg_auth_seq_id 
_struct_sheet_range.end_auth_comp_id 
_struct_sheet_range.end_auth_asym_id 
_struct_sheet_range.end_auth_seq_id 
A 1 TYR A 64 ? LYS A 71 ? TYR A 64 LYS A 71 
A 2 THR A 51 ? ARG A 58 ? THR A 51 ARG A 58 
A 3 GLU A 39 ? TYR A 43 ? GLU A 39 TYR A 43 
B 1 TYR A 64 ? LYS A 71 ? TYR A 64 LYS A 71 
B 2 THR A 51 ? ARG A 58 ? THR A 51 ARG A 58 
B 3 GLN A 46 ? VAL A 47 ? GLN A 46 VAL A 47 
# 
loop_
_pdbx_struct_sheet_hbond.sheet_id 
_pdbx_struct_sheet_hbond.range_id_1 
_pdbx_struct_sheet_hbond.range_id_2 
_pdbx_struct_sheet_hbond.range_1_label_atom_id 
_pdbx_struct_sheet_hbond.range_1_label_comp_id 
_pdbx_struct_sheet_hbond.range_1_label_asym_id 
_pdbx_struct_sheet_hbond.range_1_label_seq_id 
_pdbx_struct_sheet_hbond.range_1_PDB_ins_code 
_pdbx_struct_sheet_hbond.range_1_auth_atom_id 
_pdbx_struct_sheet_hbond.range_1_auth_comp_id 
_pdbx_struct_sheet_hbond.range_1_auth_asym_id 
_pdbx_struct_sheet_hbond.range_1_auth_seq_id 
_pdbx_struct_sheet_hbond.range_2_label_atom_id 
_pdbx_struct_sheet_hbond.range_2_label_comp_id 
_pdbx_struct_sheet_hbond.range_2_label_asym_id 
_pdbx_struct_sheet_hbond.range_2_label_seq_id 
_pdbx_struct_sheet_hbond.range_2_PDB_ins_code 
_pdbx_struct_sheet_hbond.range_2_auth_atom_id 
_pdbx_struct_sheet_hbond.range_2_auth_comp_id 
_pdbx_struct_sheet_hbond.range_2_auth_asym_id 
_pdbx_struct_sheet_hbond.range_2_auth_seq_id 
A 1 2 N LYS A 71 ? N LYS A 71 O THR A 51 ? O THR A 51 
A 2 3 N ARG A 58 ? N ARG A 58 O GLU A 39 ? O GLU A 39 
B 1 2 N LYS A 71 ? N LYS A 71 O THR A 51 ? O THR A 51 
B 2 3 O ASN A 52 ? O ASN A 52 N GLN A 46 ? N GLN A 46 
# 
_pdbx_validate_close_contact.id               1 
_pdbx_validate_close_contact.PDB_model_num    1 
_pdbx_validate_close_contact.auth_atom_id_1   O 
_pdbx_validate_close_contact.auth_asym_id_1   A 
_pdbx_validate_close_contact.auth_comp_id_1   VAL 
_pdbx_validate_close_contact.auth_seq_id_1    23 
_pdbx_validate_close_contact.PDB_ins_code_1   ? 
_pdbx_validate_close_contact.label_alt_id_1   ? 
_pdbx_validate_close_contact.auth_atom_id_2   H 
_pdbx_validate_close_contact.auth_asym_id_2   A 
_pdbx_validate_close_contact.auth_comp_id_2   LEU 
_pdbx_validate_close_contact.auth_seq_id_2    27 
_pdbx_validate_close_contact.PDB_ins_code_2   ? 
_pdbx_validate_close_contact.label_alt_id_2   ? 
_pdbx_validate_close_contact.dist             1.51 
# 
loop_
_pdbx_validate_torsion.id 
_pdbx_validate_torsion.PDB_model_num 
_pdbx_validate_torsion.auth_comp_id 
_pdbx_validate_torsion.auth_asym_id 
_pdbx_validate_torsion.auth_seq_id 
_pdbx_validate_torsion.PDB_ins_code 
_pdbx_validate_torsion.label_alt_id 
_pdbx_validate_torsion.phi 
_pdbx_validate_torsion.psi 
1  1 PRO A 3  ? ? -73.43  -166.00 
2  1 GLU A 8  ? ? -134.93 -139.87 
3  1 ALA A 9  ? ? 166.28  66.86   
4  1 THR A 13 ? ? -125.09 -149.04 
5  1 GLU A 33 ? ? -78.21  -143.81 
6  1 THR A 34 ? ? -170.65 -47.36  
7  1 TYR A 35 ? ? 45.04   -171.26 
8  1 VAL A 48 ? ? -141.75 -123.35 
9  1 ASP A 61 ? ? -152.69 21.52   
10 1 ASN A 62 ? ? -172.43 33.27   
11 1 SER A 72 ? ? -104.74 -119.52 
12 1 LEU A 73 ? ? 145.88  -49.98  
13 1 GLN A 76 ? ? -28.51  -43.53  
14 1 ASN A 77 ? ? -29.23  -45.61  
15 1 GLU A 78 ? ? -69.62  -73.99  
16 1 ASP A 79 ? ? 54.73   134.50  
17 1 LEU A 80 ? ? 30.18   48.46   
18 1 LEU A 82 ? ? -60.76  91.30   
19 1 TYR A 85 ? ? 169.55  177.80  
20 1 ASP A 88 ? ? 39.98   69.04   
21 1 ASN A 90 ? ? -144.95 27.93   
22 1 LYS A 91 ? ? -147.05 -34.38  
23 1 ASP A 93 ? ? -106.15 51.09   
24 1 LEU A 95 ? ? 51.11   -116.89 
# 
_pdbx_validate_planes.id              1 
_pdbx_validate_planes.PDB_model_num   1 
_pdbx_validate_planes.auth_comp_id    ARG 
_pdbx_validate_planes.auth_asym_id    A 
_pdbx_validate_planes.auth_seq_id     58 
_pdbx_validate_planes.PDB_ins_code    ? 
_pdbx_validate_planes.label_alt_id    ? 
_pdbx_validate_planes.rmsd            0.198 
_pdbx_validate_planes.type            'SIDE CHAIN' 
# 
_pdbx_nmr_ensemble.entry_id                             1GD4 
_pdbx_nmr_ensemble.conformers_calculated_total_number   ? 
_pdbx_nmr_ensemble.conformers_submitted_total_number    1 
_pdbx_nmr_ensemble.conformer_selection_criteria         ? 
# 
loop_
_pdbx_nmr_sample_details.solution_id 
_pdbx_nmr_sample_details.contents 
_pdbx_nmr_sample_details.solvent_system 
1 '1.4mM P25S cystatin A U-15N,13C; 10mM Acetate buffer ; 95% H2O, 5% D2O' '95% H2O/5% D2O' 
2 '1.4mM P25S cystatin A U-15N; 10mM Acetate buffer ; 90% H2O 10% D2O'     '95% H2O/5% D2O' 
3 '1.4mM P25S cystatin A; 10mM Acetate buffer ; 98% D2O'                   '98% D2O'        
# 
_pdbx_nmr_exptl_sample_conditions.conditions_id       1 
_pdbx_nmr_exptl_sample_conditions.temperature         310 
_pdbx_nmr_exptl_sample_conditions.pressure            ambient 
_pdbx_nmr_exptl_sample_conditions.pH                  4.0 
_pdbx_nmr_exptl_sample_conditions.ionic_strength      0 
_pdbx_nmr_exptl_sample_conditions.pressure_units      ? 
_pdbx_nmr_exptl_sample_conditions.temperature_units   K 
# 
loop_
_pdbx_nmr_exptl.experiment_id 
_pdbx_nmr_exptl.solution_id 
_pdbx_nmr_exptl.conditions_id 
_pdbx_nmr_exptl.type 
1 1 1 3D_13C-separated_NOESY 
2 2 1 3D_15N-separated_NOESY 
3 3 1 '2D NOESY'             
# 
_pdbx_nmr_refine.entry_id           1GD4 
_pdbx_nmr_refine.method             'distance geometry, simulated annealing' 
_pdbx_nmr_refine.details            ? 
_pdbx_nmr_refine.software_ordinal   1 
# 
loop_
_pdbx_nmr_software.name 
_pdbx_nmr_software.version 
_pdbx_nmr_software.classification 
_pdbx_nmr_software.authors 
_pdbx_nmr_software.ordinal 
X-PLOR 3.85 'structure solution' ? 1 
X-PLOR 3.85 refinement           ? 2 
# 
loop_
_chem_comp_atom.comp_id 
_chem_comp_atom.atom_id 
_chem_comp_atom.type_symbol 
_chem_comp_atom.pdbx_aromatic_flag 
_chem_comp_atom.pdbx_stereo_config 
_chem_comp_atom.pdbx_ordinal 
ALA N    N N N 1   
ALA CA   C N S 2   
ALA C    C N N 3   
ALA O    O N N 4   
ALA CB   C N N 5   
ALA OXT  O N N 6   
ALA H    H N N 7   
ALA H2   H N N 8   
ALA HA   H N N 9   
ALA HB1  H N N 10  
ALA HB2  H N N 11  
ALA HB3  H N N 12  
ALA HXT  H N N 13  
ARG N    N N N 14  
ARG CA   C N S 15  
ARG C    C N N 16  
ARG O    O N N 17  
ARG CB   C N N 18  
ARG CG   C N N 19  
ARG CD   C N N 20  
ARG NE   N N N 21  
ARG CZ   C N N 22  
ARG NH1  N N N 23  
ARG NH2  N N N 24  
ARG OXT  O N N 25  
ARG H    H N N 26  
ARG H2   H N N 27  
ARG HA   H N N 28  
ARG HB2  H N N 29  
ARG HB3  H N N 30  
ARG HG2  H N N 31  
ARG HG3  H N N 32  
ARG HD2  H N N 33  
ARG HD3  H N N 34  
ARG HE   H N N 35  
ARG HH11 H N N 36  
ARG HH12 H N N 37  
ARG HH21 H N N 38  
ARG HH22 H N N 39  
ARG HXT  H N N 40  
ASN N    N N N 41  
ASN CA   C N S 42  
ASN C    C N N 43  
ASN O    O N N 44  
ASN CB   C N N 45  
ASN CG   C N N 46  
ASN OD1  O N N 47  
ASN ND2  N N N 48  
ASN OXT  O N N 49  
ASN H    H N N 50  
ASN H2   H N N 51  
ASN HA   H N N 52  
ASN HB2  H N N 53  
ASN HB3  H N N 54  
ASN HD21 H N N 55  
ASN HD22 H N N 56  
ASN HXT  H N N 57  
ASP N    N N N 58  
ASP CA   C N S 59  
ASP C    C N N 60  
ASP O    O N N 61  
ASP CB   C N N 62  
ASP CG   C N N 63  
ASP OD1  O N N 64  
ASP OD2  O N N 65  
ASP OXT  O N N 66  
ASP H    H N N 67  
ASP H2   H N N 68  
ASP HA   H N N 69  
ASP HB2  H N N 70  
ASP HB3  H N N 71  
ASP HD2  H N N 72  
ASP HXT  H N N 73  
GLN N    N N N 74  
GLN CA   C N S 75  
GLN C    C N N 76  
GLN O    O N N 77  
GLN CB   C N N 78  
GLN CG   C N N 79  
GLN CD   C N N 80  
GLN OE1  O N N 81  
GLN NE2  N N N 82  
GLN OXT  O N N 83  
GLN H    H N N 84  
GLN H2   H N N 85  
GLN HA   H N N 86  
GLN HB2  H N N 87  
GLN HB3  H N N 88  
GLN HG2  H N N 89  
GLN HG3  H N N 90  
GLN HE21 H N N 91  
GLN HE22 H N N 92  
GLN HXT  H N N 93  
GLU N    N N N 94  
GLU CA   C N S 95  
GLU C    C N N 96  
GLU O    O N N 97  
GLU CB   C N N 98  
GLU CG   C N N 99  
GLU CD   C N N 100 
GLU OE1  O N N 101 
GLU OE2  O N N 102 
GLU OXT  O N N 103 
GLU H    H N N 104 
GLU H2   H N N 105 
GLU HA   H N N 106 
GLU HB2  H N N 107 
GLU HB3  H N N 108 
GLU HG2  H N N 109 
GLU HG3  H N N 110 
GLU HE2  H N N 111 
GLU HXT  H N N 112 
GLY N    N N N 113 
GLY CA   C N N 114 
GLY C    C N N 115 
GLY O    O N N 116 
GLY OXT  O N N 117 
GLY H    H N N 118 
GLY H2   H N N 119 
GLY HA2  H N N 120 
GLY HA3  H N N 121 
GLY HXT  H N N 122 
HIS N    N N N 123 
HIS CA   C N S 124 
HIS C    C N N 125 
HIS O    O N N 126 
HIS CB   C N N 127 
HIS CG   C Y N 128 
HIS ND1  N Y N 129 
HIS CD2  C Y N 130 
HIS CE1  C Y N 131 
HIS NE2  N Y N 132 
HIS OXT  O N N 133 
HIS H    H N N 134 
HIS H2   H N N 135 
HIS HA   H N N 136 
HIS HB2  H N N 137 
HIS HB3  H N N 138 
HIS HD1  H N N 139 
HIS HD2  H N N 140 
HIS HE1  H N N 141 
HIS HE2  H N N 142 
HIS HXT  H N N 143 
ILE N    N N N 144 
ILE CA   C N S 145 
ILE C    C N N 146 
ILE O    O N N 147 
ILE CB   C N S 148 
ILE CG1  C N N 149 
ILE CG2  C N N 150 
ILE CD1  C N N 151 
ILE OXT  O N N 152 
ILE H    H N N 153 
ILE H2   H N N 154 
ILE HA   H N N 155 
ILE HB   H N N 156 
ILE HG12 H N N 157 
ILE HG13 H N N 158 
ILE HG21 H N N 159 
ILE HG22 H N N 160 
ILE HG23 H N N 161 
ILE HD11 H N N 162 
ILE HD12 H N N 163 
ILE HD13 H N N 164 
ILE HXT  H N N 165 
LEU N    N N N 166 
LEU CA   C N S 167 
LEU C    C N N 168 
LEU O    O N N 169 
LEU CB   C N N 170 
LEU CG   C N N 171 
LEU CD1  C N N 172 
LEU CD2  C N N 173 
LEU OXT  O N N 174 
LEU H    H N N 175 
LEU H2   H N N 176 
LEU HA   H N N 177 
LEU HB2  H N N 178 
LEU HB3  H N N 179 
LEU HG   H N N 180 
LEU HD11 H N N 181 
LEU HD12 H N N 182 
LEU HD13 H N N 183 
LEU HD21 H N N 184 
LEU HD22 H N N 185 
LEU HD23 H N N 186 
LEU HXT  H N N 187 
LYS N    N N N 188 
LYS CA   C N S 189 
LYS C    C N N 190 
LYS O    O N N 191 
LYS CB   C N N 192 
LYS CG   C N N 193 
LYS CD   C N N 194 
LYS CE   C N N 195 
LYS NZ   N N N 196 
LYS OXT  O N N 197 
LYS H    H N N 198 
LYS H2   H N N 199 
LYS HA   H N N 200 
LYS HB2  H N N 201 
LYS HB3  H N N 202 
LYS HG2  H N N 203 
LYS HG3  H N N 204 
LYS HD2  H N N 205 
LYS HD3  H N N 206 
LYS HE2  H N N 207 
LYS HE3  H N N 208 
LYS HZ1  H N N 209 
LYS HZ2  H N N 210 
LYS HZ3  H N N 211 
LYS HXT  H N N 212 
MET N    N N N 213 
MET CA   C N S 214 
MET C    C N N 215 
MET O    O N N 216 
MET CB   C N N 217 
MET CG   C N N 218 
MET SD   S N N 219 
MET CE   C N N 220 
MET OXT  O N N 221 
MET H    H N N 222 
MET H2   H N N 223 
MET HA   H N N 224 
MET HB2  H N N 225 
MET HB3  H N N 226 
MET HG2  H N N 227 
MET HG3  H N N 228 
MET HE1  H N N 229 
MET HE2  H N N 230 
MET HE3  H N N 231 
MET HXT  H N N 232 
PHE N    N N N 233 
PHE CA   C N S 234 
PHE C    C N N 235 
PHE O    O N N 236 
PHE CB   C N N 237 
PHE CG   C Y N 238 
PHE CD1  C Y N 239 
PHE CD2  C Y N 240 
PHE CE1  C Y N 241 
PHE CE2  C Y N 242 
PHE CZ   C Y N 243 
PHE OXT  O N N 244 
PHE H    H N N 245 
PHE H2   H N N 246 
PHE HA   H N N 247 
PHE HB2  H N N 248 
PHE HB3  H N N 249 
PHE HD1  H N N 250 
PHE HD2  H N N 251 
PHE HE1  H N N 252 
PHE HE2  H N N 253 
PHE HZ   H N N 254 
PHE HXT  H N N 255 
PRO N    N N N 256 
PRO CA   C N S 257 
PRO C    C N N 258 
PRO O    O N N 259 
PRO CB   C N N 260 
PRO CG   C N N 261 
PRO CD   C N N 262 
PRO OXT  O N N 263 
PRO H    H N N 264 
PRO HA   H N N 265 
PRO HB2  H N N 266 
PRO HB3  H N N 267 
PRO HG2  H N N 268 
PRO HG3  H N N 269 
PRO HD2  H N N 270 
PRO HD3  H N N 271 
PRO HXT  H N N 272 
SER N    N N N 273 
SER CA   C N S 274 
SER C    C N N 275 
SER O    O N N 276 
SER CB   C N N 277 
SER OG   O N N 278 
SER OXT  O N N 279 
SER H    H N N 280 
SER H2   H N N 281 
SER HA   H N N 282 
SER HB2  H N N 283 
SER HB3  H N N 284 
SER HG   H N N 285 
SER HXT  H N N 286 
THR N    N N N 287 
THR CA   C N S 288 
THR C    C N N 289 
THR O    O N N 290 
THR CB   C N R 291 
THR OG1  O N N 292 
THR CG2  C N N 293 
THR OXT  O N N 294 
THR H    H N N 295 
THR H2   H N N 296 
THR HA   H N N 297 
THR HB   H N N 298 
THR HG1  H N N 299 
THR HG21 H N N 300 
THR HG22 H N N 301 
THR HG23 H N N 302 
THR HXT  H N N 303 
TYR N    N N N 304 
TYR CA   C N S 305 
TYR C    C N N 306 
TYR O    O N N 307 
TYR CB   C N N 308 
TYR CG   C Y N 309 
TYR CD1  C Y N 310 
TYR CD2  C Y N 311 
TYR CE1  C Y N 312 
TYR CE2  C Y N 313 
TYR CZ   C Y N 314 
TYR OH   O N N 315 
TYR OXT  O N N 316 
TYR H    H N N 317 
TYR H2   H N N 318 
TYR HA   H N N 319 
TYR HB2  H N N 320 
TYR HB3  H N N 321 
TYR HD1  H N N 322 
TYR HD2  H N N 323 
TYR HE1  H N N 324 
TYR HE2  H N N 325 
TYR HH   H N N 326 
TYR HXT  H N N 327 
VAL N    N N N 328 
VAL CA   C N S 329 
VAL C    C N N 330 
VAL O    O N N 331 
VAL CB   C N N 332 
VAL CG1  C N N 333 
VAL CG2  C N N 334 
VAL OXT  O N N 335 
VAL H    H N N 336 
VAL H2   H N N 337 
VAL HA   H N N 338 
VAL HB   H N N 339 
VAL HG11 H N N 340 
VAL HG12 H N N 341 
VAL HG13 H N N 342 
VAL HG21 H N N 343 
VAL HG22 H N N 344 
VAL HG23 H N N 345 
VAL HXT  H N N 346 
# 
loop_
_chem_comp_bond.comp_id 
_chem_comp_bond.atom_id_1 
_chem_comp_bond.atom_id_2 
_chem_comp_bond.value_order 
_chem_comp_bond.pdbx_aromatic_flag 
_chem_comp_bond.pdbx_stereo_config 
_chem_comp_bond.pdbx_ordinal 
ALA N   CA   sing N N 1   
ALA N   H    sing N N 2   
ALA N   H2   sing N N 3   
ALA CA  C    sing N N 4   
ALA CA  CB   sing N N 5   
ALA CA  HA   sing N N 6   
ALA C   O    doub N N 7   
ALA C   OXT  sing N N 8   
ALA CB  HB1  sing N N 9   
ALA CB  HB2  sing N N 10  
ALA CB  HB3  sing N N 11  
ALA OXT HXT  sing N N 12  
ARG N   CA   sing N N 13  
ARG N   H    sing N N 14  
ARG N   H2   sing N N 15  
ARG CA  C    sing N N 16  
ARG CA  CB   sing N N 17  
ARG CA  HA   sing N N 18  
ARG C   O    doub N N 19  
ARG C   OXT  sing N N 20  
ARG CB  CG   sing N N 21  
ARG CB  HB2  sing N N 22  
ARG CB  HB3  sing N N 23  
ARG CG  CD   sing N N 24  
ARG CG  HG2  sing N N 25  
ARG CG  HG3  sing N N 26  
ARG CD  NE   sing N N 27  
ARG CD  HD2  sing N N 28  
ARG CD  HD3  sing N N 29  
ARG NE  CZ   sing N N 30  
ARG NE  HE   sing N N 31  
ARG CZ  NH1  sing N N 32  
ARG CZ  NH2  doub N N 33  
ARG NH1 HH11 sing N N 34  
ARG NH1 HH12 sing N N 35  
ARG NH2 HH21 sing N N 36  
ARG NH2 HH22 sing N N 37  
ARG OXT HXT  sing N N 38  
ASN N   CA   sing N N 39  
ASN N   H    sing N N 40  
ASN N   H2   sing N N 41  
ASN CA  C    sing N N 42  
ASN CA  CB   sing N N 43  
ASN CA  HA   sing N N 44  
ASN C   O    doub N N 45  
ASN C   OXT  sing N N 46  
ASN CB  CG   sing N N 47  
ASN CB  HB2  sing N N 48  
ASN CB  HB3  sing N N 49  
ASN CG  OD1  doub N N 50  
ASN CG  ND2  sing N N 51  
ASN ND2 HD21 sing N N 52  
ASN ND2 HD22 sing N N 53  
ASN OXT HXT  sing N N 54  
ASP N   CA   sing N N 55  
ASP N   H    sing N N 56  
ASP N   H2   sing N N 57  
ASP CA  C    sing N N 58  
ASP CA  CB   sing N N 59  
ASP CA  HA   sing N N 60  
ASP C   O    doub N N 61  
ASP C   OXT  sing N N 62  
ASP CB  CG   sing N N 63  
ASP CB  HB2  sing N N 64  
ASP CB  HB3  sing N N 65  
ASP CG  OD1  doub N N 66  
ASP CG  OD2  sing N N 67  
ASP OD2 HD2  sing N N 68  
ASP OXT HXT  sing N N 69  
GLN N   CA   sing N N 70  
GLN N   H    sing N N 71  
GLN N   H2   sing N N 72  
GLN CA  C    sing N N 73  
GLN CA  CB   sing N N 74  
GLN CA  HA   sing N N 75  
GLN C   O    doub N N 76  
GLN C   OXT  sing N N 77  
GLN CB  CG   sing N N 78  
GLN CB  HB2  sing N N 79  
GLN CB  HB3  sing N N 80  
GLN CG  CD   sing N N 81  
GLN CG  HG2  sing N N 82  
GLN CG  HG3  sing N N 83  
GLN CD  OE1  doub N N 84  
GLN CD  NE2  sing N N 85  
GLN NE2 HE21 sing N N 86  
GLN NE2 HE22 sing N N 87  
GLN OXT HXT  sing N N 88  
GLU N   CA   sing N N 89  
GLU N   H    sing N N 90  
GLU N   H2   sing N N 91  
GLU CA  C    sing N N 92  
GLU CA  CB   sing N N 93  
GLU CA  HA   sing N N 94  
GLU C   O    doub N N 95  
GLU C   OXT  sing N N 96  
GLU CB  CG   sing N N 97  
GLU CB  HB2  sing N N 98  
GLU CB  HB3  sing N N 99  
GLU CG  CD   sing N N 100 
GLU CG  HG2  sing N N 101 
GLU CG  HG3  sing N N 102 
GLU CD  OE1  doub N N 103 
GLU CD  OE2  sing N N 104 
GLU OE2 HE2  sing N N 105 
GLU OXT HXT  sing N N 106 
GLY N   CA   sing N N 107 
GLY N   H    sing N N 108 
GLY N   H2   sing N N 109 
GLY CA  C    sing N N 110 
GLY CA  HA2  sing N N 111 
GLY CA  HA3  sing N N 112 
GLY C   O    doub N N 113 
GLY C   OXT  sing N N 114 
GLY OXT HXT  sing N N 115 
HIS N   CA   sing N N 116 
HIS N   H    sing N N 117 
HIS N   H2   sing N N 118 
HIS CA  C    sing N N 119 
HIS CA  CB   sing N N 120 
HIS CA  HA   sing N N 121 
HIS C   O    doub N N 122 
HIS C   OXT  sing N N 123 
HIS CB  CG   sing N N 124 
HIS CB  HB2  sing N N 125 
HIS CB  HB3  sing N N 126 
HIS CG  ND1  sing Y N 127 
HIS CG  CD2  doub Y N 128 
HIS ND1 CE1  doub Y N 129 
HIS ND1 HD1  sing N N 130 
HIS CD2 NE2  sing Y N 131 
HIS CD2 HD2  sing N N 132 
HIS CE1 NE2  sing Y N 133 
HIS CE1 HE1  sing N N 134 
HIS NE2 HE2  sing N N 135 
HIS OXT HXT  sing N N 136 
ILE N   CA   sing N N 137 
ILE N   H    sing N N 138 
ILE N   H2   sing N N 139 
ILE CA  C    sing N N 140 
ILE CA  CB   sing N N 141 
ILE CA  HA   sing N N 142 
ILE C   O    doub N N 143 
ILE C   OXT  sing N N 144 
ILE CB  CG1  sing N N 145 
ILE CB  CG2  sing N N 146 
ILE CB  HB   sing N N 147 
ILE CG1 CD1  sing N N 148 
ILE CG1 HG12 sing N N 149 
ILE CG1 HG13 sing N N 150 
ILE CG2 HG21 sing N N 151 
ILE CG2 HG22 sing N N 152 
ILE CG2 HG23 sing N N 153 
ILE CD1 HD11 sing N N 154 
ILE CD1 HD12 sing N N 155 
ILE CD1 HD13 sing N N 156 
ILE OXT HXT  sing N N 157 
LEU N   CA   sing N N 158 
LEU N   H    sing N N 159 
LEU N   H2   sing N N 160 
LEU CA  C    sing N N 161 
LEU CA  CB   sing N N 162 
LEU CA  HA   sing N N 163 
LEU C   O    doub N N 164 
LEU C   OXT  sing N N 165 
LEU CB  CG   sing N N 166 
LEU CB  HB2  sing N N 167 
LEU CB  HB3  sing N N 168 
LEU CG  CD1  sing N N 169 
LEU CG  CD2  sing N N 170 
LEU CG  HG   sing N N 171 
LEU CD1 HD11 sing N N 172 
LEU CD1 HD12 sing N N 173 
LEU CD1 HD13 sing N N 174 
LEU CD2 HD21 sing N N 175 
LEU CD2 HD22 sing N N 176 
LEU CD2 HD23 sing N N 177 
LEU OXT HXT  sing N N 178 
LYS N   CA   sing N N 179 
LYS N   H    sing N N 180 
LYS N   H2   sing N N 181 
LYS CA  C    sing N N 182 
LYS CA  CB   sing N N 183 
LYS CA  HA   sing N N 184 
LYS C   O    doub N N 185 
LYS C   OXT  sing N N 186 
LYS CB  CG   sing N N 187 
LYS CB  HB2  sing N N 188 
LYS CB  HB3  sing N N 189 
LYS CG  CD   sing N N 190 
LYS CG  HG2  sing N N 191 
LYS CG  HG3  sing N N 192 
LYS CD  CE   sing N N 193 
LYS CD  HD2  sing N N 194 
LYS CD  HD3  sing N N 195 
LYS CE  NZ   sing N N 196 
LYS CE  HE2  sing N N 197 
LYS CE  HE3  sing N N 198 
LYS NZ  HZ1  sing N N 199 
LYS NZ  HZ2  sing N N 200 
LYS NZ  HZ3  sing N N 201 
LYS OXT HXT  sing N N 202 
MET N   CA   sing N N 203 
MET N   H    sing N N 204 
MET N   H2   sing N N 205 
MET CA  C    sing N N 206 
MET CA  CB   sing N N 207 
MET CA  HA   sing N N 208 
MET C   O    doub N N 209 
MET C   OXT  sing N N 210 
MET CB  CG   sing N N 211 
MET CB  HB2  sing N N 212 
MET CB  HB3  sing N N 213 
MET CG  SD   sing N N 214 
MET CG  HG2  sing N N 215 
MET CG  HG3  sing N N 216 
MET SD  CE   sing N N 217 
MET CE  HE1  sing N N 218 
MET CE  HE2  sing N N 219 
MET CE  HE3  sing N N 220 
MET OXT HXT  sing N N 221 
PHE N   CA   sing N N 222 
PHE N   H    sing N N 223 
PHE N   H2   sing N N 224 
PHE CA  C    sing N N 225 
PHE CA  CB   sing N N 226 
PHE CA  HA   sing N N 227 
PHE C   O    doub N N 228 
PHE C   OXT  sing N N 229 
PHE CB  CG   sing N N 230 
PHE CB  HB2  sing N N 231 
PHE CB  HB3  sing N N 232 
PHE CG  CD1  doub Y N 233 
PHE CG  CD2  sing Y N 234 
PHE CD1 CE1  sing Y N 235 
PHE CD1 HD1  sing N N 236 
PHE CD2 CE2  doub Y N 237 
PHE CD2 HD2  sing N N 238 
PHE CE1 CZ   doub Y N 239 
PHE CE1 HE1  sing N N 240 
PHE CE2 CZ   sing Y N 241 
PHE CE2 HE2  sing N N 242 
PHE CZ  HZ   sing N N 243 
PHE OXT HXT  sing N N 244 
PRO N   CA   sing N N 245 
PRO N   CD   sing N N 246 
PRO N   H    sing N N 247 
PRO CA  C    sing N N 248 
PRO CA  CB   sing N N 249 
PRO CA  HA   sing N N 250 
PRO C   O    doub N N 251 
PRO C   OXT  sing N N 252 
PRO CB  CG   sing N N 253 
PRO CB  HB2  sing N N 254 
PRO CB  HB3  sing N N 255 
PRO CG  CD   sing N N 256 
PRO CG  HG2  sing N N 257 
PRO CG  HG3  sing N N 258 
PRO CD  HD2  sing N N 259 
PRO CD  HD3  sing N N 260 
PRO OXT HXT  sing N N 261 
SER N   CA   sing N N 262 
SER N   H    sing N N 263 
SER N   H2   sing N N 264 
SER CA  C    sing N N 265 
SER CA  CB   sing N N 266 
SER CA  HA   sing N N 267 
SER C   O    doub N N 268 
SER C   OXT  sing N N 269 
SER CB  OG   sing N N 270 
SER CB  HB2  sing N N 271 
SER CB  HB3  sing N N 272 
SER OG  HG   sing N N 273 
SER OXT HXT  sing N N 274 
THR N   CA   sing N N 275 
THR N   H    sing N N 276 
THR N   H2   sing N N 277 
THR CA  C    sing N N 278 
THR CA  CB   sing N N 279 
THR CA  HA   sing N N 280 
THR C   O    doub N N 281 
THR C   OXT  sing N N 282 
THR CB  OG1  sing N N 283 
THR CB  CG2  sing N N 284 
THR CB  HB   sing N N 285 
THR OG1 HG1  sing N N 286 
THR CG2 HG21 sing N N 287 
THR CG2 HG22 sing N N 288 
THR CG2 HG23 sing N N 289 
THR OXT HXT  sing N N 290 
TYR N   CA   sing N N 291 
TYR N   H    sing N N 292 
TYR N   H2   sing N N 293 
TYR CA  C    sing N N 294 
TYR CA  CB   sing N N 295 
TYR CA  HA   sing N N 296 
TYR C   O    doub N N 297 
TYR C   OXT  sing N N 298 
TYR CB  CG   sing N N 299 
TYR CB  HB2  sing N N 300 
TYR CB  HB3  sing N N 301 
TYR CG  CD1  doub Y N 302 
TYR CG  CD2  sing Y N 303 
TYR CD1 CE1  sing Y N 304 
TYR CD1 HD1  sing N N 305 
TYR CD2 CE2  doub Y N 306 
TYR CD2 HD2  sing N N 307 
TYR CE1 CZ   doub Y N 308 
TYR CE1 HE1  sing N N 309 
TYR CE2 CZ   sing Y N 310 
TYR CE2 HE2  sing N N 311 
TYR CZ  OH   sing N N 312 
TYR OH  HH   sing N N 313 
TYR OXT HXT  sing N N 314 
VAL N   CA   sing N N 315 
VAL N   H    sing N N 316 
VAL N   H2   sing N N 317 
VAL CA  C    sing N N 318 
VAL CA  CB   sing N N 319 
VAL CA  HA   sing N N 320 
VAL C   O    doub N N 321 
VAL C   OXT  sing N N 322 
VAL CB  CG1  sing N N 323 
VAL CB  CG2  sing N N 324 
VAL CB  HB   sing N N 325 
VAL CG1 HG11 sing N N 326 
VAL CG1 HG12 sing N N 327 
VAL CG1 HG13 sing N N 328 
VAL CG2 HG21 sing N N 329 
VAL CG2 HG22 sing N N 330 
VAL CG2 HG23 sing N N 331 
VAL OXT HXT  sing N N 332 
# 
_pdbx_nmr_spectrometer.spectrometer_id   1 
_pdbx_nmr_spectrometer.type              ? 
_pdbx_nmr_spectrometer.manufacturer      Bruker 
_pdbx_nmr_spectrometer.model             DRX 
_pdbx_nmr_spectrometer.field_strength    800 
# 
_atom_sites.entry_id                    1GD4 
_atom_sites.fract_transf_matrix[1][1]   1.000000 
_atom_sites.fract_transf_matrix[1][2]   0.000000 
_atom_sites.fract_transf_matrix[1][3]   0.000000 
_atom_sites.fract_transf_matrix[2][1]   0.000000 
_atom_sites.fract_transf_matrix[2][2]   1.000000 
_atom_sites.fract_transf_matrix[2][3]   0.000000 
_atom_sites.fract_transf_matrix[3][1]   0.000000 
_atom_sites.fract_transf_matrix[3][2]   0.000000 
_atom_sites.fract_transf_matrix[3][3]   1.000000 
_atom_sites.fract_transf_vector[1]      0.00000 
_atom_sites.fract_transf_vector[2]      0.00000 
_atom_sites.fract_transf_vector[3]      0.00000 
# 
loop_
_atom_type.symbol 
C 
H 
N 
O 
S 
# 
loop_
_atom_site.group_PDB 
_atom_site.id 
_atom_site.type_symbol 
_atom_site.label_atom_id 
_atom_site.label_alt_id 
_atom_site.label_comp_id 
_atom_site.label_asym_id 
_atom_site.label_entity_id 
_atom_site.label_seq_id 
_atom_site.pdbx_PDB_ins_code 
_atom_site.Cartn_x 
_atom_site.Cartn_y 
_atom_site.Cartn_z 
_atom_site.occupancy 
_atom_site.B_iso_or_equiv 
_atom_site.pdbx_formal_charge 
_atom_site.auth_seq_id 
_atom_site.auth_comp_id 
_atom_site.auth_asym_id 
_atom_site.auth_atom_id 
_atom_site.pdbx_PDB_model_num 
ATOM 1    N N    . MET A 1 1  ? 15.787  -13.269 7.281   1.00 0.00 ? 1  MET A N    1 
ATOM 2    C CA   . MET A 1 1  ? 15.919  -11.931 6.633   1.00 0.00 ? 1  MET A CA   1 
ATOM 3    C C    . MET A 1 1  ? 15.018  -11.850 5.399   1.00 0.00 ? 1  MET A C    1 
ATOM 4    O O    . MET A 1 1  ? 14.784  -12.834 4.724   1.00 0.00 ? 1  MET A O    1 
ATOM 5    C CB   . MET A 1 1  ? 17.391  -11.830 6.230   1.00 0.00 ? 1  MET A CB   1 
ATOM 6    C CG   . MET A 1 1  ? 18.243  -11.528 7.465   1.00 0.00 ? 1  MET A CG   1 
ATOM 7    S SD   . MET A 1 1  ? 18.509  -9.742  7.596   1.00 0.00 ? 1  MET A SD   1 
ATOM 8    C CE   . MET A 1 1  ? 20.240  -9.733  7.069   1.00 0.00 ? 1  MET A CE   1 
ATOM 9    H H1   . MET A 1 1  ? 14.785  -13.464 7.472   1.00 0.00 ? 1  MET A H1   1 
ATOM 10   H H2   . MET A 1 1  ? 16.320  -13.274 8.175   1.00 0.00 ? 1  MET A H2   1 
ATOM 11   H H3   . MET A 1 1  ? 16.167  -14.000 6.646   1.00 0.00 ? 1  MET A H3   1 
ATOM 12   H HA   . MET A 1 1  ? 15.674  -11.147 7.333   1.00 0.00 ? 1  MET A HA   1 
ATOM 13   H HB2  . MET A 1 1  ? 17.709  -12.766 5.792   1.00 0.00 ? 1  MET A HB2  1 
ATOM 14   H HB3  . MET A 1 1  ? 17.512  -11.037 5.507   1.00 0.00 ? 1  MET A HB3  1 
ATOM 15   H HG2  . MET A 1 1  ? 17.732  -11.882 8.349   1.00 0.00 ? 1  MET A HG2  1 
ATOM 16   H HG3  . MET A 1 1  ? 19.195  -12.029 7.376   1.00 0.00 ? 1  MET A HG3  1 
ATOM 17   H HE1  . MET A 1 1  ? 20.823  -10.350 7.738   1.00 0.00 ? 1  MET A HE1  1 
ATOM 18   H HE2  . MET A 1 1  ? 20.620  -8.723  7.093   1.00 0.00 ? 1  MET A HE2  1 
ATOM 19   H HE3  . MET A 1 1  ? 20.311  -10.117 6.061   1.00 0.00 ? 1  MET A HE3  1 
ATOM 20   N N    . ILE A 1 2  ? 14.511  -10.685 5.098   1.00 0.00 ? 2  ILE A N    1 
ATOM 21   C CA   . ILE A 1 2  ? 13.625  -10.539 3.906   1.00 0.00 ? 2  ILE A CA   1 
ATOM 22   C C    . ILE A 1 2  ? 14.091  -9.357  3.042   1.00 0.00 ? 2  ILE A C    1 
ATOM 23   O O    . ILE A 1 2  ? 14.400  -8.302  3.559   1.00 0.00 ? 2  ILE A O    1 
ATOM 24   C CB   . ILE A 1 2  ? 12.228  -10.277 4.478   1.00 0.00 ? 2  ILE A CB   1 
ATOM 25   C CG1  . ILE A 1 2  ? 11.220  -10.168 3.329   1.00 0.00 ? 2  ILE A CG1  1 
ATOM 26   C CG2  . ILE A 1 2  ? 12.227  -8.973  5.283   1.00 0.00 ? 2  ILE A CG2  1 
ATOM 27   C CD1  . ILE A 1 2  ? 10.649  -11.552 3.017   1.00 0.00 ? 2  ILE A CD1  1 
ATOM 28   H H    . ILE A 1 2  ? 14.715  -9.905  5.655   1.00 0.00 ? 2  ILE A H    1 
ATOM 29   H HA   . ILE A 1 2  ? 13.621  -11.451 3.331   1.00 0.00 ? 2  ILE A HA   1 
ATOM 30   H HB   . ILE A 1 2  ? 11.948  -11.095 5.125   1.00 0.00 ? 2  ILE A HB   1 
ATOM 31   H HG12 . ILE A 1 2  ? 10.418  -9.503  3.617   1.00 0.00 ? 2  ILE A HG12 1 
ATOM 32   H HG13 . ILE A 1 2  ? 11.714  -9.778  2.452   1.00 0.00 ? 2  ILE A HG13 1 
ATOM 33   H HG21 . ILE A 1 2  ? 13.243  -8.648  5.447   1.00 0.00 ? 2  ILE A HG21 1 
ATOM 34   H HG22 . ILE A 1 2  ? 11.744  -9.137  6.234   1.00 0.00 ? 2  ILE A HG22 1 
ATOM 35   H HG23 . ILE A 1 2  ? 11.690  -8.211  4.736   1.00 0.00 ? 2  ILE A HG23 1 
ATOM 36   H HD11 . ILE A 1 2  ? 9.811   -11.453 2.345   1.00 0.00 ? 2  ILE A HD11 1 
ATOM 37   H HD12 . ILE A 1 2  ? 10.322  -12.022 3.933   1.00 0.00 ? 2  ILE A HD12 1 
ATOM 38   H HD13 . ILE A 1 2  ? 11.412  -12.161 2.553   1.00 0.00 ? 2  ILE A HD13 1 
ATOM 39   N N    . PRO A 1 3  ? 14.127  -9.571  1.748   1.00 0.00 ? 3  PRO A N    1 
ATOM 40   C CA   . PRO A 1 3  ? 14.563  -8.499  0.819   1.00 0.00 ? 3  PRO A CA   1 
ATOM 41   C C    . PRO A 1 3  ? 13.476  -7.428  0.694   1.00 0.00 ? 3  PRO A C    1 
ATOM 42   O O    . PRO A 1 3  ? 12.550  -7.376  1.479   1.00 0.00 ? 3  PRO A O    1 
ATOM 43   C CB   . PRO A 1 3  ? 14.759  -9.230  -0.506  1.00 0.00 ? 3  PRO A CB   1 
ATOM 44   C CG   . PRO A 1 3  ? 13.878  -10.436 -0.420  1.00 0.00 ? 3  PRO A CG   1 
ATOM 45   C CD   . PRO A 1 3  ? 13.774  -10.807 1.037   1.00 0.00 ? 3  PRO A CD   1 
ATOM 46   H HA   . PRO A 1 3  ? 15.494  -8.066  1.144   1.00 0.00 ? 3  PRO A HA   1 
ATOM 47   H HB2  . PRO A 1 3  ? 14.456  -8.598  -1.330  1.00 0.00 ? 3  PRO A HB2  1 
ATOM 48   H HB3  . PRO A 1 3  ? 15.788  -9.532  -0.621  1.00 0.00 ? 3  PRO A HB3  1 
ATOM 49   H HG2  . PRO A 1 3  ? 12.899  -10.204 -0.815  1.00 0.00 ? 3  PRO A HG2  1 
ATOM 50   H HG3  . PRO A 1 3  ? 14.316  -11.253 -0.972  1.00 0.00 ? 3  PRO A HG3  1 
ATOM 51   H HD2  . PRO A 1 3  ? 12.765  -11.112 1.277   1.00 0.00 ? 3  PRO A HD2  1 
ATOM 52   H HD3  . PRO A 1 3  ? 14.476  -11.590 1.281   1.00 0.00 ? 3  PRO A HD3  1 
ATOM 53   N N    . GLY A 1 4  ? 13.584  -6.573  -0.287  1.00 0.00 ? 4  GLY A N    1 
ATOM 54   C CA   . GLY A 1 4  ? 12.560  -5.504  -0.465  1.00 0.00 ? 4  GLY A CA   1 
ATOM 55   C C    . GLY A 1 4  ? 13.181  -4.142  -0.149  1.00 0.00 ? 4  GLY A C    1 
ATOM 56   O O    . GLY A 1 4  ? 13.277  -3.281  -1.000  1.00 0.00 ? 4  GLY A O    1 
ATOM 57   H H    . GLY A 1 4  ? 14.340  -6.633  -0.908  1.00 0.00 ? 4  GLY A H    1 
ATOM 58   H HA2  . GLY A 1 4  ? 12.206  -5.511  -1.486  1.00 0.00 ? 4  GLY A HA2  1 
ATOM 59   H HA3  . GLY A 1 4  ? 11.732  -5.682  0.205   1.00 0.00 ? 4  GLY A HA3  1 
ATOM 60   N N    . GLY A 1 5  ? 13.607  -3.943  1.070   1.00 0.00 ? 5  GLY A N    1 
ATOM 61   C CA   . GLY A 1 5  ? 14.223  -2.640  1.442   1.00 0.00 ? 5  GLY A CA   1 
ATOM 62   C C    . GLY A 1 5  ? 13.153  -1.651  1.839   1.00 0.00 ? 5  GLY A C    1 
ATOM 63   O O    . GLY A 1 5  ? 13.258  -0.482  1.518   1.00 0.00 ? 5  GLY A O    1 
ATOM 64   H H    . GLY A 1 5  ? 13.522  -4.651  1.740   1.00 0.00 ? 5  GLY A H    1 
ATOM 65   H HA2  . GLY A 1 5  ? 14.895  -2.770  2.274   1.00 0.00 ? 5  GLY A HA2  1 
ATOM 66   H HA3  . GLY A 1 5  ? 14.767  -2.237  0.604   1.00 0.00 ? 5  GLY A HA3  1 
ATOM 67   N N    . LEU A 1 6  ? 12.131  -2.073  2.553   1.00 0.00 ? 6  LEU A N    1 
ATOM 68   C CA   . LEU A 1 6  ? 11.111  -1.070  2.963   1.00 0.00 ? 6  LEU A CA   1 
ATOM 69   C C    . LEU A 1 6  ? 11.864  0.144   3.422   1.00 0.00 ? 6  LEU A C    1 
ATOM 70   O O    . LEU A 1 6  ? 12.707  0.084   4.297   1.00 0.00 ? 6  LEU A O    1 
ATOM 71   C CB   . LEU A 1 6  ? 10.265  -1.636  4.094   1.00 0.00 ? 6  LEU A CB   1 
ATOM 72   C CG   . LEU A 1 6  ? 10.989  -2.756  4.857   1.00 0.00 ? 6  LEU A CG   1 
ATOM 73   C CD1  . LEU A 1 6  ? 10.674  -2.637  6.350   1.00 0.00 ? 6  LEU A CD1  1 
ATOM 74   C CD2  . LEU A 1 6  ? 10.510  -4.119  4.344   1.00 0.00 ? 6  LEU A CD2  1 
ATOM 75   H H    . LEU A 1 6  ? 12.054  -3.009  2.821   1.00 0.00 ? 6  LEU A H    1 
ATOM 76   H HA   . LEU A 1 6  ? 10.484  -0.818  2.119   1.00 0.00 ? 6  LEU A HA   1 
ATOM 77   H HB2  . LEU A 1 6  ? 10.023  -0.837  4.781   1.00 0.00 ? 6  LEU A HB2  1 
ATOM 78   H HB3  . LEU A 1 6  ? 9.364   -2.011  3.663   1.00 0.00 ? 6  LEU A HB3  1 
ATOM 79   H HG   . LEU A 1 6  ? 12.055  -2.665  4.710   1.00 0.00 ? 6  LEU A HG   1 
ATOM 80   H HD11 . LEU A 1 6  ? 10.729  -3.614  6.808   1.00 0.00 ? 6  LEU A HD11 1 
ATOM 81   H HD12 . LEU A 1 6  ? 9.679   -2.236  6.477   1.00 0.00 ? 6  LEU A HD12 1 
ATOM 82   H HD13 . LEU A 1 6  ? 11.390  -1.979  6.818   1.00 0.00 ? 6  LEU A HD13 1 
ATOM 83   H HD21 . LEU A 1 6  ? 9.625   -3.987  3.740   1.00 0.00 ? 6  LEU A HD21 1 
ATOM 84   H HD22 . LEU A 1 6  ? 10.280  -4.760  5.183   1.00 0.00 ? 6  LEU A HD22 1 
ATOM 85   H HD23 . LEU A 1 6  ? 11.288  -4.573  3.748   1.00 0.00 ? 6  LEU A HD23 1 
ATOM 86   N N    . SER A 1 7  ? 11.623  1.220   2.784   1.00 0.00 ? 7  SER A N    1 
ATOM 87   C CA   . SER A 1 7  ? 12.394  2.437   3.115   1.00 0.00 ? 7  SER A CA   1 
ATOM 88   C C    . SER A 1 7  ? 12.105  2.887   4.550   1.00 0.00 ? 7  SER A C    1 
ATOM 89   O O    . SER A 1 7  ? 12.953  2.800   5.417   1.00 0.00 ? 7  SER A O    1 
ATOM 90   C CB   . SER A 1 7  ? 11.944  3.497   2.111   1.00 0.00 ? 7  SER A CB   1 
ATOM 91   O OG   . SER A 1 7  ? 12.444  4.766   2.510   1.00 0.00 ? 7  SER A OG   1 
ATOM 92   H H    . SER A 1 7  ? 10.971  1.207   2.054   1.00 0.00 ? 7  SER A H    1 
ATOM 93   H HA   . SER A 1 7  ? 13.452  2.221   2.981   1.00 0.00 ? 7  SER A HA   1 
ATOM 94   H HB2  . SER A 1 7  ? 12.328  3.255   1.134   1.00 0.00 ? 7  SER A HB2  1 
ATOM 95   H HB3  . SER A 1 7  ? 10.863  3.519   2.073   1.00 0.00 ? 7  SER A HB3  1 
ATOM 96   H HG   . SER A 1 7  ? 11.712  5.386   2.512   1.00 0.00 ? 7  SER A HG   1 
ATOM 97   N N    . GLU A 1 8  ? 10.920  3.373   4.806   1.00 0.00 ? 8  GLU A N    1 
ATOM 98   C CA   . GLU A 1 8  ? 10.589  3.835   6.179   1.00 0.00 ? 8  GLU A CA   1 
ATOM 99   C C    . GLU A 1 8  ? 9.211   3.334   6.613   1.00 0.00 ? 8  GLU A C    1 
ATOM 100  O O    . GLU A 1 8  ? 8.829   2.209   6.363   1.00 0.00 ? 8  GLU A O    1 
ATOM 101  C CB   . GLU A 1 8  ? 10.589  5.357   6.088   1.00 0.00 ? 8  GLU A CB   1 
ATOM 102  C CG   . GLU A 1 8  ? 11.126  5.954   7.391   1.00 0.00 ? 8  GLU A CG   1 
ATOM 103  C CD   . GLU A 1 8  ? 12.652  5.839   7.412   1.00 0.00 ? 8  GLU A CD   1 
ATOM 104  O OE1  . GLU A 1 8  ? 13.256  6.042   6.372   1.00 0.00 ? 8  GLU A OE1  1 
ATOM 105  O OE2  . GLU A 1 8  ? 13.190  5.551   8.468   1.00 0.00 ? 8  GLU A OE2  1 
ATOM 106  H H    . GLU A 1 8  ? 10.253  3.445   4.098   1.00 0.00 ? 8  GLU A H    1 
ATOM 107  H HA   . GLU A 1 8  ? 11.337  3.516   6.874   1.00 0.00 ? 8  GLU A HA   1 
ATOM 108  H HB2  . GLU A 1 8  ? 11.202  5.664   5.274   1.00 0.00 ? 8  GLU A HB2  1 
ATOM 109  H HB3  . GLU A 1 8  ? 9.585   5.702   5.924   1.00 0.00 ? 8  GLU A HB3  1 
ATOM 110  H HG2  . GLU A 1 8  ? 10.841  6.994   7.455   1.00 0.00 ? 8  GLU A HG2  1 
ATOM 111  H HG3  . GLU A 1 8  ? 10.716  5.414   8.232   1.00 0.00 ? 8  GLU A HG3  1 
ATOM 112  N N    . ALA A 1 9  ? 8.486   4.186   7.277   1.00 0.00 ? 9  ALA A N    1 
ATOM 113  C CA   . ALA A 1 9  ? 7.116   3.848   7.788   1.00 0.00 ? 9  ALA A CA   1 
ATOM 114  C C    . ALA A 1 9  ? 6.705   4.920   8.790   1.00 0.00 ? 9  ALA A C    1 
ATOM 115  O O    . ALA A 1 9  ? 6.577   4.672   9.973   1.00 0.00 ? 9  ALA A O    1 
ATOM 116  C CB   . ALA A 1 9  ? 7.244   2.487   8.483   1.00 0.00 ? 9  ALA A CB   1 
ATOM 117  H H    . ALA A 1 9  ? 8.859   5.076   7.452   1.00 0.00 ? 9  ALA A H    1 
ATOM 118  H HA   . ALA A 1 9  ? 6.393   3.797   6.976   1.00 0.00 ? 9  ALA A HA   1 
ATOM 119  H HB1  . ALA A 1 9  ? 8.287   2.265   8.650   1.00 0.00 ? 9  ALA A HB1  1 
ATOM 120  H HB2  . ALA A 1 9  ? 6.808   1.721   7.857   1.00 0.00 ? 9  ALA A HB2  1 
ATOM 121  H HB3  . ALA A 1 9  ? 6.726   2.516   9.429   1.00 0.00 ? 9  ALA A HB3  1 
ATOM 122  N N    . LYS A 1 10 ? 6.510   6.117   8.317   1.00 0.00 ? 10 LYS A N    1 
ATOM 123  C CA   . LYS A 1 10 ? 6.120   7.228   9.221   1.00 0.00 ? 10 LYS A CA   1 
ATOM 124  C C    . LYS A 1 10 ? 4.614   7.419   9.182   1.00 0.00 ? 10 LYS A C    1 
ATOM 125  O O    . LYS A 1 10 ? 3.937   6.702   8.487   1.00 0.00 ? 10 LYS A O    1 
ATOM 126  C CB   . LYS A 1 10 ? 6.868   8.444   8.662   1.00 0.00 ? 10 LYS A CB   1 
ATOM 127  C CG   . LYS A 1 10 ? 5.931   9.258   7.760   1.00 0.00 ? 10 LYS A CG   1 
ATOM 128  C CD   . LYS A 1 10 ? 6.739   10.145  6.806   1.00 0.00 ? 10 LYS A CD   1 
ATOM 129  C CE   . LYS A 1 10 ? 7.797   10.930  7.589   1.00 0.00 ? 10 LYS A CE   1 
ATOM 130  N NZ   . LYS A 1 10 ? 7.916   12.231  6.875   1.00 0.00 ? 10 LYS A NZ   1 
ATOM 131  H H    . LYS A 1 10 ? 6.630   6.289   7.361   1.00 0.00 ? 10 LYS A H    1 
ATOM 132  H HA   . LYS A 1 10 ? 6.424   7.019   10.222  1.00 0.00 ? 10 LYS A HA   1 
ATOM 133  H HB2  . LYS A 1 10 ? 7.215   9.060   9.477   1.00 0.00 ? 10 LYS A HB2  1 
ATOM 134  H HB3  . LYS A 1 10 ? 7.715   8.108   8.084   1.00 0.00 ? 10 LYS A HB3  1 
ATOM 135  H HG2  . LYS A 1 10 ? 5.321   8.578   7.182   1.00 0.00 ? 10 LYS A HG2  1 
ATOM 136  H HG3  . LYS A 1 10 ? 5.293   9.874   8.372   1.00 0.00 ? 10 LYS A HG3  1 
ATOM 137  H HD2  . LYS A 1 10 ? 7.222   9.525   6.065   1.00 0.00 ? 10 LYS A HD2  1 
ATOM 138  H HD3  . LYS A 1 10 ? 6.072   10.838  6.314   1.00 0.00 ? 10 LYS A HD3  1 
ATOM 139  H HE2  . LYS A 1 10 ? 7.470   11.084  8.608   1.00 0.00 ? 10 LYS A HE2  1 
ATOM 140  H HE3  . LYS A 1 10 ? 8.742   10.410  7.570   1.00 0.00 ? 10 LYS A HE3  1 
ATOM 141  H HZ1  . LYS A 1 10 ? 8.181   12.060  5.884   1.00 0.00 ? 10 LYS A HZ1  1 
ATOM 142  H HZ2  . LYS A 1 10 ? 8.646   12.813  7.334   1.00 0.00 ? 10 LYS A HZ2  1 
ATOM 143  H HZ3  . LYS A 1 10 ? 7.004   12.729  6.907   1.00 0.00 ? 10 LYS A HZ3  1 
ATOM 144  N N    . PRO A 1 11 ? 4.128   8.385   9.923   1.00 0.00 ? 11 PRO A N    1 
ATOM 145  C CA   . PRO A 1 11 ? 2.675   8.627   9.949   1.00 0.00 ? 11 PRO A CA   1 
ATOM 146  C C    . PRO A 1 11 ? 2.153   8.931   8.555   1.00 0.00 ? 11 PRO A C    1 
ATOM 147  O O    . PRO A 1 11 ? 2.844   9.467   7.711   1.00 0.00 ? 11 PRO A O    1 
ATOM 148  C CB   . PRO A 1 11 ? 2.509   9.799   10.908  1.00 0.00 ? 11 PRO A CB   1 
ATOM 149  C CG   . PRO A 1 11 ? 3.845   10.461  10.918  1.00 0.00 ? 11 PRO A CG   1 
ATOM 150  C CD   . PRO A 1 11 ? 4.847   9.346   10.771  1.00 0.00 ? 11 PRO A CD   1 
ATOM 151  H HA   . PRO A 1 11 ? 2.172   7.765   10.349  1.00 0.00 ? 11 PRO A HA   1 
ATOM 152  H HB2  . PRO A 1 11 ? 1.749   10.478  10.542  1.00 0.00 ? 11 PRO A HB2  1 
ATOM 153  H HB3  . PRO A 1 11 ? 2.256   9.444   11.891  1.00 0.00 ? 11 PRO A HB3  1 
ATOM 154  H HG2  . PRO A 1 11 ? 3.924   11.154  10.090  1.00 0.00 ? 11 PRO A HG2  1 
ATOM 155  H HG3  . PRO A 1 11 ? 4.004   10.974  11.854  1.00 0.00 ? 11 PRO A HG3  1 
ATOM 156  H HD2  . PRO A 1 11 ? 5.740   9.706   10.287  1.00 0.00 ? 11 PRO A HD2  1 
ATOM 157  H HD3  . PRO A 1 11 ? 5.075   8.905   11.727  1.00 0.00 ? 11 PRO A HD3  1 
ATOM 158  N N    . ALA A 1 12 ? 0.936   8.567   8.319   1.00 0.00 ? 12 ALA A N    1 
ATOM 159  C CA   . ALA A 1 12 ? 0.324   8.792   6.989   1.00 0.00 ? 12 ALA A CA   1 
ATOM 160  C C    . ALA A 1 12 ? -0.935  9.627   7.146   1.00 0.00 ? 12 ALA A C    1 
ATOM 161  O O    . ALA A 1 12 ? -1.706  9.450   8.070   1.00 0.00 ? 12 ALA A O    1 
ATOM 162  C CB   . ALA A 1 12 ? -0.017  7.397   6.464   1.00 0.00 ? 12 ALA A CB   1 
ATOM 163  H H    . ALA A 1 12 ? 0.421   8.135   9.029   1.00 0.00 ? 12 ALA A H    1 
ATOM 164  H HA   . ALA A 1 12 ? 1.020   9.277   6.326   1.00 0.00 ? 12 ALA A HA   1 
ATOM 165  H HB1  . ALA A 1 12 ? 0.895   6.851   6.275   1.00 0.00 ? 12 ALA A HB1  1 
ATOM 166  H HB2  . ALA A 1 12 ? -0.580  7.485   5.548   1.00 0.00 ? 12 ALA A HB2  1 
ATOM 167  H HB3  . ALA A 1 12 ? -0.605  6.870   7.198   1.00 0.00 ? 12 ALA A HB3  1 
ATOM 168  N N    . THR A 1 13 ? -1.145  10.531  6.249   1.00 0.00 ? 13 THR A N    1 
ATOM 169  C CA   . THR A 1 13 ? -2.350  11.389  6.324   1.00 0.00 ? 13 THR A CA   1 
ATOM 170  C C    . THR A 1 13 ? -3.091  11.254  4.977   1.00 0.00 ? 13 THR A C    1 
ATOM 171  O O    . THR A 1 13 ? -3.008  10.198  4.379   1.00 0.00 ? 13 THR A O    1 
ATOM 172  C CB   . THR A 1 13 ? -1.783  12.789  6.586   1.00 0.00 ? 13 THR A CB   1 
ATOM 173  O OG1  . THR A 1 13 ? -0.464  12.678  7.111   1.00 0.00 ? 13 THR A OG1  1 
ATOM 174  C CG2  . THR A 1 13 ? -2.665  13.522  7.602   1.00 0.00 ? 13 THR A CG2  1 
ATOM 175  H H    . THR A 1 13 ? -0.507  10.646  5.513   1.00 0.00 ? 13 THR A H    1 
ATOM 176  H HA   . THR A 1 13 ? -2.978  11.069  7.145   1.00 0.00 ? 13 THR A HA   1 
ATOM 177  H HB   . THR A 1 13 ? -1.752  13.343  5.669   1.00 0.00 ? 13 THR A HB   1 
ATOM 178  H HG1  . THR A 1 13 ? -0.511  12.169  7.922   1.00 0.00 ? 13 THR A HG1  1 
ATOM 179  H HG21 . THR A 1 13 ? -2.226  13.441  8.584   1.00 0.00 ? 13 THR A HG21 1 
ATOM 180  H HG22 . THR A 1 13 ? -3.649  13.080  7.609   1.00 0.00 ? 13 THR A HG22 1 
ATOM 181  H HG23 . THR A 1 13 ? -2.740  14.564  7.327   1.00 0.00 ? 13 THR A HG23 1 
ATOM 182  N N    . PRO A 1 14 ? -3.788  12.269  4.502   1.00 0.00 ? 14 PRO A N    1 
ATOM 183  C CA   . PRO A 1 14 ? -4.482  12.098  3.207   1.00 0.00 ? 14 PRO A CA   1 
ATOM 184  C C    . PRO A 1 14 ? -3.463  12.006  2.057   1.00 0.00 ? 14 PRO A C    1 
ATOM 185  O O    . PRO A 1 14 ? -3.804  11.636  0.950   1.00 0.00 ? 14 PRO A O    1 
ATOM 186  C CB   . PRO A 1 14 ? -5.371  13.324  3.090   1.00 0.00 ? 14 PRO A CB   1 
ATOM 187  C CG   . PRO A 1 14 ? -4.723  14.354  3.952   1.00 0.00 ? 14 PRO A CG   1 
ATOM 188  C CD   . PRO A 1 14 ? -4.014  13.615  5.061   1.00 0.00 ? 14 PRO A CD   1 
ATOM 189  H HA   . PRO A 1 14 ? -5.091  11.214  3.237   1.00 0.00 ? 14 PRO A HA   1 
ATOM 190  H HB2  . PRO A 1 14 ? -5.415  13.650  2.063   1.00 0.00 ? 14 PRO A HB2  1 
ATOM 191  H HB3  . PRO A 1 14 ? -6.362  13.104  3.459   1.00 0.00 ? 14 PRO A HB3  1 
ATOM 192  H HG2  . PRO A 1 14 ? -4.012  14.925  3.372   1.00 0.00 ? 14 PRO A HG2  1 
ATOM 193  H HG3  . PRO A 1 14 ? -5.470  15.009  4.373   1.00 0.00 ? 14 PRO A HG3  1 
ATOM 194  H HD2  . PRO A 1 14 ? -3.083  14.106  5.282   1.00 0.00 ? 14 PRO A HD2  1 
ATOM 195  H HD3  . PRO A 1 14 ? -4.637  13.557  5.940   1.00 0.00 ? 14 PRO A HD3  1 
ATOM 196  N N    . GLU A 1 15 ? -2.211  12.302  2.318   1.00 0.00 ? 15 GLU A N    1 
ATOM 197  C CA   . GLU A 1 15 ? -1.173  12.194  1.263   1.00 0.00 ? 15 GLU A CA   1 
ATOM 198  C C    . GLU A 1 15 ? -0.943  10.746  0.911   1.00 0.00 ? 15 GLU A C    1 
ATOM 199  O O    . GLU A 1 15 ? -0.469  10.413  -0.153  1.00 0.00 ? 15 GLU A O    1 
ATOM 200  C CB   . GLU A 1 15 ? 0.117   12.705  1.862   1.00 0.00 ? 15 GLU A CB   1 
ATOM 201  C CG   . GLU A 1 15 ? 0.069   12.724  3.388   1.00 0.00 ? 15 GLU A CG   1 
ATOM 202  C CD   . GLU A 1 15 ? 1.493   12.788  3.945   1.00 0.00 ? 15 GLU A CD   1 
ATOM 203  O OE1  . GLU A 1 15 ? 2.264   13.595  3.453   1.00 0.00 ? 15 GLU A OE1  1 
ATOM 204  O OE2  . GLU A 1 15 ? 1.788   12.029  4.853   1.00 0.00 ? 15 GLU A OE2  1 
ATOM 205  H H    . GLU A 1 15 ? -1.946  12.569  3.207   1.00 0.00 ? 15 GLU A H    1 
ATOM 206  H HA   . GLU A 1 15 ? -1.440  12.764  0.399   1.00 0.00 ? 15 GLU A HA   1 
ATOM 207  H HB2  . GLU A 1 15 ? 0.876   12.013  1.560   1.00 0.00 ? 15 GLU A HB2  1 
ATOM 208  H HB3  . GLU A 1 15 ? 0.331   13.688  1.488   1.00 0.00 ? 15 GLU A HB3  1 
ATOM 209  H HG2  . GLU A 1 15 ? -0.487  13.588  3.719   1.00 0.00 ? 15 GLU A HG2  1 
ATOM 210  H HG3  . GLU A 1 15 ? -0.412  11.826  3.739   1.00 0.00 ? 15 GLU A HG3  1 
ATOM 211  N N    . ILE A 1 16 ? -1.260  9.885   1.806   1.00 0.00 ? 16 ILE A N    1 
ATOM 212  C CA   . ILE A 1 16 ? -1.079  8.460   1.533   1.00 0.00 ? 16 ILE A CA   1 
ATOM 213  C C    . ILE A 1 16 ? -2.436  7.976   1.003   1.00 0.00 ? 16 ILE A C    1 
ATOM 214  O O    . ILE A 1 16 ? -2.569  6.943   0.380   1.00 0.00 ? 16 ILE A O    1 
ATOM 215  C CB   . ILE A 1 16 ? -0.740  7.852   2.897   1.00 0.00 ? 16 ILE A CB   1 
ATOM 216  C CG1  . ILE A 1 16 ? 0.780   7.784   3.074   1.00 0.00 ? 16 ILE A CG1  1 
ATOM 217  C CG2  . ILE A 1 16 ? -1.312  6.438   3.004   1.00 0.00 ? 16 ILE A CG2  1 
ATOM 218  C CD1  . ILE A 1 16 ? 1.375   9.191   3.021   1.00 0.00 ? 16 ILE A CD1  1 
ATOM 219  H H    . ILE A 1 16 ? -1.635  10.176  2.655   1.00 0.00 ? 16 ILE A H    1 
ATOM 220  H HA   . ILE A 1 16 ? -0.268  8.324   0.824   1.00 0.00 ? 16 ILE A HA   1 
ATOM 221  H HB   . ILE A 1 16 ? -1.168  8.473   3.672   1.00 0.00 ? 16 ILE A HB   1 
ATOM 222  H HG12 . ILE A 1 16 ? 1.010   7.333   4.027   1.00 0.00 ? 16 ILE A HG12 1 
ATOM 223  H HG13 . ILE A 1 16 ? 1.206   7.188   2.283   1.00 0.00 ? 16 ILE A HG13 1 
ATOM 224  H HG21 . ILE A 1 16 ? -0.922  5.828   2.203   1.00 0.00 ? 16 ILE A HG21 1 
ATOM 225  H HG22 . ILE A 1 16 ? -2.389  6.478   2.937   1.00 0.00 ? 16 ILE A HG22 1 
ATOM 226  H HG23 . ILE A 1 16 ? -1.027  6.011   3.954   1.00 0.00 ? 16 ILE A HG23 1 
ATOM 227  H HD11 . ILE A 1 16 ? 2.449   9.130   3.133   1.00 0.00 ? 16 ILE A HD11 1 
ATOM 228  H HD12 . ILE A 1 16 ? 0.964   9.787   3.821   1.00 0.00 ? 16 ILE A HD12 1 
ATOM 229  H HD13 . ILE A 1 16 ? 1.137   9.647   2.072   1.00 0.00 ? 16 ILE A HD13 1 
ATOM 230  N N    . GLN A 1 17 ? -3.437  8.789   1.267   1.00 0.00 ? 17 GLN A N    1 
ATOM 231  C CA   . GLN A 1 17 ? -4.834  8.528   0.829   1.00 0.00 ? 17 GLN A CA   1 
ATOM 232  C C    . GLN A 1 17 ? -4.929  8.722   -0.663  1.00 0.00 ? 17 GLN A C    1 
ATOM 233  O O    . GLN A 1 17 ? -5.801  8.201   -1.322  1.00 0.00 ? 17 GLN A O    1 
ATOM 234  C CB   . GLN A 1 17 ? -5.682  9.575   1.546   1.00 0.00 ? 17 GLN A CB   1 
ATOM 235  C CG   . GLN A 1 17 ? -7.070  9.000   1.829   1.00 0.00 ? 17 GLN A CG   1 
ATOM 236  C CD   . GLN A 1 17 ? -6.964  7.867   2.855   1.00 0.00 ? 17 GLN A CD   1 
ATOM 237  O OE1  . GLN A 1 17 ? -7.960  7.282   3.229   1.00 0.00 ? 17 GLN A OE1  1 
ATOM 238  N NE2  . GLN A 1 17 ? -5.793  7.527   3.332   1.00 0.00 ? 17 GLN A NE2  1 
ATOM 239  H H    . GLN A 1 17 ? -3.247  9.599   1.746   1.00 0.00 ? 17 GLN A H    1 
ATOM 240  H HA   . GLN A 1 17 ? -5.141  7.549   1.114   1.00 0.00 ? 17 GLN A HA   1 
ATOM 241  H HB2  . GLN A 1 17 ? -5.207  9.838   2.476   1.00 0.00 ? 17 GLN A HB2  1 
ATOM 242  H HB3  . GLN A 1 17 ? -5.776  10.452  0.924   1.00 0.00 ? 17 GLN A HB3  1 
ATOM 243  H HG2  . GLN A 1 17 ? -7.709  9.780   2.218   1.00 0.00 ? 17 GLN A HG2  1 
ATOM 244  H HG3  . GLN A 1 17 ? -7.492  8.613   0.913   1.00 0.00 ? 17 GLN A HG3  1 
ATOM 245  H HE21 . GLN A 1 17 ? -4.984  7.990   3.039   1.00 0.00 ? 17 GLN A HE21 1 
ATOM 246  H HE22 . GLN A 1 17 ? -5.727  6.807   3.982   1.00 0.00 ? 17 GLN A HE22 1 
ATOM 247  N N    . GLU A 1 18 ? -4.004  9.452   -1.195  1.00 0.00 ? 18 GLU A N    1 
ATOM 248  C CA   . GLU A 1 18 ? -3.985  9.664   -2.663  1.00 0.00 ? 18 GLU A CA   1 
ATOM 249  C C    . GLU A 1 18 ? -3.361  8.432   -3.251  1.00 0.00 ? 18 GLU A C    1 
ATOM 250  O O    . GLU A 1 18 ? -3.915  7.765   -4.101  1.00 0.00 ? 18 GLU A O    1 
ATOM 251  C CB   . GLU A 1 18 ? -3.116  10.885  -2.915  1.00 0.00 ? 18 GLU A CB   1 
ATOM 252  C CG   . GLU A 1 18 ? -2.035  11.014  -1.852  1.00 0.00 ? 18 GLU A CG   1 
ATOM 253  C CD   . GLU A 1 18 ? -0.924  11.937  -2.357  1.00 0.00 ? 18 GLU A CD   1 
ATOM 254  O OE1  . GLU A 1 18 ? -0.662  11.922  -3.548  1.00 0.00 ? 18 GLU A OE1  1 
ATOM 255  O OE2  . GLU A 1 18 ? -0.352  12.645  -1.543  1.00 0.00 ? 18 GLU A OE2  1 
ATOM 256  H H    . GLU A 1 18 ? -3.297  9.829   -0.622  1.00 0.00 ? 18 GLU A H    1 
ATOM 257  H HA   . GLU A 1 18 ? -4.982  9.814   -3.043  1.00 0.00 ? 18 GLU A HA   1 
ATOM 258  H HB2  . GLU A 1 18 ? -2.654  10.804  -3.884  1.00 0.00 ? 18 GLU A HB2  1 
ATOM 259  H HB3  . GLU A 1 18 ? -3.734  11.743  -2.881  1.00 0.00 ? 18 GLU A HB3  1 
ATOM 260  H HG2  . GLU A 1 18 ? -2.469  11.421  -0.948  1.00 0.00 ? 18 GLU A HG2  1 
ATOM 261  H HG3  . GLU A 1 18 ? -1.628  10.041  -1.643  1.00 0.00 ? 18 GLU A HG3  1 
ATOM 262  N N    . ILE A 1 19 ? -2.232  8.083   -2.719  1.00 0.00 ? 19 ILE A N    1 
ATOM 263  C CA   . ILE A 1 19 ? -1.569  6.830   -3.143  1.00 0.00 ? 19 ILE A CA   1 
ATOM 264  C C    . ILE A 1 19 ? -2.574  5.715   -2.870  1.00 0.00 ? 19 ILE A C    1 
ATOM 265  O O    . ILE A 1 19 ? -2.632  4.707   -3.552  1.00 0.00 ? 19 ILE A O    1 
ATOM 266  C CB   . ILE A 1 19 ? -0.338  6.709   -2.225  1.00 0.00 ? 19 ILE A CB   1 
ATOM 267  C CG1  . ILE A 1 19 ? 0.919   7.144   -3.000  1.00 0.00 ? 19 ILE A CG1  1 
ATOM 268  C CG2  . ILE A 1 19 ? -0.184  5.266   -1.717  1.00 0.00 ? 19 ILE A CG2  1 
ATOM 269  C CD1  . ILE A 1 19 ? 2.018   6.078   -2.891  1.00 0.00 ? 19 ILE A CD1  1 
ATOM 270  H H    . ILE A 1 19 ? -1.861  8.622   -1.987  1.00 0.00 ? 19 ILE A H    1 
ATOM 271  H HA   . ILE A 1 19 ? -1.285  6.864   -4.183  1.00 0.00 ? 19 ILE A HA   1 
ATOM 272  H HB   . ILE A 1 19 ? -0.474  7.364   -1.376  1.00 0.00 ? 19 ILE A HB   1 
ATOM 273  H HG12 . ILE A 1 19 ? 0.665   7.292   -4.036  1.00 0.00 ? 19 ILE A HG12 1 
ATOM 274  H HG13 . ILE A 1 19 ? 1.286   8.074   -2.589  1.00 0.00 ? 19 ILE A HG13 1 
ATOM 275  H HG21 . ILE A 1 19 ? 0.685   5.200   -1.078  1.00 0.00 ? 19 ILE A HG21 1 
ATOM 276  H HG22 . ILE A 1 19 ? -0.064  4.600   -2.557  1.00 0.00 ? 19 ILE A HG22 1 
ATOM 277  H HG23 . ILE A 1 19 ? -1.063  4.985   -1.157  1.00 0.00 ? 19 ILE A HG23 1 
ATOM 278  H HD11 . ILE A 1 19 ? 1.683   5.165   -3.361  1.00 0.00 ? 19 ILE A HD11 1 
ATOM 279  H HD12 . ILE A 1 19 ? 2.230   5.886   -1.848  1.00 0.00 ? 19 ILE A HD12 1 
ATOM 280  H HD13 . ILE A 1 19 ? 2.914   6.428   -3.380  1.00 0.00 ? 19 ILE A HD13 1 
ATOM 281  N N    . VAL A 1 20 ? -3.387  5.928   -1.866  1.00 0.00 ? 20 VAL A N    1 
ATOM 282  C CA   . VAL A 1 20 ? -4.420  4.921   -1.510  1.00 0.00 ? 20 VAL A CA   1 
ATOM 283  C C    . VAL A 1 20 ? -5.621  5.074   -2.445  1.00 0.00 ? 20 VAL A C    1 
ATOM 284  O O    . VAL A 1 20 ? -6.266  4.113   -2.810  1.00 0.00 ? 20 VAL A O    1 
ATOM 285  C CB   . VAL A 1 20 ? -4.773  5.264   -0.057  1.00 0.00 ? 20 VAL A CB   1 
ATOM 286  C CG1  . VAL A 1 20 ? -6.248  4.955   0.228   1.00 0.00 ? 20 VAL A CG1  1 
ATOM 287  C CG2  . VAL A 1 20 ? -3.894  4.438   0.883   1.00 0.00 ? 20 VAL A CG2  1 
ATOM 288  H H    . VAL A 1 20 ? -3.321  6.778   -1.345  1.00 0.00 ? 20 VAL A H    1 
ATOM 289  H HA   . VAL A 1 20 ? -4.016  3.923   -1.575  1.00 0.00 ? 20 VAL A HA   1 
ATOM 290  H HB   . VAL A 1 20 ? -4.583  6.320   0.110   1.00 0.00 ? 20 VAL A HB   1 
ATOM 291  H HG11 . VAL A 1 20 ? -6.479  3.956   -0.111  1.00 0.00 ? 20 VAL A HG11 1 
ATOM 292  H HG12 . VAL A 1 20 ? -6.873  5.665   -0.293  1.00 0.00 ? 20 VAL A HG12 1 
ATOM 293  H HG13 . VAL A 1 20 ? -6.432  5.026   1.290   1.00 0.00 ? 20 VAL A HG13 1 
ATOM 294  H HG21 . VAL A 1 20 ? -4.046  3.387   0.686   1.00 0.00 ? 20 VAL A HG21 1 
ATOM 295  H HG22 . VAL A 1 20 ? -4.160  4.654   1.907   1.00 0.00 ? 20 VAL A HG22 1 
ATOM 296  H HG23 . VAL A 1 20 ? -2.857  4.689   0.719   1.00 0.00 ? 20 VAL A HG23 1 
ATOM 297  N N    . ASP A 1 21 ? -5.910  6.279   -2.840  1.00 0.00 ? 21 ASP A N    1 
ATOM 298  C CA   . ASP A 1 21 ? -7.058  6.514   -3.763  1.00 0.00 ? 21 ASP A CA   1 
ATOM 299  C C    . ASP A 1 21 ? -6.650  6.148   -5.188  1.00 0.00 ? 21 ASP A C    1 
ATOM 300  O O    . ASP A 1 21 ? -7.472  5.831   -6.025  1.00 0.00 ? 21 ASP A O    1 
ATOM 301  C CB   . ASP A 1 21 ? -7.336  8.010   -3.666  1.00 0.00 ? 21 ASP A CB   1 
ATOM 302  C CG   . ASP A 1 21 ? -8.347  8.273   -2.548  1.00 0.00 ? 21 ASP A CG   1 
ATOM 303  O OD1  . ASP A 1 21 ? -9.284  7.502   -2.430  1.00 0.00 ? 21 ASP A OD1  1 
ATOM 304  O OD2  . ASP A 1 21 ? -8.165  9.243   -1.830  1.00 0.00 ? 21 ASP A OD2  1 
ATOM 305  H H    . ASP A 1 21 ? -5.362  7.038   -2.535  1.00 0.00 ? 21 ASP A H    1 
ATOM 306  H HA   . ASP A 1 21 ? -7.921  5.950   -3.450  1.00 0.00 ? 21 ASP A HA   1 
ATOM 307  H HB2  . ASP A 1 21 ? -6.413  8.529   -3.452  1.00 0.00 ? 21 ASP A HB2  1 
ATOM 308  H HB3  . ASP A 1 21 ? -7.735  8.360   -4.604  1.00 0.00 ? 21 ASP A HB3  1 
ATOM 309  N N    . LYS A 1 22 ? -5.380  6.205   -5.463  1.00 0.00 ? 22 LYS A N    1 
ATOM 310  C CA   . LYS A 1 22 ? -4.878  5.883   -6.812  1.00 0.00 ? 22 LYS A CA   1 
ATOM 311  C C    . LYS A 1 22 ? -4.872  4.375   -7.054  1.00 0.00 ? 22 LYS A C    1 
ATOM 312  O O    . LYS A 1 22 ? -5.004  3.924   -8.175  1.00 0.00 ? 22 LYS A O    1 
ATOM 313  C CB   . LYS A 1 22 ? -3.454  6.416   -6.789  1.00 0.00 ? 22 LYS A CB   1 
ATOM 314  C CG   . LYS A 1 22 ? -3.391  7.765   -7.509  1.00 0.00 ? 22 LYS A CG   1 
ATOM 315  C CD   . LYS A 1 22 ? -2.038  8.429   -7.240  1.00 0.00 ? 22 LYS A CD   1 
ATOM 316  C CE   . LYS A 1 22 ? -2.213  9.557   -6.220  1.00 0.00 ? 22 LYS A CE   1 
ATOM 317  N NZ   . LYS A 1 22 ? -0.930  9.592   -5.464  1.00 0.00 ? 22 LYS A NZ   1 
ATOM 318  H H    . LYS A 1 22 ? -4.742  6.473   -4.774  1.00 0.00 ? 22 LYS A H    1 
ATOM 319  H HA   . LYS A 1 22 ? -5.451  6.391   -7.566  1.00 0.00 ? 22 LYS A HA   1 
ATOM 320  H HB2  . LYS A 1 22 ? -3.138  6.536   -5.764  1.00 0.00 ? 22 LYS A HB2  1 
ATOM 321  H HB3  . LYS A 1 22 ? -2.811  5.717   -7.271  1.00 0.00 ? 22 LYS A HB3  1 
ATOM 322  H HG2  . LYS A 1 22 ? -3.512  7.610   -8.572  1.00 0.00 ? 22 LYS A HG2  1 
ATOM 323  H HG3  . LYS A 1 22 ? -4.183  8.404   -7.147  1.00 0.00 ? 22 LYS A HG3  1 
ATOM 324  H HD2  . LYS A 1 22 ? -1.347  7.695   -6.851  1.00 0.00 ? 22 LYS A HD2  1 
ATOM 325  H HD3  . LYS A 1 22 ? -1.648  8.837   -8.161  1.00 0.00 ? 22 LYS A HD3  1 
ATOM 326  H HE2  . LYS A 1 22 ? -2.380  10.497  -6.726  1.00 0.00 ? 22 LYS A HE2  1 
ATOM 327  H HE3  . LYS A 1 22 ? -3.030  9.336   -5.551  1.00 0.00 ? 22 LYS A HE3  1 
ATOM 328  H HZ1  . LYS A 1 22 ? -0.845  8.733   -4.885  1.00 0.00 ? 22 LYS A HZ1  1 
ATOM 329  H HZ2  . LYS A 1 22 ? -0.915  10.430  -4.847  1.00 0.00 ? 22 LYS A HZ2  1 
ATOM 330  H HZ3  . LYS A 1 22 ? -0.134  9.638   -6.131  1.00 0.00 ? 22 LYS A HZ3  1 
ATOM 331  N N    . VAL A 1 23 ? -4.696  3.588   -6.026  1.00 0.00 ? 23 VAL A N    1 
ATOM 332  C CA   . VAL A 1 23 ? -4.656  2.124   -6.233  1.00 0.00 ? 23 VAL A CA   1 
ATOM 333  C C    . VAL A 1 23 ? -5.962  1.474   -5.799  1.00 0.00 ? 23 VAL A C    1 
ATOM 334  O O    . VAL A 1 23 ? -6.287  0.395   -6.238  1.00 0.00 ? 23 VAL A O    1 
ATOM 335  C CB   . VAL A 1 23 ? -3.493  1.643   -5.369  1.00 0.00 ? 23 VAL A CB   1 
ATOM 336  C CG1  . VAL A 1 23 ? -2.212  2.359   -5.801  1.00 0.00 ? 23 VAL A CG1  1 
ATOM 337  C CG2  . VAL A 1 23 ? -3.776  1.947   -3.892  1.00 0.00 ? 23 VAL A CG2  1 
ATOM 338  H H    . VAL A 1 23 ? -4.571  3.955   -5.125  1.00 0.00 ? 23 VAL A H    1 
ATOM 339  H HA   . VAL A 1 23 ? -4.460  1.900   -7.268  1.00 0.00 ? 23 VAL A HA   1 
ATOM 340  H HB   . VAL A 1 23 ? -3.370  0.583   -5.500  1.00 0.00 ? 23 VAL A HB   1 
ATOM 341  H HG11 . VAL A 1 23 ? -1.372  1.949   -5.263  1.00 0.00 ? 23 VAL A HG11 1 
ATOM 342  H HG12 . VAL A 1 23 ? -2.297  3.413   -5.583  1.00 0.00 ? 23 VAL A HG12 1 
ATOM 343  H HG13 . VAL A 1 23 ? -2.061  2.222   -6.861  1.00 0.00 ? 23 VAL A HG13 1 
ATOM 344  H HG21 . VAL A 1 23 ? -3.894  1.019   -3.351  1.00 0.00 ? 23 VAL A HG21 1 
ATOM 345  H HG22 . VAL A 1 23 ? -4.681  2.529   -3.808  1.00 0.00 ? 23 VAL A HG22 1 
ATOM 346  H HG23 . VAL A 1 23 ? -2.951  2.503   -3.473  1.00 0.00 ? 23 VAL A HG23 1 
ATOM 347  N N    . LYS A 1 24 ? -6.716  2.108   -4.943  1.00 0.00 ? 24 LYS A N    1 
ATOM 348  C CA   . LYS A 1 24 ? -7.993  1.484   -4.500  1.00 0.00 ? 24 LYS A CA   1 
ATOM 349  C C    . LYS A 1 24 ? -8.885  1.185   -5.699  1.00 0.00 ? 24 LYS A C    1 
ATOM 350  O O    . LYS A 1 24 ? -9.742  0.332   -5.635  1.00 0.00 ? 24 LYS A O    1 
ATOM 351  C CB   . LYS A 1 24 ? -8.656  2.491   -3.555  1.00 0.00 ? 24 LYS A CB   1 
ATOM 352  C CG   . LYS A 1 24 ? -9.020  3.766   -4.319  1.00 0.00 ? 24 LYS A CG   1 
ATOM 353  C CD   . LYS A 1 24 ? -9.985  4.606   -3.479  1.00 0.00 ? 24 LYS A CD   1 
ATOM 354  C CE   . LYS A 1 24 ? -11.332 3.885   -3.368  1.00 0.00 ? 24 LYS A CE   1 
ATOM 355  N NZ   . LYS A 1 24 ? -12.304 4.770   -4.071  1.00 0.00 ? 24 LYS A NZ   1 
ATOM 356  H H    . LYS A 1 24 ? -6.443  2.982   -4.592  1.00 0.00 ? 24 LYS A H    1 
ATOM 357  H HA   . LYS A 1 24 ? -7.785  0.570   -3.977  1.00 0.00 ? 24 LYS A HA   1 
ATOM 358  H HB2  . LYS A 1 24 ? -9.551  2.055   -3.138  1.00 0.00 ? 24 LYS A HB2  1 
ATOM 359  H HB3  . LYS A 1 24 ? -7.973  2.735   -2.756  1.00 0.00 ? 24 LYS A HB3  1 
ATOM 360  H HG2  . LYS A 1 24 ? -8.124  4.333   -4.515  1.00 0.00 ? 24 LYS A HG2  1 
ATOM 361  H HG3  . LYS A 1 24 ? -9.492  3.506   -5.253  1.00 0.00 ? 24 LYS A HG3  1 
ATOM 362  H HD2  . LYS A 1 24 ? -9.571  4.748   -2.492  1.00 0.00 ? 24 LYS A HD2  1 
ATOM 363  H HD3  . LYS A 1 24 ? -10.130 5.566   -3.951  1.00 0.00 ? 24 LYS A HD3  1 
ATOM 364  H HE2  . LYS A 1 24 ? -11.282 2.918   -3.852  1.00 0.00 ? 24 LYS A HE2  1 
ATOM 365  H HE3  . LYS A 1 24 ? -11.616 3.774   -2.333  1.00 0.00 ? 24 LYS A HE3  1 
ATOM 366  H HZ1  . LYS A 1 24 ? -13.248 4.336   -4.049  1.00 0.00 ? 24 LYS A HZ1  1 
ATOM 367  H HZ2  . LYS A 1 24 ? -12.003 4.898   -5.059  1.00 0.00 ? 24 LYS A HZ2  1 
ATOM 368  H HZ3  . LYS A 1 24 ? -12.338 5.694   -3.595  1.00 0.00 ? 24 LYS A HZ3  1 
ATOM 369  N N    . SER A 1 25 ? -8.680  1.854   -6.799  1.00 0.00 ? 25 SER A N    1 
ATOM 370  C CA   . SER A 1 25 ? -9.520  1.557   -7.989  1.00 0.00 ? 25 SER A CA   1 
ATOM 371  C C    . SER A 1 25 ? -9.121  0.189   -8.519  1.00 0.00 ? 25 SER A C    1 
ATOM 372  O O    . SER A 1 25 ? -9.949  -0.676  -8.747  1.00 0.00 ? 25 SER A O    1 
ATOM 373  C CB   . SER A 1 25 ? -9.203  2.656   -8.999  1.00 0.00 ? 25 SER A CB   1 
ATOM 374  O OG   . SER A 1 25 ? -10.396 3.034   -9.673  1.00 0.00 ? 25 SER A OG   1 
ATOM 375  H H    . SER A 1 25 ? -7.966  2.526   -6.848  1.00 0.00 ? 25 SER A H    1 
ATOM 376  H HA   . SER A 1 25 ? -10.560 1.569   -7.728  1.00 0.00 ? 25 SER A HA   1 
ATOM 377  H HB2  . SER A 1 25 ? -8.796  3.513   -8.488  1.00 0.00 ? 25 SER A HB2  1 
ATOM 378  H HB3  . SER A 1 25 ? -8.478  2.286   -9.708  1.00 0.00 ? 25 SER A HB3  1 
ATOM 379  H HG   . SER A 1 25 ? -10.161 3.293   -10.566 1.00 0.00 ? 25 SER A HG   1 
ATOM 380  N N    . GLN A 1 26 ? -7.849  -0.021  -8.675  1.00 0.00 ? 26 GLN A N    1 
ATOM 381  C CA   . GLN A 1 26 ? -7.368  -1.340  -9.146  1.00 0.00 ? 26 GLN A CA   1 
ATOM 382  C C    . GLN A 1 26 ? -7.418  -2.314  -7.974  1.00 0.00 ? 26 GLN A C    1 
ATOM 383  O O    . GLN A 1 26 ? -7.688  -3.486  -8.138  1.00 0.00 ? 26 GLN A O    1 
ATOM 384  C CB   . GLN A 1 26 ? -5.925  -1.108  -9.601  1.00 0.00 ? 26 GLN A CB   1 
ATOM 385  C CG   . GLN A 1 26 ? -5.895  -0.031  -10.689 1.00 0.00 ? 26 GLN A CG   1 
ATOM 386  C CD   . GLN A 1 26 ? -4.474  0.516   -10.827 1.00 0.00 ? 26 GLN A CD   1 
ATOM 387  O OE1  . GLN A 1 26 ? -3.723  0.085   -11.679 1.00 0.00 ? 26 GLN A OE1  1 
ATOM 388  N NE2  . GLN A 1 26 ? -4.070  1.457   -10.017 1.00 0.00 ? 26 GLN A NE2  1 
ATOM 389  H H    . GLN A 1 26 ? -7.206  0.683   -8.451  1.00 0.00 ? 26 GLN A H    1 
ATOM 390  H HA   . GLN A 1 26 ? -7.970  -1.695  -9.966  1.00 0.00 ? 26 GLN A HA   1 
ATOM 391  H HB2  . GLN A 1 26 ? -5.331  -0.784  -8.759  1.00 0.00 ? 26 GLN A HB2  1 
ATOM 392  H HB3  . GLN A 1 26 ? -5.520  -2.026  -9.997  1.00 0.00 ? 26 GLN A HB3  1 
ATOM 393  H HG2  . GLN A 1 26 ? -6.209  -0.461  -11.629 1.00 0.00 ? 26 GLN A HG2  1 
ATOM 394  H HG3  . GLN A 1 26 ? -6.564  0.773   -10.421 1.00 0.00 ? 26 GLN A HG3  1 
ATOM 395  H HE21 . GLN A 1 26 ? -4.677  1.805   -9.329  1.00 0.00 ? 26 GLN A HE21 1 
ATOM 396  H HE22 . GLN A 1 26 ? -3.162  1.815   -10.096 1.00 0.00 ? 26 GLN A HE22 1 
ATOM 397  N N    . LEU A 1 27 ? -7.185  -1.824  -6.783  1.00 0.00 ? 27 LEU A N    1 
ATOM 398  C CA   . LEU A 1 27 ? -7.234  -2.707  -5.595  1.00 0.00 ? 27 LEU A CA   1 
ATOM 399  C C    . LEU A 1 27 ? -8.691  -3.119  -5.350  1.00 0.00 ? 27 LEU A C    1 
ATOM 400  O O    . LEU A 1 27 ? -8.971  -4.228  -4.936  1.00 0.00 ? 27 LEU A O    1 
ATOM 401  C CB   . LEU A 1 27 ? -6.638  -1.857  -4.456  1.00 0.00 ? 27 LEU A CB   1 
ATOM 402  C CG   . LEU A 1 27 ? -7.156  -2.345  -3.098  1.00 0.00 ? 27 LEU A CG   1 
ATOM 403  C CD1  . LEU A 1 27 ? -6.011  -2.335  -2.084  1.00 0.00 ? 27 LEU A CD1  1 
ATOM 404  C CD2  . LEU A 1 27 ? -8.274  -1.420  -2.611  1.00 0.00 ? 27 LEU A CD2  1 
ATOM 405  H H    . LEU A 1 27 ? -6.996  -0.864  -6.667  1.00 0.00 ? 27 LEU A H    1 
ATOM 406  H HA   . LEU A 1 27 ? -6.626  -3.582  -5.758  1.00 0.00 ? 27 LEU A HA   1 
ATOM 407  H HB2  . LEU A 1 27 ? -5.563  -1.955  -4.479  1.00 0.00 ? 27 LEU A HB2  1 
ATOM 408  H HB3  . LEU A 1 27 ? -6.896  -0.811  -4.596  1.00 0.00 ? 27 LEU A HB3  1 
ATOM 409  H HG   . LEU A 1 27 ? -7.536  -3.352  -3.197  1.00 0.00 ? 27 LEU A HG   1 
ATOM 410  H HD11 . LEU A 1 27 ? -5.220  -2.985  -2.428  1.00 0.00 ? 27 LEU A HD11 1 
ATOM 411  H HD12 . LEU A 1 27 ? -6.373  -2.684  -1.128  1.00 0.00 ? 27 LEU A HD12 1 
ATOM 412  H HD13 . LEU A 1 27 ? -5.631  -1.330  -1.980  1.00 0.00 ? 27 LEU A HD13 1 
ATOM 413  H HD21 . LEU A 1 27 ? -8.729  -1.839  -1.727  1.00 0.00 ? 27 LEU A HD21 1 
ATOM 414  H HD22 . LEU A 1 27 ? -9.019  -1.317  -3.387  1.00 0.00 ? 27 LEU A HD22 1 
ATOM 415  H HD23 . LEU A 1 27 ? -7.861  -0.451  -2.378  1.00 0.00 ? 27 LEU A HD23 1 
ATOM 416  N N    . GLU A 1 28 ? -9.619  -2.241  -5.634  1.00 0.00 ? 28 GLU A N    1 
ATOM 417  C CA   . GLU A 1 28 ? -11.059 -2.585  -5.452  1.00 0.00 ? 28 GLU A CA   1 
ATOM 418  C C    . GLU A 1 28 ? -11.422 -3.812  -6.289  1.00 0.00 ? 28 GLU A C    1 
ATOM 419  O O    . GLU A 1 28 ? -11.945 -4.785  -5.784  1.00 0.00 ? 28 GLU A O    1 
ATOM 420  C CB   . GLU A 1 28 ? -11.833 -1.368  -5.970  1.00 0.00 ? 28 GLU A CB   1 
ATOM 421  C CG   . GLU A 1 28 ? -12.200 -0.442  -4.808  1.00 0.00 ? 28 GLU A CG   1 
ATOM 422  C CD   . GLU A 1 28 ? -13.724 -0.370  -4.673  1.00 0.00 ? 28 GLU A CD   1 
ATOM 423  O OE1  . GLU A 1 28 ? -14.319 -1.385  -4.348  1.00 0.00 ? 28 GLU A OE1  1 
ATOM 424  O OE2  . GLU A 1 28 ? -14.270 0.698   -4.898  1.00 0.00 ? 28 GLU A OE2  1 
ATOM 425  H H    . GLU A 1 28 ? -9.371  -1.360  -5.979  1.00 0.00 ? 28 GLU A H    1 
ATOM 426  H HA   . GLU A 1 28 ? -11.280 -2.758  -4.415  1.00 0.00 ? 28 GLU A HA   1 
ATOM 427  H HB2  . GLU A 1 28 ? -11.224 -0.831  -6.680  1.00 0.00 ? 28 GLU A HB2  1 
ATOM 428  H HB3  . GLU A 1 28 ? -12.738 -1.704  -6.458  1.00 0.00 ? 28 GLU A HB3  1 
ATOM 429  H HG2  . GLU A 1 28 ? -11.771 -0.824  -3.895  1.00 0.00 ? 28 GLU A HG2  1 
ATOM 430  H HG3  . GLU A 1 28 ? -11.814 0.547   -5.002  1.00 0.00 ? 28 GLU A HG3  1 
ATOM 431  N N    . GLU A 1 29 ? -11.170 -3.763  -7.571  1.00 0.00 ? 29 GLU A N    1 
ATOM 432  C CA   . GLU A 1 29 ? -11.528 -4.919  -8.442  1.00 0.00 ? 29 GLU A CA   1 
ATOM 433  C C    . GLU A 1 29 ? -10.366 -5.911  -8.567  1.00 0.00 ? 29 GLU A C    1 
ATOM 434  O O    . GLU A 1 29 ? -10.401 -6.807  -9.390  1.00 0.00 ? 29 GLU A O    1 
ATOM 435  C CB   . GLU A 1 29 ? -11.858 -4.304  -9.802  1.00 0.00 ? 29 GLU A CB   1 
ATOM 436  C CG   . GLU A 1 29 ? -12.989 -5.097  -10.460 1.00 0.00 ? 29 GLU A CG   1 
ATOM 437  C CD   . GLU A 1 29 ? -13.741 -4.197  -11.442 1.00 0.00 ? 29 GLU A CD   1 
ATOM 438  O OE1  . GLU A 1 29 ? -13.176 -3.880  -12.476 1.00 0.00 ? 29 GLU A OE1  1 
ATOM 439  O OE2  . GLU A 1 29 ? -14.869 -3.841  -11.144 1.00 0.00 ? 29 GLU A OE2  1 
ATOM 440  H H    . GLU A 1 29 ? -10.765 -2.961  -7.962  1.00 0.00 ? 29 GLU A H    1 
ATOM 441  H HA   . GLU A 1 29 ? -12.399 -5.418  -8.045  1.00 0.00 ? 29 GLU A HA   1 
ATOM 442  H HB2  . GLU A 1 29 ? -12.169 -3.278  -9.668  1.00 0.00 ? 29 GLU A HB2  1 
ATOM 443  H HB3  . GLU A 1 29 ? -10.983 -4.336  -10.434 1.00 0.00 ? 29 GLU A HB3  1 
ATOM 444  H HG2  . GLU A 1 29 ? -12.574 -5.943  -10.990 1.00 0.00 ? 29 GLU A HG2  1 
ATOM 445  H HG3  . GLU A 1 29 ? -13.673 -5.447  -9.701  1.00 0.00 ? 29 GLU A HG3  1 
ATOM 446  N N    . LYS A 1 30 ? -9.359  -5.795  -7.742  1.00 0.00 ? 30 LYS A N    1 
ATOM 447  C CA   . LYS A 1 30 ? -8.240  -6.761  -7.801  1.00 0.00 ? 30 LYS A CA   1 
ATOM 448  C C    . LYS A 1 30 ? -8.593  -7.911  -6.881  1.00 0.00 ? 30 LYS A C    1 
ATOM 449  O O    . LYS A 1 30 ? -8.810  -9.031  -7.302  1.00 0.00 ? 30 LYS A O    1 
ATOM 450  C CB   . LYS A 1 30 ? -7.045  -5.993  -7.263  1.00 0.00 ? 30 LYS A CB   1 
ATOM 451  C CG   . LYS A 1 30 ? -6.139  -5.561  -8.418  1.00 0.00 ? 30 LYS A CG   1 
ATOM 452  C CD   . LYS A 1 30 ? -5.237  -6.730  -8.824  1.00 0.00 ? 30 LYS A CD   1 
ATOM 453  C CE   . LYS A 1 30 ? -4.398  -6.330  -10.041 1.00 0.00 ? 30 LYS A CE   1 
ATOM 454  N NZ   . LYS A 1 30 ? -4.375  -7.542  -10.906 1.00 0.00 ? 30 LYS A NZ   1 
ATOM 455  H H    . LYS A 1 30 ? -9.352  -5.098  -7.056  1.00 0.00 ? 30 LYS A H    1 
ATOM 456  H HA   . LYS A 1 30 ? -8.063  -7.100  -8.809  1.00 0.00 ? 30 LYS A HA   1 
ATOM 457  H HB2  . LYS A 1 30 ? -7.395  -5.123  -6.732  1.00 0.00 ? 30 LYS A HB2  1 
ATOM 458  H HB3  . LYS A 1 30 ? -6.504  -6.616  -6.588  1.00 0.00 ? 30 LYS A HB3  1 
ATOM 459  H HG2  . LYS A 1 30 ? -6.746  -5.265  -9.261  1.00 0.00 ? 30 LYS A HG2  1 
ATOM 460  H HG3  . LYS A 1 30 ? -5.527  -4.730  -8.104  1.00 0.00 ? 30 LYS A HG3  1 
ATOM 461  H HD2  . LYS A 1 30 ? -4.583  -6.982  -8.003  1.00 0.00 ? 30 LYS A HD2  1 
ATOM 462  H HD3  . LYS A 1 30 ? -5.847  -7.584  -9.076  1.00 0.00 ? 30 LYS A HD3  1 
ATOM 463  H HE2  . LYS A 1 30 ? -4.862  -5.503  -10.561 1.00 0.00 ? 30 LYS A HE2  1 
ATOM 464  H HE3  . LYS A 1 30 ? -3.396  -6.071  -9.739  1.00 0.00 ? 30 LYS A HE3  1 
ATOM 465  H HZ1  . LYS A 1 30 ? -5.345  -7.786  -11.189 1.00 0.00 ? 30 LYS A HZ1  1 
ATOM 466  H HZ2  . LYS A 1 30 ? -3.957  -8.336  -10.378 1.00 0.00 ? 30 LYS A HZ2  1 
ATOM 467  H HZ3  . LYS A 1 30 ? -3.806  -7.352  -11.754 1.00 0.00 ? 30 LYS A HZ3  1 
ATOM 468  N N    . THR A 1 31 ? -8.708  -7.610  -5.625  1.00 0.00 ? 31 THR A N    1 
ATOM 469  C CA   . THR A 1 31 ? -9.113  -8.637  -4.645  1.00 0.00 ? 31 THR A CA   1 
ATOM 470  C C    . THR A 1 31 ? -10.480 -8.250  -4.121  1.00 0.00 ? 31 THR A C    1 
ATOM 471  O O    . THR A 1 31 ? -10.833 -8.515  -2.991  1.00 0.00 ? 31 THR A O    1 
ATOM 472  C CB   . THR A 1 31 ? -8.051  -8.606  -3.546  1.00 0.00 ? 31 THR A CB   1 
ATOM 473  O OG1  . THR A 1 31 ? -6.789  -8.935  -4.107  1.00 0.00 ? 31 THR A OG1  1 
ATOM 474  C CG2  . THR A 1 31 ? -8.407  -9.619  -2.456  1.00 0.00 ? 31 THR A CG2  1 
ATOM 475  H H    . THR A 1 31 ? -8.569  -6.684  -5.331  1.00 0.00 ? 31 THR A H    1 
ATOM 476  H HA   . THR A 1 31 ? -9.164  -9.603  -5.110  1.00 0.00 ? 31 THR A HA   1 
ATOM 477  H HB   . THR A 1 31 ? -8.007  -7.618  -3.114  1.00 0.00 ? 31 THR A HB   1 
ATOM 478  H HG1  . THR A 1 31 ? -6.515  -8.207  -4.669  1.00 0.00 ? 31 THR A HG1  1 
ATOM 479  H HG21 . THR A 1 31 ? -8.938  -10.450 -2.897  1.00 0.00 ? 31 THR A HG21 1 
ATOM 480  H HG22 . THR A 1 31 ? -9.034  -9.145  -1.714  1.00 0.00 ? 31 THR A HG22 1 
ATOM 481  H HG23 . THR A 1 31 ? -7.503  -9.977  -1.987  1.00 0.00 ? 31 THR A HG23 1 
ATOM 482  N N    . ASN A 1 32 ? -11.260 -7.623  -4.963  1.00 0.00 ? 32 ASN A N    1 
ATOM 483  C CA   . ASN A 1 32 ? -12.622 -7.212  -4.569  1.00 0.00 ? 32 ASN A CA   1 
ATOM 484  C C    . ASN A 1 32 ? -12.551 -6.385  -3.274  1.00 0.00 ? 32 ASN A C    1 
ATOM 485  O O    . ASN A 1 32 ? -13.421 -6.427  -2.430  1.00 0.00 ? 32 ASN A O    1 
ATOM 486  C CB   . ASN A 1 32 ? -13.362 -8.555  -4.422  1.00 0.00 ? 32 ASN A CB   1 
ATOM 487  C CG   . ASN A 1 32 ? -13.545 -8.970  -2.954  1.00 0.00 ? 32 ASN A CG   1 
ATOM 488  O OD1  . ASN A 1 32 ? -14.430 -8.487  -2.277  1.00 0.00 ? 32 ASN A OD1  1 
ATOM 489  N ND2  . ASN A 1 32 ? -12.753 -9.872  -2.438  1.00 0.00 ? 32 ASN A ND2  1 
ATOM 490  H H    . ASN A 1 32 ? -10.944 -7.429  -5.871  1.00 0.00 ? 32 ASN A H    1 
ATOM 491  H HA   . ASN A 1 32 ? -13.072 -6.628  -5.362  1.00 0.00 ? 32 ASN A HA   1 
ATOM 492  H HB2  . ASN A 1 32 ? -14.310 -8.475  -4.894  1.00 0.00 ? 32 ASN A HB2  1 
ATOM 493  H HB3  . ASN A 1 32 ? -12.792 -9.320  -4.929  1.00 0.00 ? 32 ASN A HB3  1 
ATOM 494  H HD21 . ASN A 1 32 ? -12.050 -10.278 -2.985  1.00 0.00 ? 32 ASN A HD21 1 
ATOM 495  H HD22 . ASN A 1 32 ? -12.864 -10.142 -1.502  1.00 0.00 ? 32 ASN A HD22 1 
ATOM 496  N N    . GLU A 1 33 ? -11.499 -5.623  -3.135  1.00 0.00 ? 33 GLU A N    1 
ATOM 497  C CA   . GLU A 1 33 ? -11.325 -4.779  -1.919  1.00 0.00 ? 33 GLU A CA   1 
ATOM 498  C C    . GLU A 1 33 ? -12.192 -3.526  -2.007  1.00 0.00 ? 33 GLU A C    1 
ATOM 499  O O    . GLU A 1 33 ? -13.306 -3.565  -2.494  1.00 0.00 ? 33 GLU A O    1 
ATOM 500  C CB   . GLU A 1 33 ? -9.836  -4.423  -1.909  1.00 0.00 ? 33 GLU A CB   1 
ATOM 501  C CG   . GLU A 1 33 ? -9.323  -4.395  -0.468  1.00 0.00 ? 33 GLU A CG   1 
ATOM 502  C CD   . GLU A 1 33 ? -9.452  -5.789  0.148   1.00 0.00 ? 33 GLU A CD   1 
ATOM 503  O OE1  . GLU A 1 33 ? -9.019  -6.738  -0.486  1.00 0.00 ? 33 GLU A OE1  1 
ATOM 504  O OE2  . GLU A 1 33 ? -9.984  -5.885  1.242   1.00 0.00 ? 33 GLU A OE2  1 
ATOM 505  H H    . GLU A 1 33 ? -10.817 -5.607  -3.838  1.00 0.00 ? 33 GLU A H    1 
ATOM 506  H HA   . GLU A 1 33 ? -11.574 -5.328  -1.027  1.00 0.00 ? 33 GLU A HA   1 
ATOM 507  H HB2  . GLU A 1 33 ? -9.287  -5.163  -2.473  1.00 0.00 ? 33 GLU A HB2  1 
ATOM 508  H HB3  . GLU A 1 33 ? -9.695  -3.451  -2.359  1.00 0.00 ? 33 GLU A HB3  1 
ATOM 509  H HG2  . GLU A 1 33 ? -8.287  -4.092  -0.461  1.00 0.00 ? 33 GLU A HG2  1 
ATOM 510  H HG3  . GLU A 1 33 ? -9.908  -3.694  0.109   1.00 0.00 ? 33 GLU A HG3  1 
ATOM 511  N N    . THR A 1 34 ? -11.707 -2.424  -1.514  1.00 0.00 ? 34 THR A N    1 
ATOM 512  C CA   . THR A 1 34 ? -12.515 -1.177  -1.537  1.00 0.00 ? 34 THR A CA   1 
ATOM 513  C C    . THR A 1 34 ? -11.655 0.024   -1.119  1.00 0.00 ? 34 THR A C    1 
ATOM 514  O O    . THR A 1 34 ? -11.663 1.053   -1.763  1.00 0.00 ? 34 THR A O    1 
ATOM 515  C CB   . THR A 1 34 ? -13.659 -1.465  -0.544  1.00 0.00 ? 34 THR A CB   1 
ATOM 516  O OG1  . THR A 1 34 ? -14.871 -0.936  -1.060  1.00 0.00 ? 34 THR A OG1  1 
ATOM 517  C CG2  . THR A 1 34 ? -13.384 -0.851  0.837   1.00 0.00 ? 34 THR A CG2  1 
ATOM 518  H H    . THR A 1 34 ? -10.821 -2.422  -1.113  1.00 0.00 ? 34 THR A H    1 
ATOM 519  H HA   . THR A 1 34 ? -12.923 -1.018  -2.518  1.00 0.00 ? 34 THR A HA   1 
ATOM 520  H HB   . THR A 1 34 ? -13.753 -2.537  -0.436  1.00 0.00 ? 34 THR A HB   1 
ATOM 521  H HG1  . THR A 1 34 ? -14.978 -1.259  -1.957  1.00 0.00 ? 34 THR A HG1  1 
ATOM 522  H HG21 . THR A 1 34 ? -12.543 -1.350  1.292   1.00 0.00 ? 34 THR A HG21 1 
ATOM 523  H HG22 . THR A 1 34 ? -14.256 -0.975  1.463   1.00 0.00 ? 34 THR A HG22 1 
ATOM 524  H HG23 . THR A 1 34 ? -13.166 0.201   0.731   1.00 0.00 ? 34 THR A HG23 1 
ATOM 525  N N    . TYR A 1 35 ? -10.915 -0.108  -0.043  1.00 0.00 ? 35 TYR A N    1 
ATOM 526  C CA   . TYR A 1 35 ? -10.053 1.018   0.438   1.00 0.00 ? 35 TYR A CA   1 
ATOM 527  C C    . TYR A 1 35 ? -10.820 2.342   0.410   1.00 0.00 ? 35 TYR A C    1 
ATOM 528  O O    . TYR A 1 35 ? -12.015 2.376   0.192   1.00 0.00 ? 35 TYR A O    1 
ATOM 529  C CB   . TYR A 1 35 ? -8.874  1.074   -0.529  1.00 0.00 ? 35 TYR A CB   1 
ATOM 530  C CG   . TYR A 1 35 ? -7.741  0.202   -0.030  1.00 0.00 ? 35 TYR A CG   1 
ATOM 531  C CD1  . TYR A 1 35 ? -8.009  -0.995  0.650   1.00 0.00 ? 35 TYR A CD1  1 
ATOM 532  C CD2  . TYR A 1 35 ? -6.414  0.593   -0.253  1.00 0.00 ? 35 TYR A CD2  1 
ATOM 533  C CE1  . TYR A 1 35 ? -6.955  -1.795  1.107   1.00 0.00 ? 35 TYR A CE1  1 
ATOM 534  C CE2  . TYR A 1 35 ? -5.361  -0.208  0.203   1.00 0.00 ? 35 TYR A CE2  1 
ATOM 535  C CZ   . TYR A 1 35 ? -5.631  -1.401  0.883   1.00 0.00 ? 35 TYR A CZ   1 
ATOM 536  O OH   . TYR A 1 35 ? -4.592  -2.191  1.331   1.00 0.00 ? 35 TYR A OH   1 
ATOM 537  H H    . TYR A 1 35 ? -10.928 -0.951  0.453   1.00 0.00 ? 35 TYR A H    1 
ATOM 538  H HA   . TYR A 1 35 ? -9.699  0.814   1.430   1.00 0.00 ? 35 TYR A HA   1 
ATOM 539  H HB2  . TYR A 1 35 ? -9.194  0.730   -1.497  1.00 0.00 ? 35 TYR A HB2  1 
ATOM 540  H HB3  . TYR A 1 35 ? -8.531  2.095   -0.605  1.00 0.00 ? 35 TYR A HB3  1 
ATOM 541  H HD1  . TYR A 1 35 ? -9.028  -1.302  0.822   1.00 0.00 ? 35 TYR A HD1  1 
ATOM 542  H HD2  . TYR A 1 35 ? -6.202  1.512   -0.778  1.00 0.00 ? 35 TYR A HD2  1 
ATOM 543  H HE1  . TYR A 1 35 ? -7.162  -2.714  1.632   1.00 0.00 ? 35 TYR A HE1  1 
ATOM 544  H HE2  . TYR A 1 35 ? -4.340  0.097   0.030   1.00 0.00 ? 35 TYR A HE2  1 
ATOM 545  H HH   . TYR A 1 35 ? -4.566  -2.131  2.289   1.00 0.00 ? 35 TYR A HH   1 
ATOM 546  N N    . GLY A 1 36 ? -10.142 3.432   0.636   1.00 0.00 ? 36 GLY A N    1 
ATOM 547  C CA   . GLY A 1 36 ? -10.833 4.752   0.623   1.00 0.00 ? 36 GLY A CA   1 
ATOM 548  C C    . GLY A 1 36 ? -11.520 4.974   1.968   1.00 0.00 ? 36 GLY A C    1 
ATOM 549  O O    . GLY A 1 36 ? -11.408 6.027   2.565   1.00 0.00 ? 36 GLY A O    1 
ATOM 550  H H    . GLY A 1 36 ? -9.180  3.382   0.819   1.00 0.00 ? 36 GLY A H    1 
ATOM 551  H HA2  . GLY A 1 36 ? -10.109 5.536   0.451   1.00 0.00 ? 36 GLY A HA2  1 
ATOM 552  H HA3  . GLY A 1 36 ? -11.571 4.763   -0.162  1.00 0.00 ? 36 GLY A HA3  1 
ATOM 553  N N    . LYS A 1 37 ? -12.221 3.984   2.459   1.00 0.00 ? 37 LYS A N    1 
ATOM 554  C CA   . LYS A 1 37 ? -12.901 4.139   3.773   1.00 0.00 ? 37 LYS A CA   1 
ATOM 555  C C    . LYS A 1 37 ? -11.970 3.690   4.896   1.00 0.00 ? 37 LYS A C    1 
ATOM 556  O O    . LYS A 1 37 ? -12.400 3.375   5.990   1.00 0.00 ? 37 LYS A O    1 
ATOM 557  C CB   . LYS A 1 37 ? -14.138 3.242   3.697   1.00 0.00 ? 37 LYS A CB   1 
ATOM 558  C CG   . LYS A 1 37 ? -15.346 3.983   4.275   1.00 0.00 ? 37 LYS A CG   1 
ATOM 559  C CD   . LYS A 1 37 ? -16.131 4.646   3.141   1.00 0.00 ? 37 LYS A CD   1 
ATOM 560  C CE   . LYS A 1 37 ? -17.618 4.677   3.498   1.00 0.00 ? 37 LYS A CE   1 
ATOM 561  N NZ   . LYS A 1 37 ? -18.243 5.551   2.468   1.00 0.00 ? 37 LYS A NZ   1 
ATOM 562  H H    . LYS A 1 37 ? -12.293 3.141   1.969   1.00 0.00 ? 37 LYS A H    1 
ATOM 563  H HA   . LYS A 1 37 ? -13.190 5.161   3.921   1.00 0.00 ? 37 LYS A HA   1 
ATOM 564  H HB2  . LYS A 1 37 ? -14.333 2.985   2.665   1.00 0.00 ? 37 LYS A HB2  1 
ATOM 565  H HB3  . LYS A 1 37 ? -13.966 2.341   4.266   1.00 0.00 ? 37 LYS A HB3  1 
ATOM 566  H HG2  . LYS A 1 37 ? -15.984 3.281   4.793   1.00 0.00 ? 37 LYS A HG2  1 
ATOM 567  H HG3  . LYS A 1 37 ? -15.007 4.740   4.966   1.00 0.00 ? 37 LYS A HG3  1 
ATOM 568  H HD2  . LYS A 1 37 ? -15.773 5.656   2.998   1.00 0.00 ? 37 LYS A HD2  1 
ATOM 569  H HD3  . LYS A 1 37 ? -15.993 4.083   2.231   1.00 0.00 ? 37 LYS A HD3  1 
ATOM 570  H HE2  . LYS A 1 37 ? -18.035 3.680   3.453   1.00 0.00 ? 37 LYS A HE2  1 
ATOM 571  H HE3  . LYS A 1 37 ? -17.761 5.102   4.479   1.00 0.00 ? 37 LYS A HE3  1 
ATOM 572  H HZ1  . LYS A 1 37 ? -19.236 5.730   2.720   1.00 0.00 ? 37 LYS A HZ1  1 
ATOM 573  H HZ2  . LYS A 1 37 ? -18.200 5.080   1.541   1.00 0.00 ? 37 LYS A HZ2  1 
ATOM 574  H HZ3  . LYS A 1 37 ? -17.732 6.455   2.422   1.00 0.00 ? 37 LYS A HZ3  1 
ATOM 575  N N    . LEU A 1 38 ? -10.694 3.675   4.635   1.00 0.00 ? 38 LEU A N    1 
ATOM 576  C CA   . LEU A 1 38 ? -9.717  3.269   5.680   1.00 0.00 ? 38 LEU A CA   1 
ATOM 577  C C    . LEU A 1 38 ? -8.787  4.440   5.986   1.00 0.00 ? 38 LEU A C    1 
ATOM 578  O O    . LEU A 1 38 ? -8.577  5.308   5.159   1.00 0.00 ? 38 LEU A O    1 
ATOM 579  C CB   . LEU A 1 38 ? -8.927  2.085   5.100   1.00 0.00 ? 38 LEU A CB   1 
ATOM 580  C CG   . LEU A 1 38 ? -8.714  2.229   3.586   1.00 0.00 ? 38 LEU A CG   1 
ATOM 581  C CD1  . LEU A 1 38 ? -7.936  3.512   3.283   1.00 0.00 ? 38 LEU A CD1  1 
ATOM 582  C CD2  . LEU A 1 38 ? -7.912  1.027   3.082   1.00 0.00 ? 38 LEU A CD2  1 
ATOM 583  H H    . LEU A 1 38 ? -10.374 3.946   3.754   1.00 0.00 ? 38 LEU A H    1 
ATOM 584  H HA   . LEU A 1 38 ? -10.235 2.962   6.576   1.00 0.00 ? 38 LEU A HA   1 
ATOM 585  H HB2  . LEU A 1 38 ? -7.967  2.041   5.580   1.00 0.00 ? 38 LEU A HB2  1 
ATOM 586  H HB3  . LEU A 1 38 ? -9.463  1.169   5.297   1.00 0.00 ? 38 LEU A HB3  1 
ATOM 587  H HG   . LEU A 1 38 ? -9.671  2.259   3.088   1.00 0.00 ? 38 LEU A HG   1 
ATOM 588  H HD11 . LEU A 1 38 ? -8.627  4.317   3.089   1.00 0.00 ? 38 LEU A HD11 1 
ATOM 589  H HD12 . LEU A 1 38 ? -7.312  3.357   2.415   1.00 0.00 ? 38 LEU A HD12 1 
ATOM 590  H HD13 . LEU A 1 38 ? -7.316  3.767   4.129   1.00 0.00 ? 38 LEU A HD13 1 
ATOM 591  H HD21 . LEU A 1 38 ? -8.579  0.196   2.910   1.00 0.00 ? 38 LEU A HD21 1 
ATOM 592  H HD22 . LEU A 1 38 ? -7.175  0.751   3.823   1.00 0.00 ? 38 LEU A HD22 1 
ATOM 593  H HD23 . LEU A 1 38 ? -7.414  1.288   2.161   1.00 0.00 ? 38 LEU A HD23 1 
ATOM 594  N N    . GLU A 1 39 ? -8.231  4.481   7.162   1.00 0.00 ? 39 GLU A N    1 
ATOM 595  C CA   . GLU A 1 39 ? -7.319  5.605   7.500   1.00 0.00 ? 39 GLU A CA   1 
ATOM 596  C C    . GLU A 1 39 ? -5.867  5.141   7.475   1.00 0.00 ? 39 GLU A C    1 
ATOM 597  O O    . GLU A 1 39 ? -5.465  4.275   8.229   1.00 0.00 ? 39 GLU A O    1 
ATOM 598  C CB   . GLU A 1 39 ? -7.704  6.056   8.907   1.00 0.00 ? 39 GLU A CB   1 
ATOM 599  C CG   . GLU A 1 39 ? -7.621  4.877   9.885   1.00 0.00 ? 39 GLU A CG   1 
ATOM 600  C CD   . GLU A 1 39 ? -8.994  4.634   10.516  1.00 0.00 ? 39 GLU A CD   1 
ATOM 601  O OE1  . GLU A 1 39 ? -9.874  4.171   9.810   1.00 0.00 ? 39 GLU A OE1  1 
ATOM 602  O OE2  . GLU A 1 39 ? -9.140  4.916   11.694  1.00 0.00 ? 39 GLU A OE2  1 
ATOM 603  H H    . GLU A 1 39 ? -8.412  3.780   7.815   1.00 0.00 ? 39 GLU A H    1 
ATOM 604  H HA   . GLU A 1 39 ? -7.462  6.414   6.807   1.00 0.00 ? 39 GLU A HA   1 
ATOM 605  H HB2  . GLU A 1 39 ? -7.018  6.830   9.221   1.00 0.00 ? 39 GLU A HB2  1 
ATOM 606  H HB3  . GLU A 1 39 ? -8.710  6.448   8.898   1.00 0.00 ? 39 GLU A HB3  1 
ATOM 607  H HG2  . GLU A 1 39 ? -7.306  3.989   9.356   1.00 0.00 ? 39 GLU A HG2  1 
ATOM 608  H HG3  . GLU A 1 39 ? -6.906  5.104   10.661  1.00 0.00 ? 39 GLU A HG3  1 
ATOM 609  N N    . ALA A 1 40 ? -5.074  5.722   6.625   1.00 0.00 ? 40 ALA A N    1 
ATOM 610  C CA   . ALA A 1 40 ? -3.641  5.330   6.562   1.00 0.00 ? 40 ALA A CA   1 
ATOM 611  C C    . ALA A 1 40 ? -2.888  6.003   7.702   1.00 0.00 ? 40 ALA A C    1 
ATOM 612  O O    . ALA A 1 40 ? -2.706  7.205   7.715   1.00 0.00 ? 40 ALA A O    1 
ATOM 613  C CB   . ALA A 1 40 ? -3.146  5.830   5.207   1.00 0.00 ? 40 ALA A CB   1 
ATOM 614  H H    . ALA A 1 40 ? -5.418  6.428   6.037   1.00 0.00 ? 40 ALA A H    1 
ATOM 615  H HA   . ALA A 1 40 ? -3.536  4.259   6.627   1.00 0.00 ? 40 ALA A HA   1 
ATOM 616  H HB1  . ALA A 1 40 ? -2.584  5.048   4.719   1.00 0.00 ? 40 ALA A HB1  1 
ATOM 617  H HB2  . ALA A 1 40 ? -2.511  6.693   5.351   1.00 0.00 ? 40 ALA A HB2  1 
ATOM 618  H HB3  . ALA A 1 40 ? -3.991  6.103   4.593   1.00 0.00 ? 40 ALA A HB3  1 
ATOM 619  N N    . VAL A 1 41 ? -2.467  5.239   8.667   1.00 0.00 ? 41 VAL A N    1 
ATOM 620  C CA   . VAL A 1 41 ? -1.742  5.835   9.817   1.00 0.00 ? 41 VAL A CA   1 
ATOM 621  C C    . VAL A 1 41 ? -0.258  5.993   9.481   1.00 0.00 ? 41 VAL A C    1 
ATOM 622  O O    . VAL A 1 41 ? 0.401   6.862   10.009  1.00 0.00 ? 41 VAL A O    1 
ATOM 623  C CB   . VAL A 1 41 ? -1.962  4.851   10.969  1.00 0.00 ? 41 VAL A CB   1 
ATOM 624  C CG1  . VAL A 1 41 ? -0.988  5.150   12.112  1.00 0.00 ? 41 VAL A CG1  1 
ATOM 625  C CG2  . VAL A 1 41 ? -3.398  4.989   11.481  1.00 0.00 ? 41 VAL A CG2  1 
ATOM 626  H H    . VAL A 1 41 ? -2.638  4.275   8.640   1.00 0.00 ? 41 VAL A H    1 
ATOM 627  H HA   . VAL A 1 41 ? -2.170  6.801   10.059  1.00 0.00 ? 41 VAL A HA   1 
ATOM 628  H HB   . VAL A 1 41 ? -1.804  3.842   10.612  1.00 0.00 ? 41 VAL A HB   1 
ATOM 629  H HG11 . VAL A 1 41 ? -1.411  4.807   13.045  1.00 0.00 ? 41 VAL A HG11 1 
ATOM 630  H HG12 . VAL A 1 41 ? -0.812  6.214   12.166  1.00 0.00 ? 41 VAL A HG12 1 
ATOM 631  H HG13 . VAL A 1 41 ? -0.053  4.639   11.931  1.00 0.00 ? 41 VAL A HG13 1 
ATOM 632  H HG21 . VAL A 1 41 ? -3.734  4.038   11.868  1.00 0.00 ? 41 VAL A HG21 1 
ATOM 633  H HG22 . VAL A 1 41 ? -4.042  5.295   10.670  1.00 0.00 ? 41 VAL A HG22 1 
ATOM 634  H HG23 . VAL A 1 41 ? -3.430  5.730   12.266  1.00 0.00 ? 41 VAL A HG23 1 
ATOM 635  N N    . GLN A 1 42 ? 0.272   5.188   8.596   1.00 0.00 ? 42 GLN A N    1 
ATOM 636  C CA   . GLN A 1 42 ? 1.722   5.354   8.226   1.00 0.00 ? 42 GLN A CA   1 
ATOM 637  C C    . GLN A 1 42 ? 2.029   4.717   6.867   1.00 0.00 ? 42 GLN A C    1 
ATOM 638  O O    . GLN A 1 42 ? 1.181   4.107   6.244   1.00 0.00 ? 42 GLN A O    1 
ATOM 639  C CB   . GLN A 1 42 ? 2.543   4.728   9.377   1.00 0.00 ? 42 GLN A CB   1 
ATOM 640  C CG   . GLN A 1 42 ? 3.724   3.900   8.856   1.00 0.00 ? 42 GLN A CG   1 
ATOM 641  C CD   . GLN A 1 42 ? 4.335   3.108   10.013  1.00 0.00 ? 42 GLN A CD   1 
ATOM 642  O OE1  . GLN A 1 42 ? 4.612   3.657   11.060  1.00 0.00 ? 42 GLN A OE1  1 
ATOM 643  N NE2  . GLN A 1 42 ? 4.555   1.830   9.869   1.00 0.00 ? 42 GLN A NE2  1 
ATOM 644  H H    . GLN A 1 42 ? -0.285  4.494   8.162   1.00 0.00 ? 42 GLN A H    1 
ATOM 645  H HA   . GLN A 1 42 ? 1.942   6.408   8.173   1.00 0.00 ? 42 GLN A HA   1 
ATOM 646  H HB2  . GLN A 1 42 ? 2.924   5.517   10.004  1.00 0.00 ? 42 GLN A HB2  1 
ATOM 647  H HB3  . GLN A 1 42 ? 1.921   4.108   9.955   1.00 0.00 ? 42 GLN A HB3  1 
ATOM 648  H HG2  . GLN A 1 42 ? 3.379   3.214   8.096   1.00 0.00 ? 42 GLN A HG2  1 
ATOM 649  H HG3  . GLN A 1 42 ? 4.467   4.555   8.438   1.00 0.00 ? 42 GLN A HG3  1 
ATOM 650  H HE21 . GLN A 1 42 ? 4.328   1.385   9.025   1.00 0.00 ? 42 GLN A HE21 1 
ATOM 651  H HE22 . GLN A 1 42 ? 4.945   1.313   10.605  1.00 0.00 ? 42 GLN A HE22 1 
ATOM 652  N N    . TYR A 1 43 ? 3.242   4.879   6.403   1.00 0.00 ? 43 TYR A N    1 
ATOM 653  C CA   . TYR A 1 43 ? 3.619   4.306   5.072   1.00 0.00 ? 43 TYR A CA   1 
ATOM 654  C C    . TYR A 1 43 ? 5.119   4.162   4.885   1.00 0.00 ? 43 TYR A C    1 
ATOM 655  O O    . TYR A 1 43 ? 5.919   4.746   5.581   1.00 0.00 ? 43 TYR A O    1 
ATOM 656  C CB   . TYR A 1 43 ? 3.094   5.292   4.054   1.00 0.00 ? 43 TYR A CB   1 
ATOM 657  C CG   . TYR A 1 43 ? 3.865   6.592   4.108   1.00 0.00 ? 43 TYR A CG   1 
ATOM 658  C CD1  . TYR A 1 43 ? 3.450   7.626   4.956   1.00 0.00 ? 43 TYR A CD1  1 
ATOM 659  C CD2  . TYR A 1 43 ? 4.992   6.765   3.294   1.00 0.00 ? 43 TYR A CD2  1 
ATOM 660  C CE1  . TYR A 1 43 ? 4.162   8.831   4.991   1.00 0.00 ? 43 TYR A CE1  1 
ATOM 661  C CE2  . TYR A 1 43 ? 5.702   7.970   3.327   1.00 0.00 ? 43 TYR A CE2  1 
ATOM 662  C CZ   . TYR A 1 43 ? 5.289   9.003   4.176   1.00 0.00 ? 43 TYR A CZ   1 
ATOM 663  O OH   . TYR A 1 43 ? 5.989   10.192  4.205   1.00 0.00 ? 43 TYR A OH   1 
ATOM 664  H H    . TYR A 1 43 ? 3.894   5.383   6.931   1.00 0.00 ? 43 TYR A H    1 
ATOM 665  H HA   . TYR A 1 43 ? 3.133   3.356   4.921   1.00 0.00 ? 43 TYR A HA   1 
ATOM 666  H HB2  . TYR A 1 43 ? 3.185   4.868   3.066   1.00 0.00 ? 43 TYR A HB2  1 
ATOM 667  H HB3  . TYR A 1 43 ? 2.077   5.470   4.269   1.00 0.00 ? 43 TYR A HB3  1 
ATOM 668  H HD1  . TYR A 1 43 ? 2.582   7.494   5.584   1.00 0.00 ? 43 TYR A HD1  1 
ATOM 669  H HD2  . TYR A 1 43 ? 5.312   5.968   2.641   1.00 0.00 ? 43 TYR A HD2  1 
ATOM 670  H HE1  . TYR A 1 43 ? 3.843   9.629   5.645   1.00 0.00 ? 43 TYR A HE1  1 
ATOM 671  H HE2  . TYR A 1 43 ? 6.571   8.102   2.700   1.00 0.00 ? 43 TYR A HE2  1 
ATOM 672  H HH   . TYR A 1 43 ? 6.113   10.485  3.299   1.00 0.00 ? 43 TYR A HH   1 
ATOM 673  N N    . LYS A 1 44 ? 5.481   3.405   3.895   1.00 0.00 ? 44 LYS A N    1 
ATOM 674  C CA   . LYS A 1 44 ? 6.924   3.193   3.575   1.00 0.00 ? 44 LYS A CA   1 
ATOM 675  C C    . LYS A 1 44 ? 7.129   3.312   2.063   1.00 0.00 ? 44 LYS A C    1 
ATOM 676  O O    . LYS A 1 44 ? 6.241   3.723   1.342   1.00 0.00 ? 44 LYS A O    1 
ATOM 677  C CB   . LYS A 1 44 ? 7.256   1.769   4.044   1.00 0.00 ? 44 LYS A CB   1 
ATOM 678  C CG   . LYS A 1 44 ? 6.491   1.433   5.330   1.00 0.00 ? 44 LYS A CG   1 
ATOM 679  C CD   . LYS A 1 44 ? 5.205   0.685   4.975   1.00 0.00 ? 44 LYS A CD   1 
ATOM 680  C CE   . LYS A 1 44 ? 4.230   0.734   6.154   1.00 0.00 ? 44 LYS A CE   1 
ATOM 681  N NZ   . LYS A 1 44 ? 3.277   -0.389  5.911   1.00 0.00 ? 44 LYS A NZ   1 
ATOM 682  H H    . LYS A 1 44 ? 4.787   2.990   3.340   1.00 0.00 ? 44 LYS A H    1 
ATOM 683  H HA   . LYS A 1 44 ? 7.537   3.910   4.099   1.00 0.00 ? 44 LYS A HA   1 
ATOM 684  H HB2  . LYS A 1 44 ? 6.983   1.066   3.271   1.00 0.00 ? 44 LYS A HB2  1 
ATOM 685  H HB3  . LYS A 1 44 ? 8.317   1.696   4.234   1.00 0.00 ? 44 LYS A HB3  1 
ATOM 686  H HG2  . LYS A 1 44 ? 7.107   0.814   5.961   1.00 0.00 ? 44 LYS A HG2  1 
ATOM 687  H HG3  . LYS A 1 44 ? 6.245   2.340   5.851   1.00 0.00 ? 44 LYS A HG3  1 
ATOM 688  H HD2  . LYS A 1 44 ? 4.748   1.150   4.115   1.00 0.00 ? 44 LYS A HD2  1 
ATOM 689  H HD3  . LYS A 1 44 ? 5.439   -0.344  4.746   1.00 0.00 ? 44 LYS A HD3  1 
ATOM 690  H HE2  . LYS A 1 44 ? 4.760   0.589   7.085   1.00 0.00 ? 44 LYS A HE2  1 
ATOM 691  H HE3  . LYS A 1 44 ? 3.699   1.673   6.164   1.00 0.00 ? 44 LYS A HE3  1 
ATOM 692  H HZ1  . LYS A 1 44 ? 3.623   -1.246  6.388   1.00 0.00 ? 44 LYS A HZ1  1 
ATOM 693  H HZ2  . LYS A 1 44 ? 3.198   -0.567  4.889   1.00 0.00 ? 44 LYS A HZ2  1 
ATOM 694  H HZ3  . LYS A 1 44 ? 2.344   -0.138  6.291   1.00 0.00 ? 44 LYS A HZ3  1 
ATOM 695  N N    . THR A 1 45 ? 8.288   2.955   1.574   1.00 0.00 ? 45 THR A N    1 
ATOM 696  C CA   . THR A 1 45 ? 8.539   3.051   0.104   1.00 0.00 ? 45 THR A CA   1 
ATOM 697  C C    . THR A 1 45 ? 9.708   2.151   -0.304  1.00 0.00 ? 45 THR A C    1 
ATOM 698  O O    . THR A 1 45 ? 10.566  1.834   0.495   1.00 0.00 ? 45 THR A O    1 
ATOM 699  C CB   . THR A 1 45 ? 8.901   4.517   -0.145  1.00 0.00 ? 45 THR A CB   1 
ATOM 700  O OG1  . THR A 1 45 ? 9.641   5.019   0.959   1.00 0.00 ? 45 THR A OG1  1 
ATOM 701  C CG2  . THR A 1 45 ? 7.628   5.341   -0.325  1.00 0.00 ? 45 THR A CG2  1 
ATOM 702  H H    . THR A 1 45 ? 8.991   2.623   2.171   1.00 0.00 ? 45 THR A H    1 
ATOM 703  H HA   . THR A 1 45 ? 7.650   2.791   -0.450  1.00 0.00 ? 45 THR A HA   1 
ATOM 704  H HB   . THR A 1 45 ? 9.498   4.590   -1.041  1.00 0.00 ? 45 THR A HB   1 
ATOM 705  H HG1  . THR A 1 45 ? 10.446  5.416   0.620   1.00 0.00 ? 45 THR A HG1  1 
ATOM 706  H HG21 . THR A 1 45 ? 6.905   4.770   -0.888  1.00 0.00 ? 45 THR A HG21 1 
ATOM 707  H HG22 . THR A 1 45 ? 7.863   6.250   -0.858  1.00 0.00 ? 45 THR A HG22 1 
ATOM 708  H HG23 . THR A 1 45 ? 7.219   5.586   0.643   1.00 0.00 ? 45 THR A HG23 1 
ATOM 709  N N    . GLN A 1 46 ? 9.757   1.754   -1.548  1.00 0.00 ? 46 GLN A N    1 
ATOM 710  C CA   . GLN A 1 46 ? 10.888  0.897   -2.009  1.00 0.00 ? 46 GLN A CA   1 
ATOM 711  C C    . GLN A 1 46 ? 11.345  1.336   -3.396  1.00 0.00 ? 46 GLN A C    1 
ATOM 712  O O    . GLN A 1 46 ? 10.713  2.146   -4.049  1.00 0.00 ? 46 GLN A O    1 
ATOM 713  C CB   . GLN A 1 46 ? 10.349  -0.532  -2.042  1.00 0.00 ? 46 GLN A CB   1 
ATOM 714  C CG   . GLN A 1 46 ? 11.396  -1.485  -2.627  1.00 0.00 ? 46 GLN A CG   1 
ATOM 715  C CD   . GLN A 1 46 ? 10.954  -2.932  -2.403  1.00 0.00 ? 46 GLN A CD   1 
ATOM 716  O OE1  . GLN A 1 46 ? 10.983  -3.736  -3.313  1.00 0.00 ? 46 GLN A OE1  1 
ATOM 717  N NE2  . GLN A 1 46 ? 10.543  -3.299  -1.221  1.00 0.00 ? 46 GLN A NE2  1 
ATOM 718  H H    . GLN A 1 46 ? 9.060   2.033   -2.183  1.00 0.00 ? 46 GLN A H    1 
ATOM 719  H HA   . GLN A 1 46 ? 11.705  0.957   -1.315  1.00 0.00 ? 46 GLN A HA   1 
ATOM 720  H HB2  . GLN A 1 46 ? 10.118  -0.837  -1.042  1.00 0.00 ? 46 GLN A HB2  1 
ATOM 721  H HB3  . GLN A 1 46 ? 9.465   -0.562  -2.645  1.00 0.00 ? 46 GLN A HB3  1 
ATOM 722  H HG2  . GLN A 1 46 ? 11.500  -1.301  -3.685  1.00 0.00 ? 46 GLN A HG2  1 
ATOM 723  H HG3  . GLN A 1 46 ? 12.344  -1.323  -2.137  1.00 0.00 ? 46 GLN A HG3  1 
ATOM 724  H HE21 . GLN A 1 46 ? 10.520  -2.650  -0.488  1.00 0.00 ? 46 GLN A HE21 1 
ATOM 725  H HE22 . GLN A 1 46 ? 10.253  -4.222  -1.068  1.00 0.00 ? 46 GLN A HE22 1 
ATOM 726  N N    . VAL A 1 47 ? 12.441  0.803   -3.839  1.00 0.00 ? 47 VAL A N    1 
ATOM 727  C CA   . VAL A 1 47 ? 12.970  1.176   -5.182  1.00 0.00 ? 47 VAL A CA   1 
ATOM 728  C C    . VAL A 1 47 ? 13.207  -0.077  -6.032  1.00 0.00 ? 47 VAL A C    1 
ATOM 729  O O    . VAL A 1 47 ? 14.051  -0.898  -5.733  1.00 0.00 ? 47 VAL A O    1 
ATOM 730  C CB   . VAL A 1 47 ? 14.291  1.897   -4.906  1.00 0.00 ? 47 VAL A CB   1 
ATOM 731  C CG1  . VAL A 1 47 ? 14.898  2.379   -6.226  1.00 0.00 ? 47 VAL A CG1  1 
ATOM 732  C CG2  . VAL A 1 47 ? 14.036  3.101   -3.996  1.00 0.00 ? 47 VAL A CG2  1 
ATOM 733  H H    . VAL A 1 47 ? 12.916  0.153   -3.282  1.00 0.00 ? 47 VAL A H    1 
ATOM 734  H HA   . VAL A 1 47 ? 12.283  1.845   -5.683  1.00 0.00 ? 47 VAL A HA   1 
ATOM 735  H HB   . VAL A 1 47 ? 14.978  1.218   -4.422  1.00 0.00 ? 47 VAL A HB   1 
ATOM 736  H HG11 . VAL A 1 47 ? 14.608  3.404   -6.402  1.00 0.00 ? 47 VAL A HG11 1 
ATOM 737  H HG12 . VAL A 1 47 ? 14.541  1.760   -7.035  1.00 0.00 ? 47 VAL A HG12 1 
ATOM 738  H HG13 . VAL A 1 47 ? 15.975  2.315   -6.172  1.00 0.00 ? 47 VAL A HG13 1 
ATOM 739  H HG21 . VAL A 1 47 ? 13.457  3.840   -4.530  1.00 0.00 ? 47 VAL A HG21 1 
ATOM 740  H HG22 . VAL A 1 47 ? 14.980  3.533   -3.696  1.00 0.00 ? 47 VAL A HG22 1 
ATOM 741  H HG23 . VAL A 1 47 ? 13.492  2.782   -3.120  1.00 0.00 ? 47 VAL A HG23 1 
ATOM 742  N N    . VAL A 1 48 ? 12.466  -0.213  -7.093  1.00 0.00 ? 48 VAL A N    1 
ATOM 743  C CA   . VAL A 1 48 ? 12.621  -1.391  -7.997  1.00 0.00 ? 48 VAL A CA   1 
ATOM 744  C C    . VAL A 1 48 ? 12.449  -0.909  -9.435  1.00 0.00 ? 48 VAL A C    1 
ATOM 745  O O    . VAL A 1 48 ? 13.129  -0.001  -9.873  1.00 0.00 ? 48 VAL A O    1 
ATOM 746  C CB   . VAL A 1 48 ? 11.512  -2.367  -7.578  1.00 0.00 ? 48 VAL A CB   1 
ATOM 747  C CG1  . VAL A 1 48 ? 11.789  -3.744  -8.185  1.00 0.00 ? 48 VAL A CG1  1 
ATOM 748  C CG2  . VAL A 1 48 ? 11.476  -2.493  -6.051  1.00 0.00 ? 48 VAL A CG2  1 
ATOM 749  H H    . VAL A 1 48 ? 11.799  0.476   -7.308  1.00 0.00 ? 48 VAL A H    1 
ATOM 750  H HA   . VAL A 1 48 ? 13.572  -1.850  -7.877  1.00 0.00 ? 48 VAL A HA   1 
ATOM 751  H HB   . VAL A 1 48 ? 10.565  -2.001  -7.932  1.00 0.00 ? 48 VAL A HB   1 
ATOM 752  H HG11 . VAL A 1 48 ? 12.340  -3.628  -9.106  1.00 0.00 ? 48 VAL A HG11 1 
ATOM 753  H HG12 . VAL A 1 48 ? 10.851  -4.243  -8.388  1.00 0.00 ? 48 VAL A HG12 1 
ATOM 754  H HG13 . VAL A 1 48 ? 12.367  -4.335  -7.491  1.00 0.00 ? 48 VAL A HG13 1 
ATOM 755  H HG21 . VAL A 1 48 ? 10.883  -3.352  -5.775  1.00 0.00 ? 48 VAL A HG21 1 
ATOM 756  H HG22 . VAL A 1 48 ? 11.040  -1.602  -5.626  1.00 0.00 ? 48 VAL A HG22 1 
ATOM 757  H HG23 . VAL A 1 48 ? 12.483  -2.615  -5.676  1.00 0.00 ? 48 VAL A HG23 1 
ATOM 758  N N    . ALA A 1 49 ? 11.535  -1.469  -10.160 1.00 0.00 ? 49 ALA A N    1 
ATOM 759  C CA   . ALA A 1 49 ? 11.303  -0.998  -11.555 1.00 0.00 ? 49 ALA A CA   1 
ATOM 760  C C    . ALA A 1 49 ? 10.503  0.299   -11.481 1.00 0.00 ? 49 ALA A C    1 
ATOM 761  O O    . ALA A 1 49 ? 9.435   0.422   -12.045 1.00 0.00 ? 49 ALA A O    1 
ATOM 762  C CB   . ALA A 1 49 ? 10.467  -2.090  -12.211 1.00 0.00 ? 49 ALA A CB   1 
ATOM 763  H H    . ALA A 1 49 ? 10.987  -2.178  -9.782  1.00 0.00 ? 49 ALA A H    1 
ATOM 764  H HA   . ALA A 1 49 ? 12.234  -0.857  -12.080 1.00 0.00 ? 49 ALA A HA   1 
ATOM 765  H HB1  . ALA A 1 49 ? 9.418   -1.883  -12.049 1.00 0.00 ? 49 ALA A HB1  1 
ATOM 766  H HB2  . ALA A 1 49 ? 10.716  -3.045  -11.776 1.00 0.00 ? 49 ALA A HB2  1 
ATOM 767  H HB3  . ALA A 1 49 ? 10.668  -2.110  -13.272 1.00 0.00 ? 49 ALA A HB3  1 
ATOM 768  N N    . GLY A 1 50 ? 11.008  1.252   -10.749 1.00 0.00 ? 50 GLY A N    1 
ATOM 769  C CA   . GLY A 1 50 ? 10.284  2.534   -10.575 1.00 0.00 ? 50 GLY A CA   1 
ATOM 770  C C    . GLY A 1 50 ? 10.213  2.829   -9.082  1.00 0.00 ? 50 GLY A C    1 
ATOM 771  O O    . GLY A 1 50 ? 11.188  2.699   -8.366  1.00 0.00 ? 50 GLY A O    1 
ATOM 772  H H    . GLY A 1 50 ? 11.857  1.113   -10.287 1.00 0.00 ? 50 GLY A H    1 
ATOM 773  H HA2  . GLY A 1 50 ? 10.804  3.329   -11.077 1.00 0.00 ? 50 GLY A HA2  1 
ATOM 774  H HA3  . GLY A 1 50 ? 9.289   2.444   -10.970 1.00 0.00 ? 50 GLY A HA3  1 
ATOM 775  N N    . THR A 1 51 ? 9.072   3.221   -8.608  1.00 0.00 ? 51 THR A N    1 
ATOM 776  C CA   . THR A 1 51 ? 8.942   3.527   -7.154  1.00 0.00 ? 51 THR A CA   1 
ATOM 777  C C    . THR A 1 51 ? 7.585   3.073   -6.597  1.00 0.00 ? 51 THR A C    1 
ATOM 778  O O    . THR A 1 51 ? 6.540   3.431   -7.100  1.00 0.00 ? 51 THR A O    1 
ATOM 779  C CB   . THR A 1 51 ? 9.052   5.049   -7.074  1.00 0.00 ? 51 THR A CB   1 
ATOM 780  O OG1  . THR A 1 51 ? 9.745   5.414   -5.890  1.00 0.00 ? 51 THR A OG1  1 
ATOM 781  C CG2  . THR A 1 51 ? 7.646   5.651   -7.057  1.00 0.00 ? 51 THR A CG2  1 
ATOM 782  H H    . THR A 1 51 ? 8.308   3.319   -9.209  1.00 0.00 ? 51 THR A H    1 
ATOM 783  H HA   . THR A 1 51 ? 9.751   3.073   -6.600  1.00 0.00 ? 51 THR A HA   1 
ATOM 784  H HB   . THR A 1 51 ? 9.584   5.418   -7.936  1.00 0.00 ? 51 THR A HB   1 
ATOM 785  H HG1  . THR A 1 51 ? 10.661  5.140   -5.985  1.00 0.00 ? 51 THR A HG1  1 
ATOM 786  H HG21 . THR A 1 51 ? 7.148   5.373   -6.138  1.00 0.00 ? 51 THR A HG21 1 
ATOM 787  H HG22 . THR A 1 51 ? 7.089   5.261   -7.892  1.00 0.00 ? 51 THR A HG22 1 
ATOM 788  H HG23 . THR A 1 51 ? 7.705   6.719   -7.130  1.00 0.00 ? 51 THR A HG23 1 
ATOM 789  N N    . ASN A 1 52 ? 7.590   2.317   -5.547  1.00 0.00 ? 52 ASN A N    1 
ATOM 790  C CA   . ASN A 1 52 ? 6.315   1.878   -4.938  1.00 0.00 ? 52 ASN A CA   1 
ATOM 791  C C    . ASN A 1 52 ? 6.133   2.531   -3.566  1.00 0.00 ? 52 ASN A C    1 
ATOM 792  O O    . ASN A 1 52 ? 6.996   3.233   -3.074  1.00 0.00 ? 52 ASN A O    1 
ATOM 793  C CB   . ASN A 1 52 ? 6.422   0.369   -4.749  1.00 0.00 ? 52 ASN A CB   1 
ATOM 794  C CG   . ASN A 1 52 ? 7.522   -0.228  -5.637  1.00 0.00 ? 52 ASN A CG   1 
ATOM 795  O OD1  . ASN A 1 52 ? 7.635   0.108   -6.797  1.00 0.00 ? 52 ASN A OD1  1 
ATOM 796  N ND2  . ASN A 1 52 ? 8.341   -1.108  -5.130  1.00 0.00 ? 52 ASN A ND2  1 
ATOM 797  H H    . ASN A 1 52 ? 8.422   2.048   -5.158  1.00 0.00 ? 52 ASN A H    1 
ATOM 798  H HA   . ASN A 1 52 ? 5.488   2.118   -5.580  1.00 0.00 ? 52 ASN A HA   1 
ATOM 799  H HB2  . ASN A 1 52 ? 6.644   0.170   -3.714  1.00 0.00 ? 52 ASN A HB2  1 
ATOM 800  H HB3  . ASN A 1 52 ? 5.480   -0.078  -4.999  1.00 0.00 ? 52 ASN A HB3  1 
ATOM 801  H HD21 . ASN A 1 52 ? 8.251   -1.380  -4.194  1.00 0.00 ? 52 ASN A HD21 1 
ATOM 802  H HD22 . ASN A 1 52 ? 9.048   -1.497  -5.688  1.00 0.00 ? 52 ASN A HD22 1 
ATOM 803  N N    . TYR A 1 53 ? 5.014   2.278   -2.944  1.00 0.00 ? 53 TYR A N    1 
ATOM 804  C CA   . TYR A 1 53 ? 4.745   2.847   -1.603  1.00 0.00 ? 53 TYR A CA   1 
ATOM 805  C C    . TYR A 1 53 ? 3.953   1.836   -0.768  1.00 0.00 ? 53 TYR A C    1 
ATOM 806  O O    . TYR A 1 53 ? 2.902   1.376   -1.171  1.00 0.00 ? 53 TYR A O    1 
ATOM 807  C CB   . TYR A 1 53 ? 3.885   4.074   -1.866  1.00 0.00 ? 53 TYR A CB   1 
ATOM 808  C CG   . TYR A 1 53 ? 4.742   5.314   -1.960  1.00 0.00 ? 53 TYR A CG   1 
ATOM 809  C CD1  . TYR A 1 53 ? 5.485   5.567   -3.119  1.00 0.00 ? 53 TYR A CD1  1 
ATOM 810  C CD2  . TYR A 1 53 ? 4.783   6.219   -0.891  1.00 0.00 ? 53 TYR A CD2  1 
ATOM 811  C CE1  . TYR A 1 53 ? 6.269   6.724   -3.210  1.00 0.00 ? 53 TYR A CE1  1 
ATOM 812  C CE2  . TYR A 1 53 ? 5.568   7.375   -0.982  1.00 0.00 ? 53 TYR A CE2  1 
ATOM 813  C CZ   . TYR A 1 53 ? 6.310   7.628   -2.141  1.00 0.00 ? 53 TYR A CZ   1 
ATOM 814  O OH   . TYR A 1 53 ? 7.082   8.769   -2.231  1.00 0.00 ? 53 TYR A OH   1 
ATOM 815  H H    . TYR A 1 53 ? 4.346   1.699   -3.364  1.00 0.00 ? 53 TYR A H    1 
ATOM 816  H HA   . TYR A 1 53 ? 5.661   3.125   -1.111  1.00 0.00 ? 53 TYR A HA   1 
ATOM 817  H HB2  . TYR A 1 53 ? 3.346   3.942   -2.793  1.00 0.00 ? 53 TYR A HB2  1 
ATOM 818  H HB3  . TYR A 1 53 ? 3.181   4.185   -1.058  1.00 0.00 ? 53 TYR A HB3  1 
ATOM 819  H HD1  . TYR A 1 53 ? 5.453   4.872   -3.943  1.00 0.00 ? 53 TYR A HD1  1 
ATOM 820  H HD2  . TYR A 1 53 ? 4.210   6.024   0.004   1.00 0.00 ? 53 TYR A HD2  1 
ATOM 821  H HE1  . TYR A 1 53 ? 6.842   6.919   -4.105  1.00 0.00 ? 53 TYR A HE1  1 
ATOM 822  H HE2  . TYR A 1 53 ? 5.599   8.073   -0.157  1.00 0.00 ? 53 TYR A HE2  1 
ATOM 823  H HH   . TYR A 1 53 ? 6.648   9.374   -2.835  1.00 0.00 ? 53 TYR A HH   1 
ATOM 824  N N    . TYR A 1 54 ? 4.435   1.501   0.394   1.00 0.00 ? 54 TYR A N    1 
ATOM 825  C CA   . TYR A 1 54 ? 3.694   0.534   1.259   1.00 0.00 ? 54 TYR A CA   1 
ATOM 826  C C    . TYR A 1 54 ? 2.933   1.329   2.321   1.00 0.00 ? 54 TYR A C    1 
ATOM 827  O O    . TYR A 1 54 ? 3.426   2.325   2.814   1.00 0.00 ? 54 TYR A O    1 
ATOM 828  C CB   . TYR A 1 54 ? 4.771   -0.356  1.893   1.00 0.00 ? 54 TYR A CB   1 
ATOM 829  C CG   . TYR A 1 54 ? 5.707   -0.902  0.830   1.00 0.00 ? 54 TYR A CG   1 
ATOM 830  C CD1  . TYR A 1 54 ? 5.290   -1.003  -0.507  1.00 0.00 ? 54 TYR A CD1  1 
ATOM 831  C CD2  . TYR A 1 54 ? 7.000   -1.305  1.186   1.00 0.00 ? 54 TYR A CD2  1 
ATOM 832  C CE1  . TYR A 1 54 ? 6.165   -1.502  -1.478  1.00 0.00 ? 54 TYR A CE1  1 
ATOM 833  C CE2  . TYR A 1 54 ? 7.873   -1.806  0.213   1.00 0.00 ? 54 TYR A CE2  1 
ATOM 834  C CZ   . TYR A 1 54 ? 7.454   -1.904  -1.118  1.00 0.00 ? 54 TYR A CZ   1 
ATOM 835  O OH   . TYR A 1 54 ? 8.312   -2.397  -2.079  1.00 0.00 ? 54 TYR A OH   1 
ATOM 836  H H    . TYR A 1 54 ? 5.275   1.895   0.705   1.00 0.00 ? 54 TYR A H    1 
ATOM 837  H HA   . TYR A 1 54 ? 3.014   -0.061  0.668   1.00 0.00 ? 54 TYR A HA   1 
ATOM 838  H HB2  . TYR A 1 54 ? 5.342   0.224   2.598   1.00 0.00 ? 54 TYR A HB2  1 
ATOM 839  H HB3  . TYR A 1 54 ? 4.298   -1.179  2.408   1.00 0.00 ? 54 TYR A HB3  1 
ATOM 840  H HD1  . TYR A 1 54 ? 4.294   -0.695  -0.787  1.00 0.00 ? 54 TYR A HD1  1 
ATOM 841  H HD2  . TYR A 1 54 ? 7.324   -1.230  2.214   1.00 0.00 ? 54 TYR A HD2  1 
ATOM 842  H HE1  . TYR A 1 54 ? 5.844   -1.578  -2.506  1.00 0.00 ? 54 TYR A HE1  1 
ATOM 843  H HE2  . TYR A 1 54 ? 8.869   -2.117  0.490   1.00 0.00 ? 54 TYR A HE2  1 
ATOM 844  H HH   . TYR A 1 54 ? 7.963   -3.238  -2.384  1.00 0.00 ? 54 TYR A HH   1 
ATOM 845  N N    . ILE A 1 55 ? 1.729   0.940   2.661   1.00 0.00 ? 55 ILE A N    1 
ATOM 846  C CA   . ILE A 1 55 ? 0.973   1.749   3.667   1.00 0.00 ? 55 ILE A CA   1 
ATOM 847  C C    . ILE A 1 55 ? 0.365   0.906   4.777   1.00 0.00 ? 55 ILE A C    1 
ATOM 848  O O    . ILE A 1 55 ? -0.333  -0.063  4.531   1.00 0.00 ? 55 ILE A O    1 
ATOM 849  C CB   . ILE A 1 55 ? -0.173  2.413   2.903   1.00 0.00 ? 55 ILE A CB   1 
ATOM 850  C CG1  . ILE A 1 55 ? 0.286   2.847   1.503   1.00 0.00 ? 55 ILE A CG1  1 
ATOM 851  C CG2  . ILE A 1 55 ? -0.649  3.636   3.683   1.00 0.00 ? 55 ILE A CG2  1 
ATOM 852  C CD1  . ILE A 1 55 ? 1.473   3.802   1.630   1.00 0.00 ? 55 ILE A CD1  1 
ATOM 853  H H    . ILE A 1 55 ? 1.320   0.154   2.240   1.00 0.00 ? 55 ILE A H    1 
ATOM 854  H HA   . ILE A 1 55 ? 1.608   2.511   4.085   1.00 0.00 ? 55 ILE A HA   1 
ATOM 855  H HB   . ILE A 1 55 ? -0.990  1.710   2.822   1.00 0.00 ? 55 ILE A HB   1 
ATOM 856  H HG12 . ILE A 1 55 ? 0.580   1.978   0.933   1.00 0.00 ? 55 ILE A HG12 1 
ATOM 857  H HG13 . ILE A 1 55 ? -0.526  3.351   0.999   1.00 0.00 ? 55 ILE A HG13 1 
ATOM 858  H HG21 . ILE A 1 55 ? -0.789  3.368   4.721   1.00 0.00 ? 55 ILE A HG21 1 
ATOM 859  H HG22 . ILE A 1 55 ? -1.584  3.984   3.271   1.00 0.00 ? 55 ILE A HG22 1 
ATOM 860  H HG23 . ILE A 1 55 ? 0.091   4.419   3.611   1.00 0.00 ? 55 ILE A HG23 1 
ATOM 861  H HD11 . ILE A 1 55 ? 2.304   3.425   1.053   1.00 0.00 ? 55 ILE A HD11 1 
ATOM 862  H HD12 . ILE A 1 55 ? 1.761   3.874   2.666   1.00 0.00 ? 55 ILE A HD12 1 
ATOM 863  H HD13 . ILE A 1 55 ? 1.195   4.779   1.266   1.00 0.00 ? 55 ILE A HD13 1 
ATOM 864  N N    . LYS A 1 56 ? 0.570   1.328   5.997   1.00 0.00 ? 56 LYS A N    1 
ATOM 865  C CA   . LYS A 1 56 ? -0.044  0.631   7.152   1.00 0.00 ? 56 LYS A CA   1 
ATOM 866  C C    . LYS A 1 56 ? -1.385  1.315   7.443   1.00 0.00 ? 56 LYS A C    1 
ATOM 867  O O    . LYS A 1 56 ? -1.483  2.157   8.320   1.00 0.00 ? 56 LYS A O    1 
ATOM 868  C CB   . LYS A 1 56 ? 0.926   0.839   8.317   1.00 0.00 ? 56 LYS A CB   1 
ATOM 869  C CG   . LYS A 1 56 ? 0.492   -0.024  9.504   1.00 0.00 ? 56 LYS A CG   1 
ATOM 870  C CD   . LYS A 1 56 ? 1.415   0.241   10.694  1.00 0.00 ? 56 LYS A CD   1 
ATOM 871  C CE   . LYS A 1 56 ? 1.462   -0.998  11.591  1.00 0.00 ? 56 LYS A CE   1 
ATOM 872  N NZ   . LYS A 1 56 ? 2.308   -0.602  12.750  1.00 0.00 ? 56 LYS A NZ   1 
ATOM 873  H H    . LYS A 1 56 ? 1.099   2.141   6.147   1.00 0.00 ? 56 LYS A H    1 
ATOM 874  H HA   . LYS A 1 56 ? -0.179  -0.419  6.946   1.00 0.00 ? 56 LYS A HA   1 
ATOM 875  H HB2  . LYS A 1 56 ? 1.923   0.560   8.013   1.00 0.00 ? 56 LYS A HB2  1 
ATOM 876  H HB3  . LYS A 1 56 ? 0.918   1.878   8.611   1.00 0.00 ? 56 LYS A HB3  1 
ATOM 877  H HG2  . LYS A 1 56 ? -0.525  0.221   9.773   1.00 0.00 ? 56 LYS A HG2  1 
ATOM 878  H HG3  . LYS A 1 56 ? 0.550   -1.068  9.230   1.00 0.00 ? 56 LYS A HG3  1 
ATOM 879  H HD2  . LYS A 1 56 ? 2.410   0.464   10.335  1.00 0.00 ? 56 LYS A HD2  1 
ATOM 880  H HD3  . LYS A 1 56 ? 1.040   1.079   11.261  1.00 0.00 ? 56 LYS A HD3  1 
ATOM 881  H HE2  . LYS A 1 56 ? 0.465   -1.259  11.922  1.00 0.00 ? 56 LYS A HE2  1 
ATOM 882  H HE3  . LYS A 1 56 ? 1.915   -1.826  11.068  1.00 0.00 ? 56 LYS A HE3  1 
ATOM 883  H HZ1  . LYS A 1 56 ? 3.268   -0.379  12.419  1.00 0.00 ? 56 LYS A HZ1  1 
ATOM 884  H HZ2  . LYS A 1 56 ? 2.350   -1.386  13.432  1.00 0.00 ? 56 LYS A HZ2  1 
ATOM 885  H HZ3  . LYS A 1 56 ? 1.899   0.237   13.208  1.00 0.00 ? 56 LYS A HZ3  1 
ATOM 886  N N    . VAL A 1 57 ? -2.404  0.991   6.688   1.00 0.00 ? 57 VAL A N    1 
ATOM 887  C CA   . VAL A 1 57 ? -3.732  1.642   6.899   1.00 0.00 ? 57 VAL A CA   1 
ATOM 888  C C    . VAL A 1 57 ? -4.708  0.664   7.558   1.00 0.00 ? 57 VAL A C    1 
ATOM 889  O O    . VAL A 1 57 ? -4.625  -0.533  7.371   1.00 0.00 ? 57 VAL A O    1 
ATOM 890  C CB   . VAL A 1 57 ? -4.214  2.032   5.493   1.00 0.00 ? 57 VAL A CB   1 
ATOM 891  C CG1  . VAL A 1 57 ? -4.295  0.785   4.610   1.00 0.00 ? 57 VAL A CG1  1 
ATOM 892  C CG2  . VAL A 1 57 ? -5.597  2.686   5.577   1.00 0.00 ? 57 VAL A CG2  1 
ATOM 893  H H    . VAL A 1 57 ? -2.293  0.333   5.968   1.00 0.00 ? 57 VAL A H    1 
ATOM 894  H HA   . VAL A 1 57 ? -3.622  2.526   7.507   1.00 0.00 ? 57 VAL A HA   1 
ATOM 895  H HB   . VAL A 1 57 ? -3.517  2.731   5.057   1.00 0.00 ? 57 VAL A HB   1 
ATOM 896  H HG11 . VAL A 1 57 ? -4.928  0.987   3.758   1.00 0.00 ? 57 VAL A HG11 1 
ATOM 897  H HG12 . VAL A 1 57 ? -4.709  -0.034  5.179   1.00 0.00 ? 57 VAL A HG12 1 
ATOM 898  H HG13 . VAL A 1 57 ? -3.307  0.522   4.269   1.00 0.00 ? 57 VAL A HG13 1 
ATOM 899  H HG21 . VAL A 1 57 ? -5.498  3.752   5.436   1.00 0.00 ? 57 VAL A HG21 1 
ATOM 900  H HG22 . VAL A 1 57 ? -6.035  2.490   6.543   1.00 0.00 ? 57 VAL A HG22 1 
ATOM 901  H HG23 . VAL A 1 57 ? -6.233  2.281   4.804   1.00 0.00 ? 57 VAL A HG23 1 
ATOM 902  N N    . ARG A 1 58 ? -5.624  1.172   8.338   1.00 0.00 ? 58 ARG A N    1 
ATOM 903  C CA   . ARG A 1 58 ? -6.606  0.294   9.026   1.00 0.00 ? 58 ARG A CA   1 
ATOM 904  C C    . ARG A 1 58 ? -7.979  0.401   8.357   1.00 0.00 ? 58 ARG A C    1 
ATOM 905  O O    . ARG A 1 58 ? -8.246  1.317   7.606   1.00 0.00 ? 58 ARG A O    1 
ATOM 906  C CB   . ARG A 1 58 ? -6.629  0.842   10.450  1.00 0.00 ? 58 ARG A CB   1 
ATOM 907  C CG   . ARG A 1 58 ? -7.955  0.518   11.145  1.00 0.00 ? 58 ARG A CG   1 
ATOM 908  C CD   . ARG A 1 58 ? -7.790  0.672   12.659  1.00 0.00 ? 58 ARG A CD   1 
ATOM 909  N NE   . ARG A 1 58 ? -7.559  2.129   12.875  1.00 0.00 ? 58 ARG A NE   1 
ATOM 910  C CZ   . ARG A 1 58 ? -6.756  2.529   13.823  1.00 0.00 ? 58 ARG A CZ   1 
ATOM 911  N NH1  . ARG A 1 58 ? -6.755  1.922   14.979  1.00 0.00 ? 58 ARG A NH1  1 
ATOM 912  N NH2  . ARG A 1 58 ? -5.954  3.539   13.617  1.00 0.00 ? 58 ARG A NH2  1 
ATOM 913  H H    . ARG A 1 58 ? -5.659  2.138   8.484   1.00 0.00 ? 58 ARG A H    1 
ATOM 914  H HA   . ARG A 1 58 ? -6.265  -0.726  9.029   1.00 0.00 ? 58 ARG A HA   1 
ATOM 915  H HB2  . ARG A 1 58 ? -5.825  0.392   10.995  1.00 0.00 ? 58 ARG A HB2  1 
ATOM 916  H HB3  . ARG A 1 58 ? -6.488  1.914   10.420  1.00 0.00 ? 58 ARG A HB3  1 
ATOM 917  H HG2  . ARG A 1 58 ? -8.718  1.198   10.795  1.00 0.00 ? 58 ARG A HG2  1 
ATOM 918  H HG3  . ARG A 1 58 ? -8.243  -0.497  10.920  1.00 0.00 ? 58 ARG A HG3  1 
ATOM 919  H HD2  . ARG A 1 58 ? -8.688  0.352   13.168  1.00 0.00 ? 58 ARG A HD2  1 
ATOM 920  H HD3  . ARG A 1 58 ? -6.937  0.109   13.004  1.00 0.00 ? 58 ARG A HD3  1 
ATOM 921  H HE   . ARG A 1 58 ? -8.010  2.786   12.305  1.00 0.00 ? 58 ARG A HE   1 
ATOM 922  H HH11 . ARG A 1 58 ? -7.369  1.148   15.137  1.00 0.00 ? 58 ARG A HH11 1 
ATOM 923  H HH12 . ARG A 1 58 ? -6.140  2.229   15.705  1.00 0.00 ? 58 ARG A HH12 1 
ATOM 924  H HH21 . ARG A 1 58 ? -5.954  4.004   12.732  1.00 0.00 ? 58 ARG A HH21 1 
ATOM 925  H HH22 . ARG A 1 58 ? -5.339  3.845   14.343  1.00 0.00 ? 58 ARG A HH22 1 
ATOM 926  N N    . ALA A 1 59 ? -8.848  -0.535  8.625   1.00 0.00 ? 59 ALA A N    1 
ATOM 927  C CA   . ALA A 1 59 ? -10.209 -0.494  7.998   1.00 0.00 ? 59 ALA A CA   1 
ATOM 928  C C    . ALA A 1 59 ? -11.302 -0.772  9.034   1.00 0.00 ? 59 ALA A C    1 
ATOM 929  O O    . ALA A 1 59 ? -12.322 -1.359  8.730   1.00 0.00 ? 59 ALA A O    1 
ATOM 930  C CB   . ALA A 1 59 ? -10.195 -1.589  6.927   1.00 0.00 ? 59 ALA A CB   1 
ATOM 931  H H    . ALA A 1 59 ? -8.604  -1.263  9.237   1.00 0.00 ? 59 ALA A H    1 
ATOM 932  H HA   . ALA A 1 59 ? -10.374 0.464   7.537   1.00 0.00 ? 59 ALA A HA   1 
ATOM 933  H HB1  . ALA A 1 59 ? -11.194 -1.979  6.798   1.00 0.00 ? 59 ALA A HB1  1 
ATOM 934  H HB2  . ALA A 1 59 ? -9.535  -2.386  7.233   1.00 0.00 ? 59 ALA A HB2  1 
ATOM 935  H HB3  . ALA A 1 59 ? -9.848  -1.174  5.991   1.00 0.00 ? 59 ALA A HB3  1 
ATOM 936  N N    . GLY A 1 60 ? -11.096 -0.357  10.251  1.00 0.00 ? 60 GLY A N    1 
ATOM 937  C CA   . GLY A 1 60 ? -12.109 -0.589  11.309  1.00 0.00 ? 60 GLY A CA   1 
ATOM 938  C C    . GLY A 1 60 ? -11.564 -0.079  12.629  1.00 0.00 ? 60 GLY A C    1 
ATOM 939  O O    . GLY A 1 60 ? -11.307 1.094   12.815  1.00 0.00 ? 60 GLY A O    1 
ATOM 940  H H    . GLY A 1 60 ? -10.269 0.106   10.474  1.00 0.00 ? 60 GLY A H    1 
ATOM 941  H HA2  . GLY A 1 60 ? -13.017 -0.077  11.075  1.00 0.00 ? 60 GLY A HA2  1 
ATOM 942  H HA3  . GLY A 1 60 ? -12.305 -1.646  11.394  1.00 0.00 ? 60 GLY A HA3  1 
ATOM 943  N N    . ASP A 1 61 ? -11.377 -0.974  13.528  1.00 0.00 ? 61 ASP A N    1 
ATOM 944  C CA   . ASP A 1 61 ? -10.829 -0.620  14.868  1.00 0.00 ? 61 ASP A CA   1 
ATOM 945  C C    . ASP A 1 61 ? -10.093 -1.821  15.460  1.00 0.00 ? 61 ASP A C    1 
ATOM 946  O O    . ASP A 1 61 ? -9.901  -1.927  16.655  1.00 0.00 ? 61 ASP A O    1 
ATOM 947  C CB   . ASP A 1 61 ? -12.044 -0.249  15.719  1.00 0.00 ? 61 ASP A CB   1 
ATOM 948  C CG   . ASP A 1 61 ? -11.727 0.998   16.547  1.00 0.00 ? 61 ASP A CG   1 
ATOM 949  O OD1  . ASP A 1 61 ? -11.478 2.033   15.951  1.00 0.00 ? 61 ASP A OD1  1 
ATOM 950  O OD2  . ASP A 1 61 ? -11.739 0.897   17.763  1.00 0.00 ? 61 ASP A OD2  1 
ATOM 951  H H    . ASP A 1 61 ? -11.591 -1.894  13.310  1.00 0.00 ? 61 ASP A H    1 
ATOM 952  H HA   . ASP A 1 61 ? -10.163 0.216   14.782  1.00 0.00 ? 61 ASP A HA   1 
ATOM 953  H HB2  . ASP A 1 61 ? -12.888 -0.050  15.075  1.00 0.00 ? 61 ASP A HB2  1 
ATOM 954  H HB3  . ASP A 1 61 ? -12.282 -1.068  16.382  1.00 0.00 ? 61 ASP A HB3  1 
ATOM 955  N N    . ASN A 1 62 ? -9.687  -2.725  14.616  1.00 0.00 ? 62 ASN A N    1 
ATOM 956  C CA   . ASN A 1 62 ? -8.964  -3.937  15.076  1.00 0.00 ? 62 ASN A CA   1 
ATOM 957  C C    . ASN A 1 62 ? -8.452  -4.712  13.861  1.00 0.00 ? 62 ASN A C    1 
ATOM 958  O O    . ASN A 1 62 ? -8.387  -5.926  13.865  1.00 0.00 ? 62 ASN A O    1 
ATOM 959  C CB   . ASN A 1 62 ? -10.011 -4.750  15.824  1.00 0.00 ? 62 ASN A CB   1 
ATOM 960  C CG   . ASN A 1 62 ? -9.825  -4.573  17.332  1.00 0.00 ? 62 ASN A CG   1 
ATOM 961  O OD1  . ASN A 1 62 ? -8.725  -4.358  17.799  1.00 0.00 ? 62 ASN A OD1  1 
ATOM 962  N ND2  . ASN A 1 62 ? -10.863 -4.653  18.118  1.00 0.00 ? 62 ASN A ND2  1 
ATOM 963  H H    . ASN A 1 62 ? -9.862  -2.608  13.668  1.00 0.00 ? 62 ASN A H    1 
ATOM 964  H HA   . ASN A 1 62 ? -8.154  -3.672  15.730  1.00 0.00 ? 62 ASN A HA   1 
ATOM 965  H HB2  . ASN A 1 62 ? -10.996 -4.408  15.541  1.00 0.00 ? 62 ASN A HB2  1 
ATOM 966  H HB3  . ASN A 1 62 ? -9.906  -5.785  15.564  1.00 0.00 ? 62 ASN A HB3  1 
ATOM 967  H HD21 . ASN A 1 62 ? -11.751 -4.827  17.743  1.00 0.00 ? 62 ASN A HD21 1 
ATOM 968  H HD22 . ASN A 1 62 ? -10.754 -4.541  19.086  1.00 0.00 ? 62 ASN A HD22 1 
ATOM 969  N N    . LYS A 1 63 ? -8.097  -4.012  12.819  1.00 0.00 ? 63 LYS A N    1 
ATOM 970  C CA   . LYS A 1 63 ? -7.595  -4.690  11.590  1.00 0.00 ? 63 LYS A CA   1 
ATOM 971  C C    . LYS A 1 63 ? -6.763  -3.715  10.754  1.00 0.00 ? 63 LYS A C    1 
ATOM 972  O O    . LYS A 1 63 ? -7.018  -2.525  10.737  1.00 0.00 ? 63 LYS A O    1 
ATOM 973  C CB   . LYS A 1 63 ? -8.855  -5.110  10.829  1.00 0.00 ? 63 LYS A CB   1 
ATOM 974  C CG   . LYS A 1 63 ? -9.053  -6.622  10.954  1.00 0.00 ? 63 LYS A CG   1 
ATOM 975  C CD   . LYS A 1 63 ? -10.548 -6.934  11.063  1.00 0.00 ? 63 LYS A CD   1 
ATOM 976  C CE   . LYS A 1 63 ? -10.831 -8.301  10.437  1.00 0.00 ? 63 LYS A CE   1 
ATOM 977  N NZ   . LYS A 1 63 ? -10.353 -9.291  11.443  1.00 0.00 ? 63 LYS A NZ   1 
ATOM 978  H H    . LYS A 1 63 ? -8.165  -3.036  12.845  1.00 0.00 ? 63 LYS A H    1 
ATOM 979  H HA   . LYS A 1 63 ? -7.012  -5.560  11.849  1.00 0.00 ? 63 LYS A HA   1 
ATOM 980  H HB2  . LYS A 1 63 ? -9.713  -4.597  11.242  1.00 0.00 ? 63 LYS A HB2  1 
ATOM 981  H HB3  . LYS A 1 63 ? -8.750  -4.848  9.787   1.00 0.00 ? 63 LYS A HB3  1 
ATOM 982  H HG2  . LYS A 1 63 ? -8.645  -7.112  10.083  1.00 0.00 ? 63 LYS A HG2  1 
ATOM 983  H HG3  . LYS A 1 63 ? -8.548  -6.979  11.839  1.00 0.00 ? 63 LYS A HG3  1 
ATOM 984  H HD2  . LYS A 1 63 ? -10.836 -6.947  12.105  1.00 0.00 ? 63 LYS A HD2  1 
ATOM 985  H HD3  . LYS A 1 63 ? -11.113 -6.177  10.541  1.00 0.00 ? 63 LYS A HD3  1 
ATOM 986  H HE2  . LYS A 1 63 ? -11.890 -8.421  10.260  1.00 0.00 ? 63 LYS A HE2  1 
ATOM 987  H HE3  . LYS A 1 63 ? -10.279 -8.415  9.517   1.00 0.00 ? 63 LYS A HE3  1 
ATOM 988  H HZ1  . LYS A 1 63 ? -10.608 -10.250 11.133  1.00 0.00 ? 63 LYS A HZ1  1 
ATOM 989  H HZ2  . LYS A 1 63 ? -10.801 -9.093  12.362  1.00 0.00 ? 63 LYS A HZ2  1 
ATOM 990  H HZ3  . LYS A 1 63 ? -9.322  -9.221  11.537  1.00 0.00 ? 63 LYS A HZ3  1 
ATOM 991  N N    . TYR A 1 64 ? -5.773  -4.209  10.062  1.00 0.00 ? 64 TYR A N    1 
ATOM 992  C CA   . TYR A 1 64 ? -4.922  -3.312  9.229   1.00 0.00 ? 64 TYR A CA   1 
ATOM 993  C C    . TYR A 1 64 ? -4.716  -3.908  7.858   1.00 0.00 ? 64 TYR A C    1 
ATOM 994  O O    . TYR A 1 64 ? -4.855  -5.097  7.646   1.00 0.00 ? 64 TYR A O    1 
ATOM 995  C CB   . TYR A 1 64 ? -3.598  -3.199  9.983   1.00 0.00 ? 64 TYR A CB   1 
ATOM 996  C CG   . TYR A 1 64 ? -3.562  -1.899  10.752  1.00 0.00 ? 64 TYR A CG   1 
ATOM 997  C CD1  . TYR A 1 64 ? -3.116  -0.728  10.127  1.00 0.00 ? 64 TYR A CD1  1 
ATOM 998  C CD2  . TYR A 1 64 ? -3.973  -1.866  12.089  1.00 0.00 ? 64 TYR A CD2  1 
ATOM 999  C CE1  . TYR A 1 64 ? -3.082  0.475   10.840  1.00 0.00 ? 64 TYR A CE1  1 
ATOM 1000 C CE2  . TYR A 1 64 ? -3.939  -0.662  12.802  1.00 0.00 ? 64 TYR A CE2  1 
ATOM 1001 C CZ   . TYR A 1 64 ? -3.493  0.509   12.178  1.00 0.00 ? 64 TYR A CZ   1 
ATOM 1002 O OH   . TYR A 1 64 ? -3.460  1.696   12.881  1.00 0.00 ? 64 TYR A OH   1 
ATOM 1003 H H    . TYR A 1 64 ? -5.586  -5.173  10.091  1.00 0.00 ? 64 TYR A H    1 
ATOM 1004 H HA   . TYR A 1 64 ? -5.370  -2.340  9.114   1.00 0.00 ? 64 TYR A HA   1 
ATOM 1005 H HB2  . TYR A 1 64 ? -3.504  -4.026  10.670  1.00 0.00 ? 64 TYR A HB2  1 
ATOM 1006 H HB3  . TYR A 1 64 ? -2.781  -3.221  9.279   1.00 0.00 ? 64 TYR A HB3  1 
ATOM 1007 H HD1  . TYR A 1 64 ? -2.799  -0.754  9.095   1.00 0.00 ? 64 TYR A HD1  1 
ATOM 1008 H HD2  . TYR A 1 64 ? -4.317  -2.769  12.571  1.00 0.00 ? 64 TYR A HD2  1 
ATOM 1009 H HE1  . TYR A 1 64 ? -2.738  1.379   10.358  1.00 0.00 ? 64 TYR A HE1  1 
ATOM 1010 H HE2  . TYR A 1 64 ? -4.257  -0.637  13.835  1.00 0.00 ? 64 TYR A HE2  1 
ATOM 1011 H HH   . TYR A 1 64 ? -4.272  2.174   12.695  1.00 0.00 ? 64 TYR A HH   1 
ATOM 1012 N N    . LEU A 1 65 ? -4.407  -3.070  6.923   1.00 0.00 ? 65 LEU A N    1 
ATOM 1013 C CA   . LEU A 1 65 ? -4.205  -3.541  5.542   1.00 0.00 ? 65 LEU A CA   1 
ATOM 1014 C C    . LEU A 1 65 ? -2.938  -2.917  4.970   1.00 0.00 ? 65 LEU A C    1 
ATOM 1015 O O    . LEU A 1 65 ? -2.760  -1.715  4.988   1.00 0.00 ? 65 LEU A O    1 
ATOM 1016 C CB   . LEU A 1 65 ? -5.430  -3.063  4.770   1.00 0.00 ? 65 LEU A CB   1 
ATOM 1017 C CG   . LEU A 1 65 ? -6.681  -3.061  5.660   1.00 0.00 ? 65 LEU A CG   1 
ATOM 1018 C CD1  . LEU A 1 65 ? -6.814  -1.709  6.362   1.00 0.00 ? 65 LEU A CD1  1 
ATOM 1019 C CD2  . LEU A 1 65 ? -7.917  -3.304  4.790   1.00 0.00 ? 65 LEU A CD2  1 
ATOM 1020 H H    . LEU A 1 65 ? -4.323  -2.116  7.130   1.00 0.00 ? 65 LEU A H    1 
ATOM 1021 H HA   . LEU A 1 65 ? -4.147  -4.614  5.511   1.00 0.00 ? 65 LEU A HA   1 
ATOM 1022 H HB2  . LEU A 1 65 ? -5.247  -2.073  4.399   1.00 0.00 ? 65 LEU A HB2  1 
ATOM 1023 H HB3  . LEU A 1 65 ? -5.592  -3.722  3.951   1.00 0.00 ? 65 LEU A HB3  1 
ATOM 1024 H HG   . LEU A 1 65 ? -6.602  -3.845  6.397   1.00 0.00 ? 65 LEU A HG   1 
ATOM 1025 H HD11 . LEU A 1 65 ? -6.212  -0.976  5.848   1.00 0.00 ? 65 LEU A HD11 1 
ATOM 1026 H HD12 . LEU A 1 65 ? -6.476  -1.800  7.383   1.00 0.00 ? 65 LEU A HD12 1 
ATOM 1027 H HD13 . LEU A 1 65 ? -7.846  -1.396  6.353   1.00 0.00 ? 65 LEU A HD13 1 
ATOM 1028 H HD21 . LEU A 1 65 ? -8.673  -3.810  5.371   1.00 0.00 ? 65 LEU A HD21 1 
ATOM 1029 H HD22 . LEU A 1 65 ? -7.647  -3.915  3.942   1.00 0.00 ? 65 LEU A HD22 1 
ATOM 1030 H HD23 . LEU A 1 65 ? -8.305  -2.357  4.443   1.00 0.00 ? 65 LEU A HD23 1 
ATOM 1031 N N    . HIS A 1 66 ? -2.061  -3.727  4.463   1.00 0.00 ? 66 HIS A N    1 
ATOM 1032 C CA   . HIS A 1 66 ? -0.799  -3.192  3.883   1.00 0.00 ? 66 HIS A CA   1 
ATOM 1033 C C    . HIS A 1 66 ? -0.882  -3.227  2.363   1.00 0.00 ? 66 HIS A C    1 
ATOM 1034 O O    . HIS A 1 66 ? -0.916  -4.283  1.765   1.00 0.00 ? 66 HIS A O    1 
ATOM 1035 C CB   . HIS A 1 66 ? 0.298   -4.134  4.368   1.00 0.00 ? 66 HIS A CB   1 
ATOM 1036 C CG   . HIS A 1 66 ? 0.800   -3.679  5.708   1.00 0.00 ? 66 HIS A CG   1 
ATOM 1037 N ND1  . HIS A 1 66 ? 1.089   -2.351  5.980   1.00 0.00 ? 66 HIS A ND1  1 
ATOM 1038 C CD2  . HIS A 1 66 ? 1.078   -4.367  6.861   1.00 0.00 ? 66 HIS A CD2  1 
ATOM 1039 C CE1  . HIS A 1 66 ? 1.520   -2.285  7.253   1.00 0.00 ? 66 HIS A CE1  1 
ATOM 1040 N NE2  . HIS A 1 66 ? 1.531   -3.486  7.835   1.00 0.00 ? 66 HIS A NE2  1 
ATOM 1041 H H    . HIS A 1 66 ? -2.236  -4.688  4.458   1.00 0.00 ? 66 HIS A H    1 
ATOM 1042 H HA   . HIS A 1 66 ? -0.613  -2.191  4.233   1.00 0.00 ? 66 HIS A HA   1 
ATOM 1043 H HB2  . HIS A 1 66 ? -0.098  -5.136  4.453   1.00 0.00 ? 66 HIS A HB2  1 
ATOM 1044 H HB3  . HIS A 1 66 ? 1.111   -4.127  3.662   1.00 0.00 ? 66 HIS A HB3  1 
ATOM 1045 H HD1  . HIS A 1 66 ? 0.996   -1.599  5.359   1.00 0.00 ? 66 HIS A HD1  1 
ATOM 1046 H HD2  . HIS A 1 66 ? 0.963   -5.432  6.990   1.00 0.00 ? 66 HIS A HD2  1 
ATOM 1047 H HE1  . HIS A 1 66 ? 1.824   -1.373  7.743   1.00 0.00 ? 66 HIS A HE1  1 
ATOM 1048 N N    . LEU A 1 67 ? -0.921  -2.088  1.730   1.00 0.00 ? 67 LEU A N    1 
ATOM 1049 C CA   . LEU A 1 67 ? -1.006  -2.081  0.244   1.00 0.00 ? 67 LEU A CA   1 
ATOM 1050 C C    . LEU A 1 67 ? 0.363   -1.857  -0.376  1.00 0.00 ? 67 LEU A C    1 
ATOM 1051 O O    . LEU A 1 67 ? 1.291   -1.411  0.270   1.00 0.00 ? 67 LEU A O    1 
ATOM 1052 C CB   . LEU A 1 67 ? -1.953  -0.944  -0.133  1.00 0.00 ? 67 LEU A CB   1 
ATOM 1053 C CG   . LEU A 1 67 ? -1.675  0.310   0.702   1.00 0.00 ? 67 LEU A CG   1 
ATOM 1054 C CD1  . LEU A 1 67 ? -1.842  1.555   -0.174  1.00 0.00 ? 67 LEU A CD1  1 
ATOM 1055 C CD2  . LEU A 1 67 ? -2.666  0.373   1.870   1.00 0.00 ? 67 LEU A CD2  1 
ATOM 1056 H H    . LEU A 1 67 ? -0.896  -1.247  2.227   1.00 0.00 ? 67 LEU A H    1 
ATOM 1057 H HA   . LEU A 1 67 ? -1.413  -3.015  -0.101  1.00 0.00 ? 67 LEU A HA   1 
ATOM 1058 H HB2  . LEU A 1 67 ? -1.824  -0.710  -1.175  1.00 0.00 ? 67 LEU A HB2  1 
ATOM 1059 H HB3  . LEU A 1 67 ? -2.959  -1.269  0.034   1.00 0.00 ? 67 LEU A HB3  1 
ATOM 1060 H HG   . LEU A 1 67 ? -0.665  0.273   1.083   1.00 0.00 ? 67 LEU A HG   1 
ATOM 1061 H HD11 . LEU A 1 67 ? -0.889  1.819   -0.609  1.00 0.00 ? 67 LEU A HD11 1 
ATOM 1062 H HD12 . LEU A 1 67 ? -2.202  2.374   0.428   1.00 0.00 ? 67 LEU A HD12 1 
ATOM 1063 H HD13 . LEU A 1 67 ? -2.551  1.347   -0.962  1.00 0.00 ? 67 LEU A HD13 1 
ATOM 1064 H HD21 . LEU A 1 67 ? -3.446  -0.359  1.724   1.00 0.00 ? 67 LEU A HD21 1 
ATOM 1065 H HD22 . LEU A 1 67 ? -3.103  1.359   1.923   1.00 0.00 ? 67 LEU A HD22 1 
ATOM 1066 H HD23 . LEU A 1 67 ? -2.145  0.160   2.792   1.00 0.00 ? 67 LEU A HD23 1 
ATOM 1067 N N    . LYS A 1 68 ? 0.491   -2.175  -1.630  1.00 0.00 ? 68 LYS A N    1 
ATOM 1068 C CA   . LYS A 1 68 ? 1.790   -2.001  -2.317  1.00 0.00 ? 68 LYS A CA   1 
ATOM 1069 C C    . LYS A 1 68 ? 1.594   -1.202  -3.601  1.00 0.00 ? 68 LYS A C    1 
ATOM 1070 O O    . LYS A 1 68 ? 1.437   -1.767  -4.671  1.00 0.00 ? 68 LYS A O    1 
ATOM 1071 C CB   . LYS A 1 68 ? 2.242   -3.420  -2.636  1.00 0.00 ? 68 LYS A CB   1 
ATOM 1072 C CG   . LYS A 1 68 ? 3.747   -3.551  -2.395  1.00 0.00 ? 68 LYS A CG   1 
ATOM 1073 C CD   . LYS A 1 68 ? 3.996   -4.200  -1.029  1.00 0.00 ? 68 LYS A CD   1 
ATOM 1074 C CE   . LYS A 1 68 ? 4.653   -5.570  -1.222  1.00 0.00 ? 68 LYS A CE   1 
ATOM 1075 N NZ   . LYS A 1 68 ? 6.112   -5.287  -1.313  1.00 0.00 ? 68 LYS A NZ   1 
ATOM 1076 H H    . LYS A 1 68 ? -0.278  -2.540  -2.124  1.00 0.00 ? 68 LYS A H    1 
ATOM 1077 H HA   . LYS A 1 68 ? 2.505   -1.518  -1.670  1.00 0.00 ? 68 LYS A HA   1 
ATOM 1078 H HB2  . LYS A 1 68 ? 1.709   -4.114  -1.993  1.00 0.00 ? 68 LYS A HB2  1 
ATOM 1079 H HB3  . LYS A 1 68 ? 2.022   -3.637  -3.675  1.00 0.00 ? 68 LYS A HB3  1 
ATOM 1080 H HG2  . LYS A 1 68 ? 4.182   -4.163  -3.172  1.00 0.00 ? 68 LYS A HG2  1 
ATOM 1081 H HG3  . LYS A 1 68 ? 4.198   -2.573  -2.414  1.00 0.00 ? 68 LYS A HG3  1 
ATOM 1082 H HD2  . LYS A 1 68 ? 4.649   -3.568  -0.444  1.00 0.00 ? 68 LYS A HD2  1 
ATOM 1083 H HD3  . LYS A 1 68 ? 3.058   -4.325  -0.510  1.00 0.00 ? 68 LYS A HD3  1 
ATOM 1084 H HE2  . LYS A 1 68 ? 4.443   -6.210  -0.376  1.00 0.00 ? 68 LYS A HE2  1 
ATOM 1085 H HE3  . LYS A 1 68 ? 4.307   -6.027  -2.136  1.00 0.00 ? 68 LYS A HE3  1 
ATOM 1086 H HZ1  . LYS A 1 68 ? 6.445   -4.884  -0.415  1.00 0.00 ? 68 LYS A HZ1  1 
ATOM 1087 H HZ2  . LYS A 1 68 ? 6.286   -4.609  -2.084  1.00 0.00 ? 68 LYS A HZ2  1 
ATOM 1088 H HZ3  . LYS A 1 68 ? 6.626   -6.170  -1.506  1.00 0.00 ? 68 LYS A HZ3  1 
ATOM 1089 N N    . VAL A 1 69 ? 1.611   0.105   -3.496  1.00 0.00 ? 69 VAL A N    1 
ATOM 1090 C CA   . VAL A 1 69 ? 1.441   0.970   -4.697  1.00 0.00 ? 69 VAL A CA   1 
ATOM 1091 C C    . VAL A 1 69 ? 2.773   1.033   -5.434  1.00 0.00 ? 69 VAL A C    1 
ATOM 1092 O O    . VAL A 1 69 ? 3.787   1.298   -4.841  1.00 0.00 ? 69 VAL A O    1 
ATOM 1093 C CB   . VAL A 1 69 ? 1.067   2.352   -4.151  1.00 0.00 ? 69 VAL A CB   1 
ATOM 1094 C CG1  . VAL A 1 69 ? 0.693   3.275   -5.312  1.00 0.00 ? 69 VAL A CG1  1 
ATOM 1095 C CG2  . VAL A 1 69 ? -0.121  2.229   -3.189  1.00 0.00 ? 69 VAL A CG2  1 
ATOM 1096 H H    . VAL A 1 69 ? 1.747   0.518   -2.619  1.00 0.00 ? 69 VAL A H    1 
ATOM 1097 H HA   . VAL A 1 69 ? 0.662   0.591   -5.338  1.00 0.00 ? 69 VAL A HA   1 
ATOM 1098 H HB   . VAL A 1 69 ? 1.916   2.767   -3.625  1.00 0.00 ? 69 VAL A HB   1 
ATOM 1099 H HG11 . VAL A 1 69 ? 0.273   2.690   -6.117  1.00 0.00 ? 69 VAL A HG11 1 
ATOM 1100 H HG12 . VAL A 1 69 ? 1.577   3.787   -5.664  1.00 0.00 ? 69 VAL A HG12 1 
ATOM 1101 H HG13 . VAL A 1 69 ? -0.033  4.000   -4.976  1.00 0.00 ? 69 VAL A HG13 1 
ATOM 1102 H HG21 . VAL A 1 69 ? -0.938  2.839   -3.542  1.00 0.00 ? 69 VAL A HG21 1 
ATOM 1103 H HG22 . VAL A 1 69 ? 0.177   2.563   -2.206  1.00 0.00 ? 69 VAL A HG22 1 
ATOM 1104 H HG23 . VAL A 1 69 ? -0.438  1.198   -3.136  1.00 0.00 ? 69 VAL A HG23 1 
ATOM 1105 N N    . PHE A 1 70 ? 2.789   0.741   -6.699  1.00 0.00 ? 70 PHE A N    1 
ATOM 1106 C CA   . PHE A 1 70 ? 4.074   0.733   -7.444  1.00 0.00 ? 70 PHE A CA   1 
ATOM 1107 C C    . PHE A 1 70 ? 4.049   1.672   -8.645  1.00 0.00 ? 70 PHE A C    1 
ATOM 1108 O O    . PHE A 1 70 ? 3.124   1.679   -9.427  1.00 0.00 ? 70 PHE A O    1 
ATOM 1109 C CB   . PHE A 1 70 ? 4.163   -0.729  -7.877  1.00 0.00 ? 70 PHE A CB   1 
ATOM 1110 C CG   . PHE A 1 70 ? 5.006   -0.893  -9.126  1.00 0.00 ? 70 PHE A CG   1 
ATOM 1111 C CD1  . PHE A 1 70 ? 6.183   -0.150  -9.288  1.00 0.00 ? 70 PHE A CD1  1 
ATOM 1112 C CD2  . PHE A 1 70 ? 4.608   -1.795  -10.121 1.00 0.00 ? 70 PHE A CD2  1 
ATOM 1113 C CE1  . PHE A 1 70 ? 6.957   -0.308  -10.442 1.00 0.00 ? 70 PHE A CE1  1 
ATOM 1114 C CE2  . PHE A 1 70 ? 5.383   -1.951  -11.274 1.00 0.00 ? 70 PHE A CE2  1 
ATOM 1115 C CZ   . PHE A 1 70 ? 6.558   -1.207  -11.436 1.00 0.00 ? 70 PHE A CZ   1 
ATOM 1116 H H    . PHE A 1 70 ? 1.970   0.478   -7.153  1.00 0.00 ? 70 PHE A H    1 
ATOM 1117 H HA   . PHE A 1 70 ? 4.902   0.983   -6.800  1.00 0.00 ? 70 PHE A HA   1 
ATOM 1118 H HB2  . PHE A 1 70 ? 4.588   -1.294  -7.083  1.00 0.00 ? 70 PHE A HB2  1 
ATOM 1119 H HB3  . PHE A 1 70 ? 3.166   -1.099  -8.060  1.00 0.00 ? 70 PHE A HB3  1 
ATOM 1120 H HD1  . PHE A 1 70 ? 6.489   0.547   -8.524  1.00 0.00 ? 70 PHE A HD1  1 
ATOM 1121 H HD2  . PHE A 1 70 ? 3.701   -2.368  -9.998  1.00 0.00 ? 70 PHE A HD2  1 
ATOM 1122 H HE1  . PHE A 1 70 ? 7.864   0.266   -10.564 1.00 0.00 ? 70 PHE A HE1  1 
ATOM 1123 H HE2  . PHE A 1 70 ? 5.075   -2.646  -12.042 1.00 0.00 ? 70 PHE A HE2  1 
ATOM 1124 H HZ   . PHE A 1 70 ? 7.157   -1.327  -12.327 1.00 0.00 ? 70 PHE A HZ   1 
ATOM 1125 N N    . LYS A 1 71 ? 5.089   2.443   -8.811  1.00 0.00 ? 71 LYS A N    1 
ATOM 1126 C CA   . LYS A 1 71 ? 5.148   3.361   -9.987  1.00 0.00 ? 71 LYS A CA   1 
ATOM 1127 C C    . LYS A 1 71 ? 6.347   2.986   -10.852 1.00 0.00 ? 71 LYS A C    1 
ATOM 1128 O O    . LYS A 1 71 ? 7.378   2.604   -10.343 1.00 0.00 ? 71 LYS A O    1 
ATOM 1129 C CB   . LYS A 1 71 ? 5.321   4.764   -9.410  1.00 0.00 ? 71 LYS A CB   1 
ATOM 1130 C CG   . LYS A 1 71 ? 4.585   5.778   -10.292 1.00 0.00 ? 71 LYS A CG   1 
ATOM 1131 C CD   . LYS A 1 71 ? 5.456   7.022   -10.491 1.00 0.00 ? 71 LYS A CD   1 
ATOM 1132 C CE   . LYS A 1 71 ? 4.785   8.231   -9.833  1.00 0.00 ? 71 LYS A CE   1 
ATOM 1133 N NZ   . LYS A 1 71 ? 5.774   9.337   -9.964  1.00 0.00 ? 71 LYS A NZ   1 
ATOM 1134 H H    . LYS A 1 71 ? 5.852   2.402   -8.163  1.00 0.00 ? 71 LYS A H    1 
ATOM 1135 H HA   . LYS A 1 71 ? 4.236   3.301   -10.558 1.00 0.00 ? 71 LYS A HA   1 
ATOM 1136 H HB2  . LYS A 1 71 ? 4.917   4.794   -8.408  1.00 0.00 ? 71 LYS A HB2  1 
ATOM 1137 H HB3  . LYS A 1 71 ? 6.372   5.009   -9.385  1.00 0.00 ? 71 LYS A HB3  1 
ATOM 1138 H HG2  . LYS A 1 71 ? 4.373   5.331   -11.253 1.00 0.00 ? 71 LYS A HG2  1 
ATOM 1139 H HG3  . LYS A 1 71 ? 3.658   6.060   -9.816  1.00 0.00 ? 71 LYS A HG3  1 
ATOM 1140 H HD2  . LYS A 1 71 ? 6.426   6.861   -10.043 1.00 0.00 ? 71 LYS A HD2  1 
ATOM 1141 H HD3  . LYS A 1 71 ? 5.577   7.212   -11.547 1.00 0.00 ? 71 LYS A HD3  1 
ATOM 1142 H HE2  . LYS A 1 71 ? 3.869   8.478   -10.350 1.00 0.00 ? 71 LYS A HE2  1 
ATOM 1143 H HE3  . LYS A 1 71 ? 4.589   8.032   -8.791  1.00 0.00 ? 71 LYS A HE3  1 
ATOM 1144 H HZ1  . LYS A 1 71 ? 5.962   9.517   -10.971 1.00 0.00 ? 71 LYS A HZ1  1 
ATOM 1145 H HZ2  . LYS A 1 71 ? 6.660   9.068   -9.488  1.00 0.00 ? 71 LYS A HZ2  1 
ATOM 1146 H HZ3  . LYS A 1 71 ? 5.392   10.198  -9.525  1.00 0.00 ? 71 LYS A HZ3  1 
ATOM 1147 N N    . SER A 1 72 ? 6.228   3.067   -12.152 1.00 0.00 ? 72 SER A N    1 
ATOM 1148 C CA   . SER A 1 72 ? 7.387   2.686   -13.011 1.00 0.00 ? 72 SER A CA   1 
ATOM 1149 C C    . SER A 1 72 ? 8.094   3.919   -13.598 1.00 0.00 ? 72 SER A C    1 
ATOM 1150 O O    . SER A 1 72 ? 8.626   4.737   -12.874 1.00 0.00 ? 72 SER A O    1 
ATOM 1151 C CB   . SER A 1 72 ? 6.806   1.801   -14.115 1.00 0.00 ? 72 SER A CB   1 
ATOM 1152 O OG   . SER A 1 72 ? 7.818   1.493   -15.061 1.00 0.00 ? 72 SER A OG   1 
ATOM 1153 H H    . SER A 1 72 ? 5.381   3.359   -12.556 1.00 0.00 ? 72 SER A H    1 
ATOM 1154 H HA   . SER A 1 72 ? 8.090   2.111   -12.431 1.00 0.00 ? 72 SER A HA   1 
ATOM 1155 H HB2  . SER A 1 72 ? 6.448   0.888   -13.687 1.00 0.00 ? 72 SER A HB2  1 
ATOM 1156 H HB3  . SER A 1 72 ? 5.994   2.317   -14.602 1.00 0.00 ? 72 SER A HB3  1 
ATOM 1157 H HG   . SER A 1 72 ? 7.767   0.554   -15.257 1.00 0.00 ? 72 SER A HG   1 
ATOM 1158 N N    . LEU A 1 73 ? 8.130   4.016   -14.911 1.00 0.00 ? 73 LEU A N    1 
ATOM 1159 C CA   . LEU A 1 73 ? 8.830   5.131   -15.632 1.00 0.00 ? 73 LEU A CA   1 
ATOM 1160 C C    . LEU A 1 73 ? 9.401   4.534   -16.927 1.00 0.00 ? 73 LEU A C    1 
ATOM 1161 O O    . LEU A 1 73 ? 9.177   5.053   -18.003 1.00 0.00 ? 73 LEU A O    1 
ATOM 1162 C CB   . LEU A 1 73 ? 9.957   5.647   -14.715 1.00 0.00 ? 73 LEU A CB   1 
ATOM 1163 C CG   . LEU A 1 73 ? 11.023  6.376   -15.543 1.00 0.00 ? 73 LEU A CG   1 
ATOM 1164 C CD1  . LEU A 1 73 ? 11.497  7.619   -14.787 1.00 0.00 ? 73 LEU A CD1  1 
ATOM 1165 C CD2  . LEU A 1 73 ? 12.213  5.443   -15.779 1.00 0.00 ? 73 LEU A CD2  1 
ATOM 1166 H H    . LEU A 1 73 ? 7.705   3.316   -15.449 1.00 0.00 ? 73 LEU A H    1 
ATOM 1167 H HA   . LEU A 1 73 ? 8.139   5.920   -15.857 1.00 0.00 ? 73 LEU A HA   1 
ATOM 1168 H HB2  . LEU A 1 73 ? 9.539   6.333   -13.992 1.00 0.00 ? 73 LEU A HB2  1 
ATOM 1169 H HB3  . LEU A 1 73 ? 10.410  4.818   -14.197 1.00 0.00 ? 73 LEU A HB3  1 
ATOM 1170 H HG   . LEU A 1 73 ? 10.599  6.672   -16.492 1.00 0.00 ? 73 LEU A HG   1 
ATOM 1171 H HD11 . LEU A 1 73 ? 11.863  8.351   -15.493 1.00 0.00 ? 73 LEU A HD11 1 
ATOM 1172 H HD12 . LEU A 1 73 ? 12.290  7.347   -14.108 1.00 0.00 ? 73 LEU A HD12 1 
ATOM 1173 H HD13 . LEU A 1 73 ? 10.673  8.037   -14.229 1.00 0.00 ? 73 LEU A HD13 1 
ATOM 1174 H HD21 . LEU A 1 73 ? 13.091  6.030   -16.007 1.00 0.00 ? 73 LEU A HD21 1 
ATOM 1175 H HD22 . LEU A 1 73 ? 11.995  4.785   -16.609 1.00 0.00 ? 73 LEU A HD22 1 
ATOM 1176 H HD23 . LEU A 1 73 ? 12.392  4.855   -14.891 1.00 0.00 ? 73 LEU A HD23 1 
ATOM 1177 N N    . PRO A 1 74 ? 10.099  3.426   -16.775 1.00 0.00 ? 74 PRO A N    1 
ATOM 1178 C CA   . PRO A 1 74 ? 10.676  2.713   -17.944 1.00 0.00 ? 74 PRO A CA   1 
ATOM 1179 C C    . PRO A 1 74 ? 9.557   2.020   -18.728 1.00 0.00 ? 74 PRO A C    1 
ATOM 1180 O O    . PRO A 1 74 ? 9.747   1.555   -19.835 1.00 0.00 ? 74 PRO A O    1 
ATOM 1181 C CB   . PRO A 1 74 ? 11.599  1.679   -17.306 1.00 0.00 ? 74 PRO A CB   1 
ATOM 1182 C CG   . PRO A 1 74 ? 11.041  1.448   -15.946 1.00 0.00 ? 74 PRO A CG   1 
ATOM 1183 C CD   . PRO A 1 74 ? 10.419  2.743   -15.513 1.00 0.00 ? 74 PRO A CD   1 
ATOM 1184 H HA   . PRO A 1 74 ? 11.237  3.385   -18.572 1.00 0.00 ? 74 PRO A HA   1 
ATOM 1185 H HB2  . PRO A 1 74 ? 11.597  0.764   -17.880 1.00 0.00 ? 74 PRO A HB2  1 
ATOM 1186 H HB3  . PRO A 1 74 ? 12.589  2.071   -17.222 1.00 0.00 ? 74 PRO A HB3  1 
ATOM 1187 H HG2  . PRO A 1 74 ? 10.293  0.668   -15.981 1.00 0.00 ? 74 PRO A HG2  1 
ATOM 1188 H HG3  . PRO A 1 74 ? 11.829  1.177   -15.262 1.00 0.00 ? 74 PRO A HG3  1 
ATOM 1189 H HD2  . PRO A 1 74 ? 9.530   2.550   -14.941 1.00 0.00 ? 74 PRO A HD2  1 
ATOM 1190 H HD3  . PRO A 1 74 ? 11.115  3.333   -14.943 1.00 0.00 ? 74 PRO A HD3  1 
ATOM 1191 N N    . GLY A 1 75 ? 8.390   1.968   -18.152 1.00 0.00 ? 75 GLY A N    1 
ATOM 1192 C CA   . GLY A 1 75 ? 7.223   1.337   -18.816 1.00 0.00 ? 75 GLY A CA   1 
ATOM 1193 C C    . GLY A 1 75 ? 6.017   2.068   -18.268 1.00 0.00 ? 75 GLY A C    1 
ATOM 1194 O O    . GLY A 1 75 ? 5.076   1.484   -17.782 1.00 0.00 ? 75 GLY A O    1 
ATOM 1195 H H    . GLY A 1 75 ? 8.265   2.371   -17.263 1.00 0.00 ? 75 GLY A H    1 
ATOM 1196 H HA2  . GLY A 1 75 ? 7.290   1.464   -19.889 1.00 0.00 ? 75 GLY A HA2  1 
ATOM 1197 H HA3  . GLY A 1 75 ? 7.165   0.292   -18.561 1.00 0.00 ? 75 GLY A HA3  1 
ATOM 1198 N N    . GLN A 1 76 ? 6.093   3.367   -18.312 1.00 0.00 ? 76 GLN A N    1 
ATOM 1199 C CA   . GLN A 1 76 ? 5.025   4.246   -17.771 1.00 0.00 ? 76 GLN A CA   1 
ATOM 1200 C C    . GLN A 1 76 ? 3.659   3.584   -17.826 1.00 0.00 ? 76 GLN A C    1 
ATOM 1201 O O    . GLN A 1 76 ? 2.869   3.661   -16.907 1.00 0.00 ? 76 GLN A O    1 
ATOM 1202 C CB   . GLN A 1 76 ? 5.013   5.469   -18.687 1.00 0.00 ? 76 GLN A CB   1 
ATOM 1203 C CG   . GLN A 1 76 ? 5.507   5.112   -20.097 1.00 0.00 ? 76 GLN A CG   1 
ATOM 1204 C CD   . GLN A 1 76 ? 4.859   6.051   -21.116 1.00 0.00 ? 76 GLN A CD   1 
ATOM 1205 O OE1  . GLN A 1 76 ? 4.187   5.607   -22.027 1.00 0.00 ? 76 GLN A OE1  1 
ATOM 1206 N NE2  . GLN A 1 76 ? 5.032   7.339   -21.002 1.00 0.00 ? 76 GLN A NE2  1 
ATOM 1207 H H    . GLN A 1 76 ? 6.891   3.778   -18.688 1.00 0.00 ? 76 GLN A H    1 
ATOM 1208 H HA   . GLN A 1 76 ? 5.278   4.538   -16.764 1.00 0.00 ? 76 GLN A HA   1 
ATOM 1209 H HB2  . GLN A 1 76 ? 4.008   5.844   -18.756 1.00 0.00 ? 76 GLN A HB2  1 
ATOM 1210 H HB3  . GLN A 1 76 ? 5.645   6.217   -18.274 1.00 0.00 ? 76 GLN A HB3  1 
ATOM 1211 H HG2  . GLN A 1 76 ? 6.581   5.222   -20.140 1.00 0.00 ? 76 GLN A HG2  1 
ATOM 1212 H HG3  . GLN A 1 76 ? 5.242   4.094   -20.330 1.00 0.00 ? 76 GLN A HG3  1 
ATOM 1213 H HE21 . GLN A 1 76 ? 5.573   7.697   -20.268 1.00 0.00 ? 76 GLN A HE21 1 
ATOM 1214 H HE22 . GLN A 1 76 ? 4.621   7.949   -21.650 1.00 0.00 ? 76 GLN A HE22 1 
ATOM 1215 N N    . ASN A 1 77 ? 3.396   2.960   -18.929 1.00 0.00 ? 77 ASN A N    1 
ATOM 1216 C CA   . ASN A 1 77 ? 2.085   2.269   -19.155 1.00 0.00 ? 77 ASN A CA   1 
ATOM 1217 C C    . ASN A 1 77 ? 1.502   1.786   -17.831 1.00 0.00 ? 77 ASN A C    1 
ATOM 1218 O O    . ASN A 1 77 ? 0.339   1.982   -17.536 1.00 0.00 ? 77 ASN A O    1 
ATOM 1219 C CB   . ASN A 1 77 ? 2.406   1.095   -20.087 1.00 0.00 ? 77 ASN A CB   1 
ATOM 1220 C CG   . ASN A 1 77 ? 3.222   0.013   -19.370 1.00 0.00 ? 77 ASN A CG   1 
ATOM 1221 O OD1  . ASN A 1 77 ? 4.429   -0.039  -19.499 1.00 0.00 ? 77 ASN A OD1  1 
ATOM 1222 N ND2  . ASN A 1 77 ? 2.608   -0.867  -18.627 1.00 0.00 ? 77 ASN A ND2  1 
ATOM 1223 H H    . ASN A 1 77 ? 4.076   2.961   -19.625 1.00 0.00 ? 77 ASN A H    1 
ATOM 1224 H HA   . ASN A 1 77 ? 1.393   2.939   -19.640 1.00 0.00 ? 77 ASN A HA   1 
ATOM 1225 H HB2  . ASN A 1 77 ? 1.489   0.665   -20.437 1.00 0.00 ? 77 ASN A HB2  1 
ATOM 1226 H HB3  . ASN A 1 77 ? 2.973   1.460   -20.923 1.00 0.00 ? 77 ASN A HB3  1 
ATOM 1227 H HD21 . ASN A 1 77 ? 1.633   -0.834  -18.532 1.00 0.00 ? 77 ASN A HD21 1 
ATOM 1228 H HD22 . ASN A 1 77 ? 3.121   -1.562  -18.165 1.00 0.00 ? 77 ASN A HD22 1 
ATOM 1229 N N    . GLU A 1 78 ? 2.320   1.184   -17.028 1.00 0.00 ? 78 GLU A N    1 
ATOM 1230 C CA   . GLU A 1 78 ? 1.838   0.709   -15.698 1.00 0.00 ? 78 GLU A CA   1 
ATOM 1231 C C    . GLU A 1 78 ? 1.553   1.907   -14.799 1.00 0.00 ? 78 GLU A C    1 
ATOM 1232 O O    . GLU A 1 78 ? 0.414   2.253   -14.560 1.00 0.00 ? 78 GLU A O    1 
ATOM 1233 C CB   . GLU A 1 78 ? 2.943   -0.165  -15.072 1.00 0.00 ? 78 GLU A CB   1 
ATOM 1234 C CG   . GLU A 1 78 ? 4.310   0.068   -15.720 1.00 0.00 ? 78 GLU A CG   1 
ATOM 1235 C CD   . GLU A 1 78 ? 5.364   -0.776  -15.001 1.00 0.00 ? 78 GLU A CD   1 
ATOM 1236 O OE1  . GLU A 1 78 ? 5.217   -0.981  -13.809 1.00 0.00 ? 78 GLU A OE1  1 
ATOM 1237 O OE2  . GLU A 1 78 ? 6.298   -1.204  -15.657 1.00 0.00 ? 78 GLU A OE2  1 
ATOM 1238 H H    . GLU A 1 78 ? 3.249   1.064   -17.299 1.00 0.00 ? 78 GLU A H    1 
ATOM 1239 H HA   . GLU A 1 78 ? 0.940   0.124   -15.822 1.00 0.00 ? 78 GLU A HA   1 
ATOM 1240 H HB2  . GLU A 1 78 ? 3.014   0.060   -14.018 1.00 0.00 ? 78 GLU A HB2  1 
ATOM 1241 H HB3  . GLU A 1 78 ? 2.672   -1.190  -15.187 1.00 0.00 ? 78 GLU A HB3  1 
ATOM 1242 H HG2  . GLU A 1 78 ? 4.269   -0.226  -16.758 1.00 0.00 ? 78 GLU A HG2  1 
ATOM 1243 H HG3  . GLU A 1 78 ? 4.574   1.112   -15.647 1.00 0.00 ? 78 GLU A HG3  1 
ATOM 1244 N N    . ASP A 1 79 ? 2.582   2.549   -14.309 1.00 0.00 ? 79 ASP A N    1 
ATOM 1245 C CA   . ASP A 1 79 ? 2.402   3.723   -13.430 1.00 0.00 ? 79 ASP A CA   1 
ATOM 1246 C C    . ASP A 1 79 ? 1.506   3.366   -12.240 1.00 0.00 ? 79 ASP A C    1 
ATOM 1247 O O    . ASP A 1 79 ? 0.482   2.735   -12.387 1.00 0.00 ? 79 ASP A O    1 
ATOM 1248 C CB   . ASP A 1 79 ? 1.757   4.759   -14.330 1.00 0.00 ? 79 ASP A CB   1 
ATOM 1249 C CG   . ASP A 1 79 ? 2.805   5.777   -14.785 1.00 0.00 ? 79 ASP A CG   1 
ATOM 1250 O OD1  . ASP A 1 79 ? 3.853   5.353   -15.242 1.00 0.00 ? 79 ASP A OD1  1 
ATOM 1251 O OD2  . ASP A 1 79 ? 2.540   6.962   -14.669 1.00 0.00 ? 79 ASP A OD2  1 
ATOM 1252 H H    . ASP A 1 79 ? 3.471   2.265   -14.528 1.00 0.00 ? 79 ASP A H    1 
ATOM 1253 H HA   . ASP A 1 79 ? 3.358   4.081   -13.084 1.00 0.00 ? 79 ASP A HA   1 
ATOM 1254 H HB2  . ASP A 1 79 ? 1.336   4.267   -15.193 1.00 0.00 ? 79 ASP A HB2  1 
ATOM 1255 H HB3  . ASP A 1 79 ? 0.989   5.249   -13.790 1.00 0.00 ? 79 ASP A HB3  1 
ATOM 1256 N N    . LEU A 1 80 ? 1.901   3.767   -11.059 1.00 0.00 ? 80 LEU A N    1 
ATOM 1257 C CA   . LEU A 1 80 ? 1.115   3.468   -9.829  1.00 0.00 ? 80 LEU A CA   1 
ATOM 1258 C C    . LEU A 1 80 ? 0.337   2.142   -9.947  1.00 0.00 ? 80 LEU A C    1 
ATOM 1259 O O    . LEU A 1 80 ? -0.838  2.067   -9.642  1.00 0.00 ? 80 LEU A O    1 
ATOM 1260 C CB   . LEU A 1 80 ? 0.193   4.679   -9.663  1.00 0.00 ? 80 LEU A CB   1 
ATOM 1261 C CG   . LEU A 1 80 ? -1.050  4.564   -10.560 1.00 0.00 ? 80 LEU A CG   1 
ATOM 1262 C CD1  . LEU A 1 80 ? -2.295  4.384   -9.690  1.00 0.00 ? 80 LEU A CD1  1 
ATOM 1263 C CD2  . LEU A 1 80 ? -1.197  5.840   -11.394 1.00 0.00 ? 80 LEU A CD2  1 
ATOM 1264 H H    . LEU A 1 80 ? 2.725   4.275   -10.975 1.00 0.00 ? 80 LEU A H    1 
ATOM 1265 H HA   . LEU A 1 80 ? 1.785   3.417   -8.985  1.00 0.00 ? 80 LEU A HA   1 
ATOM 1266 H HB2  . LEU A 1 80 ? -0.108  4.739   -8.637  1.00 0.00 ? 80 LEU A HB2  1 
ATOM 1267 H HB3  . LEU A 1 80 ? 0.738   5.574   -9.923  1.00 0.00 ? 80 LEU A HB3  1 
ATOM 1268 H HG   . LEU A 1 80 ? -0.948  3.714   -11.216 1.00 0.00 ? 80 LEU A HG   1 
ATOM 1269 H HD11 . LEU A 1 80 ? -2.033  3.842   -8.794  1.00 0.00 ? 80 LEU A HD11 1 
ATOM 1270 H HD12 . LEU A 1 80 ? -3.042  3.830   -10.241 1.00 0.00 ? 80 LEU A HD12 1 
ATOM 1271 H HD13 . LEU A 1 80 ? -2.690  5.352   -9.423  1.00 0.00 ? 80 LEU A HD13 1 
ATOM 1272 H HD21 . LEU A 1 80 ? -0.406  5.882   -12.129 1.00 0.00 ? 80 LEU A HD21 1 
ATOM 1273 H HD22 . LEU A 1 80 ? -1.132  6.702   -10.746 1.00 0.00 ? 80 LEU A HD22 1 
ATOM 1274 H HD23 . LEU A 1 80 ? -2.154  5.835   -11.893 1.00 0.00 ? 80 LEU A HD23 1 
ATOM 1275 N N    . VAL A 1 81 ? 0.997   1.097   -10.372 1.00 0.00 ? 81 VAL A N    1 
ATOM 1276 C CA   . VAL A 1 81 ? 0.316   -0.224  -10.499 1.00 0.00 ? 81 VAL A CA   1 
ATOM 1277 C C    . VAL A 1 81 ? 0.449   -0.997  -9.187  1.00 0.00 ? 81 VAL A C    1 
ATOM 1278 O O    . VAL A 1 81 ? 1.320   -1.830  -9.029  1.00 0.00 ? 81 VAL A O    1 
ATOM 1279 C CB   . VAL A 1 81 ? 1.038   -0.947  -11.650 1.00 0.00 ? 81 VAL A CB   1 
ATOM 1280 C CG1  . VAL A 1 81 ? 0.766   -2.455  -11.584 1.00 0.00 ? 81 VAL A CG1  1 
ATOM 1281 C CG2  . VAL A 1 81 ? 0.509   -0.407  -12.977 1.00 0.00 ? 81 VAL A CG2  1 
ATOM 1282 H H    . VAL A 1 81 ? 1.947   1.181   -10.596 1.00 0.00 ? 81 VAL A H    1 
ATOM 1283 H HA   . VAL A 1 81 ? -0.725  -0.085  -10.748 1.00 0.00 ? 81 VAL A HA   1 
ATOM 1284 H HB   . VAL A 1 81 ? 2.106   -0.770  -11.584 1.00 0.00 ? 81 VAL A HB   1 
ATOM 1285 H HG11 . VAL A 1 81 ? 1.622   -2.954  -11.155 1.00 0.00 ? 81 VAL A HG11 1 
ATOM 1286 H HG12 . VAL A 1 81 ? 0.592   -2.834  -12.581 1.00 0.00 ? 81 VAL A HG12 1 
ATOM 1287 H HG13 . VAL A 1 81 ? -0.104  -2.639  -10.972 1.00 0.00 ? 81 VAL A HG13 1 
ATOM 1288 H HG21 . VAL A 1 81 ? 1.030   -0.882  -13.793 1.00 0.00 ? 81 VAL A HG21 1 
ATOM 1289 H HG22 . VAL A 1 81 ? 0.668   0.657   -13.017 1.00 0.00 ? 81 VAL A HG22 1 
ATOM 1290 H HG23 . VAL A 1 81 ? -0.548  -0.616  -13.054 1.00 0.00 ? 81 VAL A HG23 1 
ATOM 1291 N N    . LEU A 1 82 ? -0.412  -0.727  -8.246  1.00 0.00 ? 82 LEU A N    1 
ATOM 1292 C CA   . LEU A 1 82 ? -0.342  -1.446  -6.945  1.00 0.00 ? 82 LEU A CA   1 
ATOM 1293 C C    . LEU A 1 82 ? -0.531  -2.943  -7.181  1.00 0.00 ? 82 LEU A C    1 
ATOM 1294 O O    . LEU A 1 82 ? -1.635  -3.448  -7.201  1.00 0.00 ? 82 LEU A O    1 
ATOM 1295 C CB   . LEU A 1 82 ? -1.483  -0.857  -6.114  1.00 0.00 ? 82 LEU A CB   1 
ATOM 1296 C CG   . LEU A 1 82 ? -1.744  -1.707  -4.863  1.00 0.00 ? 82 LEU A CG   1 
ATOM 1297 C CD1  . LEU A 1 82 ? -1.783  -0.803  -3.630  1.00 0.00 ? 82 LEU A CD1  1 
ATOM 1298 C CD2  . LEU A 1 82 ? -3.093  -2.421  -5.006  1.00 0.00 ? 82 LEU A CD2  1 
ATOM 1299 H H    . LEU A 1 82 ? -1.107  -0.053  -8.398  1.00 0.00 ? 82 LEU A H    1 
ATOM 1300 H HA   . LEU A 1 82 ? 0.603   -1.256  -6.465  1.00 0.00 ? 82 LEU A HA   1 
ATOM 1301 H HB2  . LEU A 1 82 ? -1.211  0.142   -5.816  1.00 0.00 ? 82 LEU A HB2  1 
ATOM 1302 H HB3  . LEU A 1 82 ? -2.379  -0.818  -6.715  1.00 0.00 ? 82 LEU A HB3  1 
ATOM 1303 H HG   . LEU A 1 82 ? -0.957  -2.438  -4.744  1.00 0.00 ? 82 LEU A HG   1 
ATOM 1304 H HD11 . LEU A 1 82 ? -2.567  -1.133  -2.964  1.00 0.00 ? 82 LEU A HD11 1 
ATOM 1305 H HD12 . LEU A 1 82 ? -1.975  0.215   -3.935  1.00 0.00 ? 82 LEU A HD12 1 
ATOM 1306 H HD13 . LEU A 1 82 ? -0.834  -0.853  -3.117  1.00 0.00 ? 82 LEU A HD13 1 
ATOM 1307 H HD21 . LEU A 1 82 ? -3.537  -2.552  -4.031  1.00 0.00 ? 82 LEU A HD21 1 
ATOM 1308 H HD22 . LEU A 1 82 ? -2.944  -3.386  -5.466  1.00 0.00 ? 82 LEU A HD22 1 
ATOM 1309 H HD23 . LEU A 1 82 ? -3.750  -1.827  -5.623  1.00 0.00 ? 82 LEU A HD23 1 
ATOM 1310 N N    . THR A 1 83 ? 0.546   -3.651  -7.378  1.00 0.00 ? 83 THR A N    1 
ATOM 1311 C CA   . THR A 1 83 ? 0.440   -5.112  -7.631  1.00 0.00 ? 83 THR A CA   1 
ATOM 1312 C C    . THR A 1 83 ? 0.574   -5.904  -6.331  1.00 0.00 ? 83 THR A C    1 
ATOM 1313 O O    . THR A 1 83 ? 0.565   -7.120  -6.346  1.00 0.00 ? 83 THR A O    1 
ATOM 1314 C CB   . THR A 1 83 ? 1.595   -5.434  -8.572  1.00 0.00 ? 83 THR A CB   1 
ATOM 1315 O OG1  . THR A 1 83 ? 1.509   -4.611  -9.724  1.00 0.00 ? 83 THR A OG1  1 
ATOM 1316 C CG2  . THR A 1 83 ? 1.527   -6.905  -8.984  1.00 0.00 ? 83 THR A CG2  1 
ATOM 1317 H H    . THR A 1 83 ? 1.425   -3.219  -7.370  1.00 0.00 ? 83 THR A H    1 
ATOM 1318 H HA   . THR A 1 83 ? -0.491  -5.341  -8.114  1.00 0.00 ? 83 THR A HA   1 
ATOM 1319 H HB   . THR A 1 83 ? 2.525   -5.250  -8.066  1.00 0.00 ? 83 THR A HB   1 
ATOM 1320 H HG1  . THR A 1 83 ? 2.161   -4.919  -10.358 1.00 0.00 ? 83 THR A HG1  1 
ATOM 1321 H HG21 . THR A 1 83 ? 1.898   -7.013  -9.994  1.00 0.00 ? 83 THR A HG21 1 
ATOM 1322 H HG22 . THR A 1 83 ? 0.503   -7.245  -8.939  1.00 0.00 ? 83 THR A HG22 1 
ATOM 1323 H HG23 . THR A 1 83 ? 2.133   -7.496  -8.313  1.00 0.00 ? 83 THR A HG23 1 
ATOM 1324 N N    . GLY A 1 84 ? 0.695   -5.246  -5.204  1.00 0.00 ? 84 GLY A N    1 
ATOM 1325 C CA   . GLY A 1 84 ? 0.824   -6.017  -3.937  1.00 0.00 ? 84 GLY A CA   1 
ATOM 1326 C C    . GLY A 1 84 ? -0.023  -5.360  -2.860  1.00 0.00 ? 84 GLY A C    1 
ATOM 1327 O O    . GLY A 1 84 ? -0.283  -4.177  -2.910  1.00 0.00 ? 84 GLY A O    1 
ATOM 1328 H H    . GLY A 1 84 ? 0.701   -4.257  -5.185  1.00 0.00 ? 84 GLY A H    1 
ATOM 1329 H HA2  . GLY A 1 84 ? 0.483   -7.031  -4.098  1.00 0.00 ? 84 GLY A HA2  1 
ATOM 1330 H HA3  . GLY A 1 84 ? 1.855   -6.029  -3.623  1.00 0.00 ? 84 GLY A HA3  1 
ATOM 1331 N N    . TYR A 1 85 ? -0.446  -6.113  -1.877  1.00 0.00 ? 85 TYR A N    1 
ATOM 1332 C CA   . TYR A 1 85 ? -1.264  -5.519  -0.777  1.00 0.00 ? 85 TYR A CA   1 
ATOM 1333 C C    . TYR A 1 85 ? -1.860  -6.612  0.116   1.00 0.00 ? 85 TYR A C    1 
ATOM 1334 O O    . TYR A 1 85 ? -1.711  -7.792  -0.130  1.00 0.00 ? 85 TYR A O    1 
ATOM 1335 C CB   . TYR A 1 85 ? -2.414  -4.746  -1.442  1.00 0.00 ? 85 TYR A CB   1 
ATOM 1336 C CG   . TYR A 1 85 ? -3.053  -5.604  -2.509  1.00 0.00 ? 85 TYR A CG   1 
ATOM 1337 C CD1  . TYR A 1 85 ? -3.897  -6.659  -2.143  1.00 0.00 ? 85 TYR A CD1  1 
ATOM 1338 C CD2  . TYR A 1 85 ? -2.800  -5.346  -3.861  1.00 0.00 ? 85 TYR A CD2  1 
ATOM 1339 C CE1  . TYR A 1 85 ? -4.488  -7.456  -3.129  1.00 0.00 ? 85 TYR A CE1  1 
ATOM 1340 C CE2  . TYR A 1 85 ? -3.392  -6.145  -4.848  1.00 0.00 ? 85 TYR A CE2  1 
ATOM 1341 C CZ   . TYR A 1 85 ? -4.235  -7.200  -4.483  1.00 0.00 ? 85 TYR A CZ   1 
ATOM 1342 O OH   . TYR A 1 85 ? -4.818  -7.987  -5.455  1.00 0.00 ? 85 TYR A OH   1 
ATOM 1343 H H    . TYR A 1 85 ? -0.213  -7.065  -1.856  1.00 0.00 ? 85 TYR A H    1 
ATOM 1344 H HA   . TYR A 1 85 ? -0.650  -4.843  -0.200  1.00 0.00 ? 85 TYR A HA   1 
ATOM 1345 H HB2  . TYR A 1 85 ? -3.152  -4.502  -0.694  1.00 0.00 ? 85 TYR A HB2  1 
ATOM 1346 H HB3  . TYR A 1 85 ? -2.043  -3.835  -1.881  1.00 0.00 ? 85 TYR A HB3  1 
ATOM 1347 H HD1  . TYR A 1 85 ? -4.091  -6.858  -1.100  1.00 0.00 ? 85 TYR A HD1  1 
ATOM 1348 H HD2  . TYR A 1 85 ? -2.148  -4.534  -4.141  1.00 0.00 ? 85 TYR A HD2  1 
ATOM 1349 H HE1  . TYR A 1 85 ? -5.136  -8.271  -2.846  1.00 0.00 ? 85 TYR A HE1  1 
ATOM 1350 H HE2  . TYR A 1 85 ? -3.196  -5.945  -5.891  1.00 0.00 ? 85 TYR A HE2  1 
ATOM 1351 H HH   . TYR A 1 85 ? -4.116  -8.404  -5.959  1.00 0.00 ? 85 TYR A HH   1 
ATOM 1352 N N    . GLN A 1 86 ? -2.560  -6.206  1.141   1.00 0.00 ? 86 GLN A N    1 
ATOM 1353 C CA   . GLN A 1 86 ? -3.214  -7.172  2.065   1.00 0.00 ? 86 GLN A CA   1 
ATOM 1354 C C    . GLN A 1 86 ? -4.322  -6.450  2.834   1.00 0.00 ? 86 GLN A C    1 
ATOM 1355 O O    . GLN A 1 86 ? -4.238  -5.262  3.078   1.00 0.00 ? 86 GLN A O    1 
ATOM 1356 C CB   . GLN A 1 86 ? -2.110  -7.639  3.007   1.00 0.00 ? 86 GLN A CB   1 
ATOM 1357 C CG   . GLN A 1 86 ? -1.629  -9.031  2.581   1.00 0.00 ? 86 GLN A CG   1 
ATOM 1358 C CD   . GLN A 1 86 ? -1.490  -9.928  3.814   1.00 0.00 ? 86 GLN A CD   1 
ATOM 1359 O OE1  . GLN A 1 86 ? -1.771  -11.108 3.754   1.00 0.00 ? 86 GLN A OE1  1 
ATOM 1360 N NE2  . GLN A 1 86 ? -1.065  -9.416  4.937   1.00 0.00 ? 86 GLN A NE2  1 
ATOM 1361 H H    . GLN A 1 86 ? -2.670  -5.249  1.298   1.00 0.00 ? 86 GLN A H    1 
ATOM 1362 H HA   . GLN A 1 86 ? -3.616  -8.008  1.515   1.00 0.00 ? 86 GLN A HA   1 
ATOM 1363 H HB2  . GLN A 1 86 ? -1.285  -6.943  2.965   1.00 0.00 ? 86 GLN A HB2  1 
ATOM 1364 H HB3  . GLN A 1 86 ? -2.494  -7.678  4.010   1.00 0.00 ? 86 GLN A HB3  1 
ATOM 1365 H HG2  . GLN A 1 86 ? -2.345  -9.466  1.899   1.00 0.00 ? 86 GLN A HG2  1 
ATOM 1366 H HG3  . GLN A 1 86 ? -0.673  -8.947  2.090   1.00 0.00 ? 86 GLN A HG3  1 
ATOM 1367 H HE21 . GLN A 1 86 ? -0.837  -8.464  4.987   1.00 0.00 ? 86 GLN A HE21 1 
ATOM 1368 H HE22 . GLN A 1 86 ? -0.972  -9.984  5.731   1.00 0.00 ? 86 GLN A HE22 1 
ATOM 1369 N N    . VAL A 1 87 ? -5.369  -7.141  3.205   1.00 0.00 ? 87 VAL A N    1 
ATOM 1370 C CA   . VAL A 1 87 ? -6.477  -6.456  3.937   1.00 0.00 ? 87 VAL A CA   1 
ATOM 1371 C C    . VAL A 1 87 ? -7.068  -7.347  5.033   1.00 0.00 ? 87 VAL A C    1 
ATOM 1372 O O    . VAL A 1 87 ? -6.728  -8.505  5.164   1.00 0.00 ? 87 VAL A O    1 
ATOM 1373 C CB   . VAL A 1 87 ? -7.532  -6.164  2.868   1.00 0.00 ? 87 VAL A CB   1 
ATOM 1374 C CG1  . VAL A 1 87 ? -6.956  -5.198  1.830   1.00 0.00 ? 87 VAL A CG1  1 
ATOM 1375 C CG2  . VAL A 1 87 ? -7.943  -7.471  2.178   1.00 0.00 ? 87 VAL A CG2  1 
ATOM 1376 H H    . VAL A 1 87 ? -5.433  -8.095  2.991   1.00 0.00 ? 87 VAL A H    1 
ATOM 1377 H HA   . VAL A 1 87 ? -6.126  -5.530  4.361   1.00 0.00 ? 87 VAL A HA   1 
ATOM 1378 H HB   . VAL A 1 87 ? -8.397  -5.714  3.334   1.00 0.00 ? 87 VAL A HB   1 
ATOM 1379 H HG11 . VAL A 1 87 ? -7.744  -4.566  1.452   1.00 0.00 ? 87 VAL A HG11 1 
ATOM 1380 H HG12 . VAL A 1 87 ? -6.522  -5.760  1.017   1.00 0.00 ? 87 VAL A HG12 1 
ATOM 1381 H HG13 . VAL A 1 87 ? -6.195  -4.587  2.292   1.00 0.00 ? 87 VAL A HG13 1 
ATOM 1382 H HG21 . VAL A 1 87 ? -7.662  -7.435  1.136   1.00 0.00 ? 87 VAL A HG21 1 
ATOM 1383 H HG22 . VAL A 1 87 ? -9.013  -7.599  2.257   1.00 0.00 ? 87 VAL A HG22 1 
ATOM 1384 H HG23 . VAL A 1 87 ? -7.447  -8.303  2.656   1.00 0.00 ? 87 VAL A HG23 1 
ATOM 1385 N N    . ASP A 1 88 ? -7.967  -6.792  5.808   1.00 0.00 ? 88 ASP A N    1 
ATOM 1386 C CA   . ASP A 1 88 ? -8.639  -7.546  6.916   1.00 0.00 ? 88 ASP A CA   1 
ATOM 1387 C C    . ASP A 1 88 ? -7.674  -8.472  7.675   1.00 0.00 ? 88 ASP A C    1 
ATOM 1388 O O    . ASP A 1 88 ? -7.790  -9.679  7.622   1.00 0.00 ? 88 ASP A O    1 
ATOM 1389 C CB   . ASP A 1 88 ? -9.767  -8.348  6.246   1.00 0.00 ? 88 ASP A CB   1 
ATOM 1390 C CG   . ASP A 1 88 ? -9.192  -9.408  5.301   1.00 0.00 ? 88 ASP A CG   1 
ATOM 1391 O OD1  . ASP A 1 88 ? -8.937  -9.077  4.155   1.00 0.00 ? 88 ASP A OD1  1 
ATOM 1392 O OD2  . ASP A 1 88 ? -9.026  -10.536 5.737   1.00 0.00 ? 88 ASP A OD2  1 
ATOM 1393 H H    . ASP A 1 88 ? -8.214  -5.855  5.653   1.00 0.00 ? 88 ASP A H    1 
ATOM 1394 H HA   . ASP A 1 88 ? -9.076  -6.844  7.609   1.00 0.00 ? 88 ASP A HA   1 
ATOM 1395 H HB2  . ASP A 1 88 ? -10.358 -8.834  7.009   1.00 0.00 ? 88 ASP A HB2  1 
ATOM 1396 H HB3  . ASP A 1 88 ? -10.396 -7.674  5.684   1.00 0.00 ? 88 ASP A HB3  1 
ATOM 1397 N N    . LYS A 1 89 ? -6.749  -7.914  8.417   1.00 0.00 ? 89 LYS A N    1 
ATOM 1398 C CA   . LYS A 1 89 ? -5.816  -8.773  9.212   1.00 0.00 ? 89 LYS A CA   1 
ATOM 1399 C C    . LYS A 1 89 ? -5.491  -8.109  10.544  1.00 0.00 ? 89 LYS A C    1 
ATOM 1400 O O    . LYS A 1 89 ? -5.553  -6.903  10.690  1.00 0.00 ? 89 LYS A O    1 
ATOM 1401 C CB   . LYS A 1 89 ? -4.518  -8.925  8.408   1.00 0.00 ? 89 LYS A CB   1 
ATOM 1402 C CG   . LYS A 1 89 ? -4.821  -9.073  6.916   1.00 0.00 ? 89 LYS A CG   1 
ATOM 1403 C CD   . LYS A 1 89 ? -3.633  -9.739  6.214   1.00 0.00 ? 89 LYS A CD   1 
ATOM 1404 C CE   . LYS A 1 89 ? -3.973  -11.198 5.904   1.00 0.00 ? 89 LYS A CE   1 
ATOM 1405 N NZ   . LYS A 1 89 ? -4.762  -11.146 4.640   1.00 0.00 ? 89 LYS A NZ   1 
ATOM 1406 H H    . LYS A 1 89 ? -6.688  -6.937  8.475   1.00 0.00 ? 89 LYS A H    1 
ATOM 1407 H HA   . LYS A 1 89 ? -6.255  -9.743  9.379   1.00 0.00 ? 89 LYS A HA   1 
ATOM 1408 H HB2  . LYS A 1 89 ? -3.891  -8.061  8.569   1.00 0.00 ? 89 LYS A HB2  1 
ATOM 1409 H HB3  . LYS A 1 89 ? -3.995  -9.801  8.757   1.00 0.00 ? 89 LYS A HB3  1 
ATOM 1410 H HG2  . LYS A 1 89 ? -5.704  -9.682  6.787   1.00 0.00 ? 89 LYS A HG2  1 
ATOM 1411 H HG3  . LYS A 1 89 ? -4.989  -8.098  6.485   1.00 0.00 ? 89 LYS A HG3  1 
ATOM 1412 H HD2  . LYS A 1 89 ? -3.418  -9.214  5.295   1.00 0.00 ? 89 LYS A HD2  1 
ATOM 1413 H HD3  . LYS A 1 89 ? -2.767  -9.704  6.860   1.00 0.00 ? 89 LYS A HD3  1 
ATOM 1414 H HE2  . LYS A 1 89 ? -3.069  -11.773 5.763   1.00 0.00 ? 89 LYS A HE2  1 
ATOM 1415 H HE3  . LYS A 1 89 ? -4.571  -11.622 6.695   1.00 0.00 ? 89 LYS A HE3  1 
ATOM 1416 H HZ1  . LYS A 1 89 ? -5.663  -10.659 4.813   1.00 0.00 ? 89 LYS A HZ1  1 
ATOM 1417 H HZ2  . LYS A 1 89 ? -4.948  -12.116 4.309   1.00 0.00 ? 89 LYS A HZ2  1 
ATOM 1418 H HZ3  . LYS A 1 89 ? -4.223  -10.629 3.917   1.00 0.00 ? 89 LYS A HZ3  1 
ATOM 1419 N N    . ASN A 1 90 ? -5.114  -8.895  11.504  1.00 0.00 ? 90 ASN A N    1 
ATOM 1420 C CA   . ASN A 1 90 ? -4.740  -8.349  12.833  1.00 0.00 ? 90 ASN A CA   1 
ATOM 1421 C C    . ASN A 1 90 ? -3.609  -9.197  13.397  1.00 0.00 ? 90 ASN A C    1 
ATOM 1422 O O    . ASN A 1 90 ? -3.450  -9.338  14.594  1.00 0.00 ? 90 ASN A O    1 
ATOM 1423 C CB   . ASN A 1 90 ? -6.000  -8.467  13.692  1.00 0.00 ? 90 ASN A CB   1 
ATOM 1424 C CG   . ASN A 1 90 ? -5.965  -7.411  14.799  1.00 0.00 ? 90 ASN A CG   1 
ATOM 1425 O OD1  . ASN A 1 90 ? -5.704  -6.253  14.541  1.00 0.00 ? 90 ASN A OD1  1 
ATOM 1426 N ND2  . ASN A 1 90 ? -6.217  -7.765  16.030  1.00 0.00 ? 90 ASN A ND2  1 
ATOM 1427 H H    . ASN A 1 90 ? -5.054  -9.861  11.343  1.00 0.00 ? 90 ASN A H    1 
ATOM 1428 H HA   . ASN A 1 90 ? -4.435  -7.320  12.745  1.00 0.00 ? 90 ASN A HA   1 
ATOM 1429 H HB2  . ASN A 1 90 ? -6.873  -8.313  13.074  1.00 0.00 ? 90 ASN A HB2  1 
ATOM 1430 H HB3  . ASN A 1 90 ? -6.041  -9.450  14.137  1.00 0.00 ? 90 ASN A HB3  1 
ATOM 1431 H HD21 . ASN A 1 90 ? -6.426  -8.699  16.238  1.00 0.00 ? 90 ASN A HD21 1 
ATOM 1432 H HD22 . ASN A 1 90 ? -6.196  -7.096  16.745  1.00 0.00 ? 90 ASN A HD22 1 
ATOM 1433 N N    . LYS A 1 91 ? -2.831  -9.782  12.525  1.00 0.00 ? 91 LYS A N    1 
ATOM 1434 C CA   . LYS A 1 91 ? -1.714  -10.650 12.981  1.00 0.00 ? 91 LYS A CA   1 
ATOM 1435 C C    . LYS A 1 91 ? -0.528  -10.566 12.016  1.00 0.00 ? 91 LYS A C    1 
ATOM 1436 O O    . LYS A 1 91 ? 0.615   -10.652 12.423  1.00 0.00 ? 91 LYS A O    1 
ATOM 1437 C CB   . LYS A 1 91 ? -2.303  -12.052 12.955  1.00 0.00 ? 91 LYS A CB   1 
ATOM 1438 C CG   . LYS A 1 91 ? -1.634  -12.914 14.027  1.00 0.00 ? 91 LYS A CG   1 
ATOM 1439 C CD   . LYS A 1 91 ? -2.320  -14.279 14.087  1.00 0.00 ? 91 LYS A CD   1 
ATOM 1440 C CE   . LYS A 1 91 ? -3.628  -14.160 14.872  1.00 0.00 ? 91 LYS A CE   1 
ATOM 1441 N NZ   . LYS A 1 91 ? -3.683  -15.388 15.712  1.00 0.00 ? 91 LYS A NZ   1 
ATOM 1442 H H    . LYS A 1 91 ? -2.997  -9.661  11.567  1.00 0.00 ? 91 LYS A H    1 
ATOM 1443 H HA   . LYS A 1 91 ? -1.412  -10.393 13.982  1.00 0.00 ? 91 LYS A HA   1 
ATOM 1444 H HB2  . LYS A 1 91 ? -3.364  -11.996 13.143  1.00 0.00 ? 91 LYS A HB2  1 
ATOM 1445 H HB3  . LYS A 1 91 ? -2.136  -12.490 11.984  1.00 0.00 ? 91 LYS A HB3  1 
ATOM 1446 H HG2  . LYS A 1 91 ? -0.589  -13.045 13.782  1.00 0.00 ? 91 LYS A HG2  1 
ATOM 1447 H HG3  . LYS A 1 91 ? -1.720  -12.427 14.986  1.00 0.00 ? 91 LYS A HG3  1 
ATOM 1448 H HD2  . LYS A 1 91 ? -2.531  -14.619 13.083  1.00 0.00 ? 91 LYS A HD2  1 
ATOM 1449 H HD3  . LYS A 1 91 ? -1.671  -14.988 14.577  1.00 0.00 ? 91 LYS A HD3  1 
ATOM 1450 H HE2  . LYS A 1 91 ? -3.612  -13.276 15.494  1.00 0.00 ? 91 LYS A HE2  1 
ATOM 1451 H HE3  . LYS A 1 91 ? -4.470  -14.134 14.199  1.00 0.00 ? 91 LYS A HE3  1 
ATOM 1452 H HZ1  . LYS A 1 91 ? -3.587  -16.228 15.107  1.00 0.00 ? 91 LYS A HZ1  1 
ATOM 1453 H HZ2  . LYS A 1 91 ? -4.596  -15.424 16.213  1.00 0.00 ? 91 LYS A HZ2  1 
ATOM 1454 H HZ3  . LYS A 1 91 ? -2.907  -15.371 16.404  1.00 0.00 ? 91 LYS A HZ3  1 
ATOM 1455 N N    . ASP A 1 92 ? -0.783  -10.413 10.742  1.00 0.00 ? 92 ASP A N    1 
ATOM 1456 C CA   . ASP A 1 92 ? 0.350   -10.343 9.770   1.00 0.00 ? 92 ASP A CA   1 
ATOM 1457 C C    . ASP A 1 92 ? 0.302   -9.051  8.970   1.00 0.00 ? 92 ASP A C    1 
ATOM 1458 O O    . ASP A 1 92 ? 0.787   -8.978  7.860   1.00 0.00 ? 92 ASP A O    1 
ATOM 1459 C CB   . ASP A 1 92 ? 0.170   -11.552 8.856   1.00 0.00 ? 92 ASP A CB   1 
ATOM 1460 C CG   . ASP A 1 92 ? 1.523   -11.954 8.266   1.00 0.00 ? 92 ASP A CG   1 
ATOM 1461 O OD1  . ASP A 1 92 ? 2.515   -11.824 8.965   1.00 0.00 ? 92 ASP A OD1  1 
ATOM 1462 O OD2  . ASP A 1 92 ? 1.545   -12.383 7.125   1.00 0.00 ? 92 ASP A OD2  1 
ATOM 1463 H H    . ASP A 1 92 ? -1.714  -10.351 10.424  1.00 0.00 ? 92 ASP A H    1 
ATOM 1464 H HA   . ASP A 1 92 ? 1.286   -10.413 10.287  1.00 0.00 ? 92 ASP A HA   1 
ATOM 1465 H HB2  . ASP A 1 92 ? -0.237  -12.376 9.424   1.00 0.00 ? 92 ASP A HB2  1 
ATOM 1466 H HB3  . ASP A 1 92 ? -0.505  -11.295 8.059   1.00 0.00 ? 92 ASP A HB3  1 
ATOM 1467 N N    . ASP A 1 93 ? -0.259  -8.028  9.534   1.00 0.00 ? 93 ASP A N    1 
ATOM 1468 C CA   . ASP A 1 93 ? -0.319  -6.729  8.818   1.00 0.00 ? 93 ASP A CA   1 
ATOM 1469 C C    . ASP A 1 93 ? 0.685   -5.759  9.437   1.00 0.00 ? 93 ASP A C    1 
ATOM 1470 O O    . ASP A 1 93 ? 0.347   -4.644  9.787   1.00 0.00 ? 93 ASP A O    1 
ATOM 1471 C CB   . ASP A 1 93 ? -1.747  -6.227  9.008   1.00 0.00 ? 93 ASP A CB   1 
ATOM 1472 C CG   . ASP A 1 93 ? -2.228  -5.576  7.711   1.00 0.00 ? 93 ASP A CG   1 
ATOM 1473 O OD1  . ASP A 1 93 ? -2.007  -4.388  7.549   1.00 0.00 ? 93 ASP A OD1  1 
ATOM 1474 O OD2  . ASP A 1 93 ? -2.808  -6.278  6.899   1.00 0.00 ? 93 ASP A OD2  1 
ATOM 1475 H H    . ASP A 1 93 ? -0.626  -8.109  10.437  1.00 0.00 ? 93 ASP A H    1 
ATOM 1476 H HA   . ASP A 1 93 ? -0.111  -6.868  7.769   1.00 0.00 ? 93 ASP A HA   1 
ATOM 1477 H HB2  . ASP A 1 93 ? -2.390  -7.058  9.258   1.00 0.00 ? 93 ASP A HB2  1 
ATOM 1478 H HB3  . ASP A 1 93 ? -1.771  -5.499  9.805   1.00 0.00 ? 93 ASP A HB3  1 
ATOM 1479 N N    . GLU A 1 94 ? 1.916   -6.174  9.586   1.00 0.00 ? 94 GLU A N    1 
ATOM 1480 C CA   . GLU A 1 94 ? 2.929   -5.269  10.191  1.00 0.00 ? 94 GLU A CA   1 
ATOM 1481 C C    . GLU A 1 94 ? 3.875   -4.723  9.135   1.00 0.00 ? 94 GLU A C    1 
ATOM 1482 O O    . GLU A 1 94 ? 4.593   -5.458  8.486   1.00 0.00 ? 94 GLU A O    1 
ATOM 1483 C CB   . GLU A 1 94 ? 3.717   -6.117  11.188  1.00 0.00 ? 94 GLU A CB   1 
ATOM 1484 C CG   . GLU A 1 94 ? 4.269   -7.374  10.501  1.00 0.00 ? 94 GLU A CG   1 
ATOM 1485 C CD   . GLU A 1 94 ? 5.781   -7.460  10.726  1.00 0.00 ? 94 GLU A CD   1 
ATOM 1486 O OE1  . GLU A 1 94 ? 6.473   -6.540  10.324  1.00 0.00 ? 94 GLU A OE1  1 
ATOM 1487 O OE2  . GLU A 1 94 ? 6.219   -8.445  11.298  1.00 0.00 ? 94 GLU A OE2  1 
ATOM 1488 H H    . GLU A 1 94 ? 2.171   -7.077  9.303   1.00 0.00 ? 94 GLU A H    1 
ATOM 1489 H HA   . GLU A 1 94 ? 2.442   -4.460  10.710  1.00 0.00 ? 94 GLU A HA   1 
ATOM 1490 H HB2  . GLU A 1 94 ? 4.536   -5.531  11.577  1.00 0.00 ? 94 GLU A HB2  1 
ATOM 1491 H HB3  . GLU A 1 94 ? 3.074   -6.405  11.993  1.00 0.00 ? 94 GLU A HB3  1 
ATOM 1492 H HG2  . GLU A 1 94 ? 3.792   -8.249  10.920  1.00 0.00 ? 94 GLU A HG2  1 
ATOM 1493 H HG3  . GLU A 1 94 ? 4.068   -7.328  9.443   1.00 0.00 ? 94 GLU A HG3  1 
ATOM 1494 N N    . LEU A 1 95 ? 3.918   -3.431  8.997   1.00 0.00 ? 95 LEU A N    1 
ATOM 1495 C CA   . LEU A 1 95 ? 4.860   -2.818  8.028   1.00 0.00 ? 95 LEU A CA   1 
ATOM 1496 C C    . LEU A 1 95 ? 4.734   -3.464  6.630   1.00 0.00 ? 95 LEU A C    1 
ATOM 1497 O O    . LEU A 1 95 ? 3.705   -3.365  5.993   1.00 0.00 ? 95 LEU A O    1 
ATOM 1498 C CB   . LEU A 1 95 ? 6.206   -3.097  8.692   1.00 0.00 ? 95 LEU A CB   1 
ATOM 1499 C CG   . LEU A 1 95 ? 7.375   -2.375  7.988   1.00 0.00 ? 95 LEU A CG   1 
ATOM 1500 C CD1  . LEU A 1 95 ? 6.889   -1.443  6.872   1.00 0.00 ? 95 LEU A CD1  1 
ATOM 1501 C CD2  . LEU A 1 95 ? 8.132   -1.537  9.018   1.00 0.00 ? 95 LEU A CD2  1 
ATOM 1502 H H    . LEU A 1 95 ? 3.362   -2.863  9.559   1.00 0.00 ? 95 LEU A H    1 
ATOM 1503 H HA   . LEU A 1 95 ? 4.699   -1.759  7.972   1.00 0.00 ? 95 LEU A HA   1 
ATOM 1504 H HB2  . LEU A 1 95 ? 6.158   -2.764  9.719   1.00 0.00 ? 95 LEU A HB2  1 
ATOM 1505 H HB3  . LEU A 1 95 ? 6.372   -4.165  8.683   1.00 0.00 ? 95 LEU A HB3  1 
ATOM 1506 H HG   . LEU A 1 95 ? 8.041   -3.111  7.571   1.00 0.00 ? 95 LEU A HG   1 
ATOM 1507 H HD11 . LEU A 1 95 ? 6.114   -0.797  7.253   1.00 0.00 ? 95 LEU A HD11 1 
ATOM 1508 H HD12 . LEU A 1 95 ? 6.505   -2.024  6.052   1.00 0.00 ? 95 LEU A HD12 1 
ATOM 1509 H HD13 . LEU A 1 95 ? 7.717   -0.844  6.526   1.00 0.00 ? 95 LEU A HD13 1 
ATOM 1510 H HD21 . LEU A 1 95 ? 8.820   -0.879  8.509   1.00 0.00 ? 95 LEU A HD21 1 
ATOM 1511 H HD22 . LEU A 1 95 ? 8.678   -2.188  9.683   1.00 0.00 ? 95 LEU A HD22 1 
ATOM 1512 H HD23 . LEU A 1 95 ? 7.426   -0.948  9.587   1.00 0.00 ? 95 LEU A HD23 1 
ATOM 1513 N N    . THR A 1 96 ? 5.772   -4.103  6.138   1.00 0.00 ? 96 THR A N    1 
ATOM 1514 C CA   . THR A 1 96 ? 5.697   -4.720  4.777   1.00 0.00 ? 96 THR A CA   1 
ATOM 1515 C C    . THR A 1 96 ? 5.892   -6.229  4.851   1.00 0.00 ? 96 THR A C    1 
ATOM 1516 O O    . THR A 1 96 ? 5.515   -6.953  3.952   1.00 0.00 ? 96 THR A O    1 
ATOM 1517 C CB   . THR A 1 96 ? 6.835   -4.079  3.993   1.00 0.00 ? 96 THR A CB   1 
ATOM 1518 O OG1  . THR A 1 96 ? 6.664   -2.669  3.976   1.00 0.00 ? 96 THR A OG1  1 
ATOM 1519 C CG2  . THR A 1 96 ? 6.842   -4.612  2.558   1.00 0.00 ? 96 THR A CG2  1 
ATOM 1520 H H    . THR A 1 96 ? 6.601   -4.166  6.652   1.00 0.00 ? 96 THR A H    1 
ATOM 1521 H HA   . THR A 1 96 ? 4.759   -4.494  4.313   1.00 0.00 ? 96 THR A HA   1 
ATOM 1522 H HB   . THR A 1 96 ? 7.766   -4.325  4.469   1.00 0.00 ? 96 THR A HB   1 
ATOM 1523 H HG1  . THR A 1 96 ? 7.466   -2.268  4.318   1.00 0.00 ? 96 THR A HG1  1 
ATOM 1524 H HG21 . THR A 1 96 ? 7.300   -3.883  1.907   1.00 0.00 ? 96 THR A HG21 1 
ATOM 1525 H HG22 . THR A 1 96 ? 5.827   -4.795  2.238   1.00 0.00 ? 96 THR A HG22 1 
ATOM 1526 H HG23 . THR A 1 96 ? 7.404   -5.533  2.520   1.00 0.00 ? 96 THR A HG23 1 
ATOM 1527 N N    . GLY A 1 97 ? 6.463   -6.714  5.914   1.00 0.00 ? 97 GLY A N    1 
ATOM 1528 C CA   . GLY A 1 97 ? 6.662   -8.185  6.041   1.00 0.00 ? 97 GLY A CA   1 
ATOM 1529 C C    . GLY A 1 97 ? 5.299   -8.886  6.136   1.00 0.00 ? 97 GLY A C    1 
ATOM 1530 O O    . GLY A 1 97 ? 5.216   -10.039 6.512   1.00 0.00 ? 97 GLY A O    1 
ATOM 1531 H H    . GLY A 1 97 ? 6.756   -6.115  6.631   1.00 0.00 ? 97 GLY A H    1 
ATOM 1532 H HA2  . GLY A 1 97 ? 7.196   -8.550  5.174   1.00 0.00 ? 97 GLY A HA2  1 
ATOM 1533 H HA3  . GLY A 1 97 ? 7.234   -8.395  6.931   1.00 0.00 ? 97 GLY A HA3  1 
ATOM 1534 N N    . PHE A 1 98 ? 4.227   -8.204  5.801   1.00 0.00 ? 98 PHE A N    1 
ATOM 1535 C CA   . PHE A 1 98 ? 2.883   -8.845  5.880   1.00 0.00 ? 98 PHE A CA   1 
ATOM 1536 C C    . PHE A 1 98 ? 2.732   -9.906  4.785   1.00 0.00 ? 98 PHE A C    1 
ATOM 1537 O O    . PHE A 1 98 ? 3.638   -10.027 3.976   1.00 0.00 ? 98 PHE A O    1 
ATOM 1538 C CB   . PHE A 1 98 ? 1.885   -7.695  5.683   1.00 0.00 ? 98 PHE A CB   1 
ATOM 1539 C CG   . PHE A 1 98 ? 1.933   -7.192  4.255   1.00 0.00 ? 98 PHE A CG   1 
ATOM 1540 C CD1  . PHE A 1 98 ? 1.225   -7.862  3.253   1.00 0.00 ? 98 PHE A CD1  1 
ATOM 1541 C CD2  . PHE A 1 98 ? 2.673   -6.046  3.939   1.00 0.00 ? 98 PHE A CD2  1 
ATOM 1542 C CE1  . PHE A 1 98 ? 1.253   -7.390  1.935   1.00 0.00 ? 98 PHE A CE1  1 
ATOM 1543 C CE2  . PHE A 1 98 ? 2.706   -5.574  2.620   1.00 0.00 ? 98 PHE A CE2  1 
ATOM 1544 C CZ   . PHE A 1 98 ? 1.994   -6.246  1.618   1.00 0.00 ? 98 PHE A CZ   1 
ATOM 1545 O OXT  . PHE A 1 98 ? 1.714   -10.578 4.774   1.00 0.00 ? 98 PHE A OXT  1 
ATOM 1546 H H    . PHE A 1 98 ? 4.303   -7.273  5.500   1.00 0.00 ? 98 PHE A H    1 
ATOM 1547 H HA   . PHE A 1 98 ? 2.739   -9.290  6.852   1.00 0.00 ? 98 PHE A HA   1 
ATOM 1548 H HB2  . PHE A 1 98 ? 0.887   -8.045  5.902   1.00 0.00 ? 98 PHE A HB2  1 
ATOM 1549 H HB3  . PHE A 1 98 ? 2.136   -6.887  6.354   1.00 0.00 ? 98 PHE A HB3  1 
ATOM 1550 H HD1  . PHE A 1 98 ? 0.655   -8.746  3.497   1.00 0.00 ? 98 PHE A HD1  1 
ATOM 1551 H HD2  . PHE A 1 98 ? 3.221   -5.529  4.712   1.00 0.00 ? 98 PHE A HD2  1 
ATOM 1552 H HE1  . PHE A 1 98 ? 0.707   -7.909  1.163   1.00 0.00 ? 98 PHE A HE1  1 
ATOM 1553 H HE2  . PHE A 1 98 ? 3.278   -4.692  2.376   1.00 0.00 ? 98 PHE A HE2  1 
ATOM 1554 H HZ   . PHE A 1 98 ? 2.012   -5.879  0.601   1.00 0.00 ? 98 PHE A HZ   1 
# 
